data_1L5S
#
_entry.id   1L5S
#
_cell.length_a   124.030
_cell.length_b   124.030
_cell.length_c   123.300
_cell.angle_alpha   90.00
_cell.angle_beta   90.00
_cell.angle_gamma   120.00
#
_symmetry.space_group_name_H-M   'P 31'
#
loop_
_entity.id
_entity.type
_entity.pdbx_description
1 polymer 'Glycogen phosphorylase, liver form'
2 non-polymer N-acetyl-beta-D-glucopyranosylamine
3 non-polymer "PYRIDOXAL-5'-PHOSPHATE"
4 non-polymer '[5-CHLORO-1H-INDOL-2-CARBONYL-PHENYLALANINYL]-AZETIDINE-3-CARBOXYLIC ACID'
5 non-polymer 'URIC ACID'
6 non-polymer (4R)-2-METHYLPENTANE-2,4-DIOL
7 water water
#
_entity_poly.entity_id   1
_entity_poly.type   'polypeptide(L)'
_entity_poly.pdbx_seq_one_letter_code
;MAKPLTDQEKRRQISIRGIVGVENVAELKKSFNRHLHFTLVKDRNVATTRDYYFALAHTVRDHLVGRWIRTQQHYYDKCP
KRVYYLSLEFYMGRTLQNTMINLGLQNACDEAIYQLGLDIEELEEIEEDAGLGNGGLGRLAACFLDSMATLGLAAYGYGI
RYEYGIFNQKIRDGWQVEEADDWLRYGNPWEKSRPEFMLPVHFYGKVEHTNTGTKWIDTQVVLALPYDTPVPGYMNNTVN
TMRLWSARAPNDFNLRDFNVGDYIQAVLDRNLAENISRVLYPNDNFFEGKELRLKQEYFVVAATLQDIIRRFKASKFGST
RGAGTVFDAFPDQVAIQLNDTHPALAIPELMRIFVDIEKLPWSKAWELTQKTFAYTNHTVLPEALERWPVDLVEKLLPRH
LEIIYEINQKHLDRIVALFPKDVDRLRRMSLIEEEGSKRINMAHLCIVGSHAVNGVAKIHSDIVKTKVFKDFSELEPDKF
QNKTNGITPRRWLLLCNPGLAELIAEKIGEDYVKDLSQLTKLHSFLGDDVFLRELAKVKQENKLKFSQFLETEYKVKINP
SSMFDVQVKRIHEYKRQLLNCLHVITMYNRIKKDPKKLFVPRTVIIGGKAAPGYHMAKMIIKLITSVADVVNNDPMVGSK
LKVIFLENYRVSLAEKVIPATDLSEQISTAGTEASGTGNMKFMLNGALTIGTMDGANVEMAEEAGEENLFIFGMRIDDVA
ALDKKGYEAKEYYEALPELKLVIDQIDNGFFSPKQPDLFKDIINMLFYHDRFKVFADYEAYVKCQDKVSQLYMNPKAWNT
MVLKNIAASGKFSSDRTIKEYAQNIWNVEPSDLKISLSNESNKVNGN
;
_entity_poly.pdbx_strand_id   A,B
#
loop_
_chem_comp.id
_chem_comp.type
_chem_comp.name
_chem_comp.formula
700 non-polymer '[5-CHLORO-1H-INDOL-2-CARBONYL-PHENYLALANINYL]-AZETIDINE-3-CARBOXYLIC ACID' 'C22 H20 Cl N3 O4'
MRD non-polymer (4R)-2-METHYLPENTANE-2,4-DIOL 'C6 H14 O2'
NBG D-saccharide N-acetyl-beta-D-glucopyranosylamine 'C8 H15 N O6'
PLP non-polymer PYRIDOXAL-5'-PHOSPHATE 'C8 H10 N O6 P'
URC non-polymer 'URIC ACID' 'C5 H4 N4 O3'
#
# COMPACT_ATOMS: atom_id res chain seq x y z
N GLU A 23 -26.56 20.17 2.92
CA GLU A 23 -26.11 20.05 4.34
C GLU A 23 -27.23 20.05 5.39
N ASN A 24 -28.47 19.82 4.95
CA ASN A 24 -29.63 19.74 5.85
C ASN A 24 -29.83 18.24 6.11
N VAL A 25 -30.59 17.90 7.14
CA VAL A 25 -30.80 16.50 7.50
C VAL A 25 -31.25 15.56 6.37
N ALA A 26 -32.29 15.92 5.64
CA ALA A 26 -32.79 15.07 4.57
C ALA A 26 -31.70 14.82 3.52
N GLU A 27 -30.98 15.88 3.14
CA GLU A 27 -29.94 15.72 2.14
C GLU A 27 -28.71 14.93 2.60
N LEU A 28 -28.39 15.00 3.89
CA LEU A 28 -27.26 14.24 4.41
C LEU A 28 -27.60 12.74 4.41
N LYS A 29 -28.84 12.40 4.70
CA LYS A 29 -29.22 11.00 4.69
C LYS A 29 -29.08 10.46 3.28
N LYS A 30 -29.48 11.26 2.32
CA LYS A 30 -29.44 10.89 0.93
C LYS A 30 -27.99 10.71 0.46
N SER A 31 -27.12 11.63 0.85
CA SER A 31 -25.73 11.50 0.47
C SER A 31 -25.13 10.27 1.15
N PHE A 32 -25.48 10.04 2.40
CA PHE A 32 -24.98 8.87 3.13
C PHE A 32 -25.38 7.59 2.38
N ASN A 33 -26.66 7.50 2.03
CA ASN A 33 -27.15 6.33 1.30
C ASN A 33 -26.51 6.17 -0.06
N ARG A 34 -26.16 7.29 -0.67
CA ARG A 34 -25.57 7.32 -1.98
C ARG A 34 -24.15 6.76 -1.90
N HIS A 35 -23.41 7.18 -0.88
CA HIS A 35 -22.05 6.69 -0.70
C HIS A 35 -22.04 5.22 -0.30
N LEU A 36 -22.95 4.85 0.59
CA LEU A 36 -23.01 3.45 1.03
C LEU A 36 -23.14 2.56 -0.20
N HIS A 37 -23.99 3.03 -1.14
CA HIS A 37 -24.28 2.33 -2.38
C HIS A 37 -23.12 2.30 -3.39
N PHE A 38 -22.84 3.48 -3.98
CA PHE A 38 -21.81 3.63 -5.00
C PHE A 38 -20.34 3.58 -4.52
N THR A 39 -20.07 4.10 -3.32
CA THR A 39 -18.72 4.11 -2.79
C THR A 39 -18.34 2.85 -1.98
N LEU A 40 -19.27 2.33 -1.19
CA LEU A 40 -19.00 1.11 -0.43
C LEU A 40 -19.63 -0.17 -1.01
N VAL A 41 -20.45 -0.03 -2.05
CA VAL A 41 -21.10 -1.18 -2.71
C VAL A 41 -21.89 -2.05 -1.72
N LYS A 42 -22.71 -1.40 -0.88
CA LYS A 42 -23.50 -2.12 0.09
C LYS A 42 -24.93 -1.59 0.20
N ASP A 43 -25.75 -2.40 0.87
CA ASP A 43 -27.14 -2.07 1.16
C ASP A 43 -27.23 -2.20 2.68
N ARG A 44 -28.38 -1.88 3.26
CA ARG A 44 -28.50 -1.93 4.72
C ARG A 44 -28.42 -3.32 5.32
N ASN A 45 -28.58 -4.34 4.49
CA ASN A 45 -28.53 -5.69 5.00
C ASN A 45 -27.12 -6.21 5.18
N VAL A 46 -26.24 -5.94 4.22
CA VAL A 46 -24.86 -6.43 4.26
C VAL A 46 -23.80 -5.42 4.71
N ALA A 47 -24.19 -4.16 4.91
CA ALA A 47 -23.21 -3.15 5.32
C ALA A 47 -22.64 -3.42 6.69
N THR A 48 -21.33 -3.21 6.85
CA THR A 48 -20.70 -3.38 8.16
C THR A 48 -20.64 -2.01 8.84
N THR A 49 -20.22 -2.00 10.11
CA THR A 49 -20.12 -0.75 10.85
C THR A 49 -19.05 0.12 10.20
N ARG A 50 -17.99 -0.53 9.73
CA ARG A 50 -16.90 0.16 9.07
C ARG A 50 -17.46 0.83 7.80
N ASP A 51 -18.33 0.11 7.08
CA ASP A 51 -18.96 0.65 5.87
C ASP A 51 -19.76 1.93 6.21
N TYR A 52 -20.47 1.90 7.33
CA TYR A 52 -21.25 3.06 7.70
C TYR A 52 -20.32 4.19 8.05
N TYR A 53 -19.26 3.92 8.81
CA TYR A 53 -18.31 4.97 9.15
C TYR A 53 -17.80 5.60 7.84
N PHE A 54 -17.32 4.78 6.91
CA PHE A 54 -16.83 5.29 5.64
C PHE A 54 -17.88 6.09 4.84
N ALA A 55 -19.12 5.62 4.82
CA ALA A 55 -20.17 6.33 4.08
C ALA A 55 -20.35 7.72 4.72
N LEU A 56 -20.32 7.80 6.03
CA LEU A 56 -20.48 9.10 6.71
C LEU A 56 -19.26 9.96 6.48
N ALA A 57 -18.08 9.34 6.56
CA ALA A 57 -16.85 10.08 6.33
C ALA A 57 -16.87 10.74 4.97
N HIS A 58 -17.30 10.00 3.95
CA HIS A 58 -17.35 10.58 2.59
C HIS A 58 -18.42 11.66 2.48
N THR A 59 -19.55 11.44 3.16
CA THR A 59 -20.65 12.40 3.16
C THR A 59 -20.11 13.74 3.71
N VAL A 60 -19.35 13.65 4.80
CA VAL A 60 -18.79 14.86 5.42
C VAL A 60 -17.66 15.44 4.57
N ARG A 61 -16.81 14.55 4.07
CA ARG A 61 -15.67 14.96 3.25
C ARG A 61 -16.07 15.82 2.03
N ASP A 62 -17.17 15.48 1.38
CA ASP A 62 -17.62 16.23 0.20
C ASP A 62 -17.84 17.70 0.53
N HIS A 63 -18.17 17.99 1.79
CA HIS A 63 -18.39 19.38 2.23
C HIS A 63 -17.12 20.23 2.28
N LEU A 64 -15.96 19.58 2.24
CA LEU A 64 -14.68 20.28 2.31
C LEU A 64 -14.16 20.73 0.95
N VAL A 65 -14.45 19.93 -0.08
CA VAL A 65 -13.95 20.15 -1.41
C VAL A 65 -14.03 21.55 -1.96
N GLY A 66 -15.24 22.08 -2.06
CA GLY A 66 -15.41 23.42 -2.59
C GLY A 66 -14.48 24.44 -1.95
N ARG A 67 -14.49 24.51 -0.64
CA ARG A 67 -13.64 25.45 0.09
C ARG A 67 -12.16 25.08 0.11
N TRP A 68 -11.84 23.82 -0.15
CA TRP A 68 -10.42 23.48 -0.17
C TRP A 68 -9.83 24.01 -1.48
N ILE A 69 -10.57 23.83 -2.56
CA ILE A 69 -10.11 24.30 -3.85
C ILE A 69 -10.03 25.84 -3.85
N ARG A 70 -11.07 26.49 -3.33
CA ARG A 70 -11.13 27.95 -3.28
C ARG A 70 -10.00 28.53 -2.43
N THR A 71 -9.76 27.92 -1.28
CA THR A 71 -8.72 28.38 -0.36
C THR A 71 -7.33 28.33 -0.98
N GLN A 72 -7.01 27.20 -1.60
CA GLN A 72 -5.70 27.07 -2.22
C GLN A 72 -5.61 27.94 -3.48
N GLN A 73 -6.74 28.15 -4.15
CA GLN A 73 -6.77 28.99 -5.35
C GLN A 73 -6.55 30.44 -4.95
N HIS A 74 -7.19 30.85 -3.85
CA HIS A 74 -7.04 32.21 -3.34
C HIS A 74 -5.61 32.52 -2.90
N TYR A 75 -4.89 31.52 -2.41
CA TYR A 75 -3.50 31.76 -1.99
C TYR A 75 -2.63 32.06 -3.21
N TYR A 76 -2.89 31.36 -4.31
CA TYR A 76 -2.14 31.57 -5.55
C TYR A 76 -2.43 32.95 -6.17
N ASP A 77 -3.71 33.33 -6.22
CA ASP A 77 -4.07 34.63 -6.80
C ASP A 77 -3.55 35.81 -5.99
N LYS A 78 -3.83 35.80 -4.69
CA LYS A 78 -3.40 36.91 -3.83
C LYS A 78 -1.99 36.78 -3.28
N CYS A 79 -1.36 35.63 -3.47
CA CYS A 79 0.00 35.38 -2.99
C CYS A 79 0.38 35.95 -1.61
N PRO A 80 -0.39 35.61 -0.56
CA PRO A 80 0.01 36.14 0.75
C PRO A 80 1.27 35.37 1.13
N LYS A 81 2.06 35.92 2.05
CA LYS A 81 3.27 35.21 2.48
C LYS A 81 2.78 33.88 3.07
N ARG A 82 3.42 32.78 2.69
CA ARG A 82 2.99 31.49 3.22
C ARG A 82 3.86 31.01 4.39
N VAL A 83 3.26 30.25 5.29
CA VAL A 83 3.96 29.68 6.44
C VAL A 83 4.05 28.18 6.21
N TYR A 84 5.24 27.61 6.36
CA TYR A 84 5.41 26.18 6.21
C TYR A 84 5.90 25.62 7.53
N TYR A 85 5.08 24.76 8.13
CA TYR A 85 5.41 24.17 9.41
C TYR A 85 5.96 22.77 9.13
N LEU A 86 7.30 22.68 9.19
CA LEU A 86 8.03 21.48 8.91
C LEU A 86 8.29 20.69 10.18
N SER A 87 7.76 19.47 10.20
CA SER A 87 7.84 18.61 11.37
C SER A 87 7.82 17.13 11.00
N LEU A 88 8.57 16.32 11.74
CA LEU A 88 8.59 14.89 11.49
C LEU A 88 7.36 14.30 12.16
N GLU A 89 6.62 15.13 12.89
CA GLU A 89 5.44 14.65 13.60
C GLU A 89 4.16 15.50 13.48
N PHE A 90 3.03 14.83 13.33
CA PHE A 90 1.73 15.47 13.30
C PHE A 90 0.82 14.44 13.98
N TYR A 91 0.61 14.67 15.27
CA TYR A 91 -0.19 13.82 16.16
C TYR A 91 -1.62 14.30 16.04
N MET A 92 -2.26 13.90 14.95
CA MET A 92 -3.61 14.33 14.59
C MET A 92 -4.86 13.74 15.23
N GLY A 93 -4.76 12.53 15.77
CA GLY A 93 -5.94 11.92 16.33
C GLY A 93 -6.93 11.62 15.20
N ARG A 94 -8.22 11.57 15.53
CA ARG A 94 -9.28 11.30 14.53
C ARG A 94 -9.73 12.58 13.85
N THR A 95 -10.32 12.43 12.65
CA THR A 95 -10.73 13.57 11.82
C THR A 95 -12.24 13.81 11.62
N LEU A 96 -13.04 12.75 11.64
CA LEU A 96 -14.49 12.85 11.42
C LEU A 96 -15.19 13.91 12.27
N GLN A 97 -15.18 13.73 13.58
CA GLN A 97 -15.84 14.69 14.46
C GLN A 97 -15.27 16.10 14.32
N ASN A 98 -13.94 16.20 14.33
CA ASN A 98 -13.29 17.51 14.23
C ASN A 98 -13.77 18.26 13.01
N THR A 99 -13.92 17.53 11.92
CA THR A 99 -14.36 18.12 10.67
C THR A 99 -15.81 18.58 10.77
N MET A 100 -16.66 17.70 11.32
CA MET A 100 -18.08 18.07 11.46
C MET A 100 -18.22 19.34 12.29
N ILE A 101 -17.46 19.43 13.37
CA ILE A 101 -17.55 20.60 14.25
C ILE A 101 -17.08 21.88 13.59
N ASN A 102 -15.90 21.86 12.97
CA ASN A 102 -15.39 23.06 12.35
C ASN A 102 -16.21 23.52 11.15
N LEU A 103 -17.02 22.61 10.60
CA LEU A 103 -17.85 22.95 9.44
C LEU A 103 -19.28 23.19 9.88
N GLY A 104 -19.52 23.16 11.19
CA GLY A 104 -20.87 23.34 11.70
C GLY A 104 -21.85 22.27 11.21
N LEU A 105 -21.37 21.04 11.03
CA LEU A 105 -22.21 19.96 10.53
C LEU A 105 -22.64 18.90 11.55
N GLN A 106 -22.00 18.88 12.71
CA GLN A 106 -22.29 17.87 13.72
C GLN A 106 -23.73 17.58 14.14
N ASN A 107 -24.49 18.61 14.49
CA ASN A 107 -25.88 18.41 14.92
C ASN A 107 -26.70 17.80 13.80
N ALA A 108 -26.56 18.32 12.59
CA ALA A 108 -27.31 17.78 11.48
C ALA A 108 -26.89 16.33 11.19
N CYS A 109 -25.59 16.05 11.23
CA CYS A 109 -25.13 14.70 10.95
C CYS A 109 -25.61 13.77 12.05
N ASP A 110 -25.57 14.26 13.29
CA ASP A 110 -26.04 13.47 14.40
C ASP A 110 -27.50 13.07 14.15
N GLU A 111 -28.33 14.02 13.72
CA GLU A 111 -29.75 13.75 13.44
C GLU A 111 -29.91 12.76 12.29
N ALA A 112 -29.20 13.02 11.20
CA ALA A 112 -29.28 12.17 10.02
C ALA A 112 -29.00 10.71 10.34
N ILE A 113 -27.85 10.47 10.98
CA ILE A 113 -27.42 9.13 11.36
C ILE A 113 -28.47 8.49 12.27
N TYR A 114 -28.94 9.25 13.25
CA TYR A 114 -29.98 8.76 14.15
C TYR A 114 -31.23 8.34 13.37
N GLN A 115 -31.65 9.14 12.40
CA GLN A 115 -32.84 8.80 11.63
C GLN A 115 -32.60 7.57 10.78
N LEU A 116 -31.33 7.32 10.42
CA LEU A 116 -30.99 6.16 9.62
C LEU A 116 -30.93 4.93 10.52
N GLY A 117 -31.18 5.14 11.80
CA GLY A 117 -31.18 4.03 12.72
C GLY A 117 -29.82 3.61 13.21
N LEU A 118 -28.85 4.52 13.14
CA LEU A 118 -27.48 4.23 13.56
C LEU A 118 -27.06 5.15 14.69
N ASP A 119 -25.91 4.87 15.27
CA ASP A 119 -25.38 5.66 16.36
C ASP A 119 -24.05 6.25 15.90
N ILE A 120 -24.04 7.55 15.65
CA ILE A 120 -22.86 8.24 15.15
C ILE A 120 -21.62 8.08 16.01
N GLU A 121 -21.79 7.97 17.33
CA GLU A 121 -20.65 7.79 18.22
C GLU A 121 -20.04 6.40 18.02
N GLU A 122 -20.85 5.43 17.65
CA GLU A 122 -20.33 4.09 17.40
C GLU A 122 -19.57 4.12 16.06
N LEU A 123 -20.10 4.86 15.09
CA LEU A 123 -19.41 4.91 13.79
C LEU A 123 -18.08 5.62 14.00
N GLU A 124 -18.07 6.65 14.82
CA GLU A 124 -16.85 7.41 15.08
C GLU A 124 -15.70 6.59 15.64
N GLU A 125 -16.03 5.58 16.46
CA GLU A 125 -15.01 4.71 17.05
C GLU A 125 -14.28 3.79 16.07
N ILE A 126 -14.82 3.61 14.88
CA ILE A 126 -14.17 2.78 13.85
C ILE A 126 -12.90 3.49 13.35
N GLU A 127 -12.92 4.81 13.28
CA GLU A 127 -11.78 5.56 12.75
C GLU A 127 -10.49 5.37 13.54
N GLU A 128 -9.41 5.09 12.84
CA GLU A 128 -8.10 4.92 13.47
C GLU A 128 -7.51 6.32 13.76
N ASP A 129 -6.73 6.46 14.81
CA ASP A 129 -6.10 7.74 15.04
C ASP A 129 -5.00 7.85 13.98
N ALA A 130 -4.73 9.08 13.53
CA ALA A 130 -3.60 9.26 12.64
C ALA A 130 -2.56 9.59 13.73
N GLY A 131 -1.98 8.55 14.34
CA GLY A 131 -0.98 8.73 15.40
C GLY A 131 0.42 8.93 14.87
N LEU A 132 0.58 9.97 14.07
CA LEU A 132 1.88 10.19 13.45
C LEU A 132 2.78 11.05 14.32
N GLY A 133 2.72 10.81 15.62
CA GLY A 133 3.54 11.56 16.56
C GLY A 133 3.76 10.81 17.85
N ASN A 134 4.64 11.33 18.70
CA ASN A 134 4.93 10.71 19.99
C ASN A 134 4.21 11.31 21.18
N GLY A 135 4.08 12.64 21.16
CA GLY A 135 3.43 13.32 22.26
C GLY A 135 3.27 14.81 22.01
N GLY A 136 3.66 15.62 23.00
CA GLY A 136 3.51 17.08 22.91
C GLY A 136 4.03 17.77 21.67
N LEU A 137 5.25 17.42 21.26
CA LEU A 137 5.86 18.02 20.09
C LEU A 137 4.97 17.80 18.87
N GLY A 138 4.47 16.57 18.73
CA GLY A 138 3.61 16.25 17.60
C GLY A 138 2.22 16.80 17.73
N ARG A 139 1.70 16.87 18.94
CA ARG A 139 0.35 17.40 19.15
C ARG A 139 0.34 18.92 19.00
N LEU A 140 1.46 19.56 19.31
CA LEU A 140 1.57 21.00 19.18
C LEU A 140 1.42 21.34 17.69
N ALA A 141 2.08 20.57 16.84
CA ALA A 141 1.97 20.77 15.41
C ALA A 141 0.51 20.62 14.94
N ALA A 142 -0.18 19.60 15.45
CA ALA A 142 -1.56 19.38 15.07
C ALA A 142 -2.45 20.55 15.54
N CYS A 143 -2.26 21.01 16.77
CA CYS A 143 -3.08 22.13 17.26
C CYS A 143 -2.80 23.38 16.42
N PHE A 144 -1.54 23.56 16.06
CA PHE A 144 -1.10 24.69 15.24
C PHE A 144 -1.79 24.74 13.88
N LEU A 145 -1.96 23.58 13.24
CA LEU A 145 -2.61 23.57 11.92
C LEU A 145 -4.06 24.00 12.11
N ASP A 146 -4.70 23.52 13.18
CA ASP A 146 -6.08 23.93 13.40
C ASP A 146 -6.20 25.46 13.64
N SER A 147 -5.31 26.00 14.48
CA SER A 147 -5.33 27.42 14.78
C SER A 147 -5.00 28.26 13.54
N MET A 148 -4.02 27.82 12.76
CA MET A 148 -3.66 28.56 11.55
C MET A 148 -4.77 28.58 10.50
N ALA A 149 -5.51 27.48 10.36
CA ALA A 149 -6.62 27.48 9.40
C ALA A 149 -7.76 28.34 9.99
N THR A 150 -7.92 28.29 11.31
CA THR A 150 -8.96 29.08 11.96
C THR A 150 -8.62 30.58 11.90
N LEU A 151 -7.34 30.91 11.95
CA LEU A 151 -6.93 32.32 11.87
C LEU A 151 -6.87 32.79 10.43
N GLY A 152 -7.13 31.88 9.49
CA GLY A 152 -7.10 32.24 8.07
C GLY A 152 -5.72 32.50 7.47
N LEU A 153 -4.66 31.88 7.99
CA LEU A 153 -3.31 32.09 7.45
C LEU A 153 -3.03 31.14 6.29
N ALA A 154 -2.20 31.56 5.34
CA ALA A 154 -1.85 30.68 4.22
C ALA A 154 -0.74 29.77 4.75
N ALA A 155 -1.12 28.75 5.49
CA ALA A 155 -0.15 27.86 6.14
C ALA A 155 -0.29 26.42 5.69
N TYR A 156 0.86 25.75 5.63
CA TYR A 156 0.96 24.35 5.23
C TYR A 156 1.75 23.57 6.25
N GLY A 157 1.32 22.33 6.52
CA GLY A 157 2.05 21.47 7.41
C GLY A 157 2.75 20.47 6.50
N TYR A 158 4.04 20.21 6.73
CA TYR A 158 4.81 19.28 5.92
C TYR A 158 5.45 18.19 6.77
N GLY A 159 5.07 16.94 6.53
CA GLY A 159 5.62 15.86 7.33
C GLY A 159 5.78 14.58 6.55
N ILE A 160 5.84 13.46 7.26
CA ILE A 160 6.00 12.15 6.63
C ILE A 160 4.78 11.31 6.82
N ARG A 161 4.33 10.68 5.75
CA ARG A 161 3.17 9.82 5.83
C ARG A 161 3.64 8.43 6.28
N TYR A 162 3.84 8.26 7.59
CA TYR A 162 4.29 6.96 8.12
C TYR A 162 3.23 5.88 7.86
N GLU A 163 3.66 4.71 7.42
CA GLU A 163 2.72 3.62 7.18
C GLU A 163 2.26 3.15 8.56
N TYR A 164 3.15 3.25 9.55
CA TYR A 164 2.83 2.88 10.92
C TYR A 164 3.13 4.06 11.82
N GLY A 165 2.15 4.45 12.64
CA GLY A 165 2.35 5.53 13.56
C GLY A 165 2.90 4.99 14.87
N ILE A 166 2.64 5.73 15.95
CA ILE A 166 3.11 5.32 17.27
C ILE A 166 2.40 3.98 17.56
N PHE A 167 3.18 2.99 17.93
CA PHE A 167 2.66 1.66 18.19
C PHE A 167 1.42 1.60 19.07
N ASN A 168 0.59 0.59 18.84
CA ASN A 168 -0.56 0.40 19.71
C ASN A 168 -0.01 -0.32 20.95
N GLN A 169 -0.33 0.19 22.13
CA GLN A 169 0.14 -0.40 23.37
C GLN A 169 -0.85 -1.39 24.00
N LYS A 170 -0.36 -2.58 24.32
CA LYS A 170 -1.16 -3.61 24.98
C LYS A 170 -0.45 -3.86 26.30
N ILE A 171 -1.19 -4.34 27.29
CA ILE A 171 -0.58 -4.67 28.58
C ILE A 171 -0.74 -6.17 28.73
N ARG A 172 0.37 -6.90 28.85
CA ARG A 172 0.33 -8.35 29.02
C ARG A 172 1.08 -8.73 30.28
N ASP A 173 0.38 -9.37 31.20
CA ASP A 173 0.96 -9.79 32.46
C ASP A 173 1.57 -8.57 33.16
N GLY A 174 0.89 -7.42 33.03
CA GLY A 174 1.34 -6.20 33.66
C GLY A 174 2.40 -5.40 32.92
N TRP A 175 2.92 -5.94 31.81
CA TRP A 175 3.97 -5.25 31.02
C TRP A 175 3.45 -4.66 29.71
N GLN A 176 4.10 -3.60 29.25
CA GLN A 176 3.74 -3.03 27.98
C GLN A 176 4.26 -3.95 26.87
N VAL A 177 3.40 -4.15 25.87
CA VAL A 177 3.73 -4.93 24.69
C VAL A 177 3.39 -4.00 23.52
N GLU A 178 4.20 -4.00 22.46
CA GLU A 178 3.91 -3.15 21.33
C GLU A 178 3.32 -3.90 20.15
N GLU A 179 2.29 -3.33 19.55
CA GLU A 179 1.68 -3.92 18.36
C GLU A 179 1.74 -2.83 17.28
N ALA A 180 2.04 -3.25 16.07
CA ALA A 180 2.14 -2.31 14.96
C ALA A 180 0.82 -1.55 14.75
N ASP A 181 0.91 -0.25 14.54
CA ASP A 181 -0.28 0.56 14.31
C ASP A 181 -0.50 0.67 12.79
N ASP A 182 -1.11 -0.37 12.22
CA ASP A 182 -1.37 -0.46 10.77
C ASP A 182 -2.57 0.45 10.45
N TRP A 183 -2.44 1.75 10.74
CA TRP A 183 -3.55 2.69 10.56
C TRP A 183 -4.17 2.87 9.17
N LEU A 184 -3.45 2.51 8.11
CA LEU A 184 -3.97 2.65 6.74
C LEU A 184 -4.59 1.36 6.17
N ARG A 185 -4.53 0.27 6.94
CA ARG A 185 -5.04 -1.01 6.47
C ARG A 185 -6.37 -0.98 5.73
N TYR A 186 -7.34 -0.24 6.26
CA TYR A 186 -8.65 -0.20 5.63
C TYR A 186 -8.92 1.02 4.77
N GLY A 187 -7.94 1.91 4.63
CA GLY A 187 -8.13 3.11 3.84
C GLY A 187 -8.22 4.36 4.70
N ASN A 188 -7.81 5.51 4.17
CA ASN A 188 -7.86 6.78 4.90
C ASN A 188 -8.63 7.70 3.96
N PRO A 189 -9.93 7.93 4.24
CA PRO A 189 -10.66 8.79 3.32
C PRO A 189 -10.23 10.24 3.38
N TRP A 190 -9.50 10.58 4.45
CA TRP A 190 -9.06 11.95 4.69
C TRP A 190 -7.78 12.37 3.98
N GLU A 191 -7.22 11.49 3.18
CA GLU A 191 -5.98 11.84 2.47
C GLU A 191 -6.17 11.79 0.96
N LYS A 192 -5.46 12.67 0.26
CA LYS A 192 -5.51 12.72 -1.18
C LYS A 192 -4.14 12.60 -1.83
N SER A 193 -3.98 11.55 -2.63
CA SER A 193 -2.74 11.33 -3.35
C SER A 193 -2.56 12.51 -4.33
N ARG A 194 -1.36 13.03 -4.46
CA ARG A 194 -1.08 14.13 -5.40
C ARG A 194 0.05 13.68 -6.31
N PRO A 195 -0.25 12.75 -7.24
CA PRO A 195 0.73 12.20 -8.18
C PRO A 195 1.54 13.27 -8.92
N GLU A 196 0.86 14.25 -9.50
CA GLU A 196 1.57 15.27 -10.26
C GLU A 196 2.65 16.03 -9.50
N PHE A 197 2.74 15.85 -8.17
CA PHE A 197 3.76 16.56 -7.42
C PHE A 197 4.86 15.66 -6.85
N MET A 198 4.96 14.44 -7.36
CA MET A 198 6.00 13.50 -6.91
C MET A 198 7.35 14.16 -7.16
N LEU A 199 8.34 13.83 -6.34
CA LEU A 199 9.69 14.40 -6.44
C LEU A 199 10.76 13.37 -6.07
N PRO A 200 11.94 13.47 -6.71
CA PRO A 200 12.99 12.50 -6.37
C PRO A 200 13.88 13.04 -5.25
N VAL A 201 14.29 12.16 -4.34
CA VAL A 201 15.18 12.55 -3.26
C VAL A 201 16.44 11.72 -3.45
N HIS A 202 17.59 12.34 -3.20
CA HIS A 202 18.88 11.68 -3.39
C HIS A 202 19.62 11.32 -2.11
N PHE A 203 20.32 10.19 -2.15
CA PHE A 203 21.11 9.74 -1.00
C PHE A 203 22.44 9.19 -1.50
N TYR A 204 23.43 9.18 -0.62
CA TYR A 204 24.77 8.66 -0.91
C TYR A 204 25.44 9.39 -2.06
N GLY A 205 26.04 8.65 -2.98
CA GLY A 205 26.69 9.28 -4.11
C GLY A 205 27.99 9.97 -3.73
N LYS A 206 28.45 10.85 -4.62
CA LYS A 206 29.70 11.57 -4.45
C LYS A 206 29.58 12.99 -4.97
N VAL A 207 30.54 13.83 -4.64
CA VAL A 207 30.48 15.20 -5.09
C VAL A 207 31.59 15.56 -6.08
N GLU A 208 31.25 16.40 -7.05
CA GLU A 208 32.15 16.84 -8.08
C GLU A 208 32.09 18.35 -8.16
N HIS A 209 33.25 19.00 -8.02
CA HIS A 209 33.31 20.45 -8.08
C HIS A 209 33.82 20.85 -9.48
N THR A 210 32.89 20.85 -10.42
CA THR A 210 33.18 21.15 -11.81
C THR A 210 33.17 22.65 -12.11
N ASN A 211 33.47 22.99 -13.36
CA ASN A 211 33.50 24.37 -13.78
C ASN A 211 32.11 24.85 -14.21
N THR A 212 31.09 24.09 -13.84
CA THR A 212 29.69 24.47 -14.12
C THR A 212 28.92 24.39 -12.81
N GLY A 213 29.67 24.33 -11.71
CA GLY A 213 29.09 24.23 -10.38
C GLY A 213 29.36 22.87 -9.79
N THR A 214 29.15 22.72 -8.49
CA THR A 214 29.40 21.43 -7.85
C THR A 214 28.22 20.49 -8.11
N LYS A 215 28.52 19.23 -8.41
CA LYS A 215 27.49 18.23 -8.70
C LYS A 215 27.48 17.09 -7.69
N TRP A 216 26.27 16.67 -7.31
CA TRP A 216 26.10 15.58 -6.37
C TRP A 216 25.63 14.45 -7.27
N ILE A 217 26.52 13.51 -7.53
CA ILE A 217 26.25 12.43 -8.47
C ILE A 217 26.31 11.01 -7.92
N ASP A 218 25.97 10.06 -8.79
CA ASP A 218 25.93 8.63 -8.49
C ASP A 218 25.15 8.35 -7.22
N THR A 219 24.06 9.07 -7.05
CA THR A 219 23.25 8.92 -5.86
C THR A 219 22.20 7.82 -6.02
N GLN A 220 21.64 7.41 -4.87
CA GLN A 220 20.56 6.45 -4.85
C GLN A 220 19.33 7.35 -4.83
N VAL A 221 18.31 7.01 -5.59
CA VAL A 221 17.09 7.82 -5.66
C VAL A 221 15.87 7.13 -5.04
N VAL A 222 15.12 7.91 -4.26
CA VAL A 222 13.89 7.45 -3.65
C VAL A 222 12.88 8.53 -4.00
N LEU A 223 11.72 8.13 -4.50
CA LEU A 223 10.69 9.08 -4.86
C LEU A 223 9.84 9.46 -3.65
N ALA A 224 9.39 10.70 -3.63
CA ALA A 224 8.53 11.20 -2.56
C ALA A 224 7.17 11.56 -3.18
N LEU A 225 6.16 10.76 -2.86
CA LEU A 225 4.80 10.98 -3.33
C LEU A 225 4.05 11.69 -2.21
N PRO A 226 3.53 12.90 -2.48
CA PRO A 226 2.81 13.66 -1.45
C PRO A 226 1.32 13.35 -1.33
N TYR A 227 0.86 13.30 -0.08
CA TYR A 227 -0.54 13.05 0.22
C TYR A 227 -1.03 14.25 1.01
N ASP A 228 -2.08 14.89 0.51
CA ASP A 228 -2.68 16.06 1.13
C ASP A 228 -3.89 15.73 1.97
N THR A 229 -3.95 16.32 3.16
CA THR A 229 -5.10 16.15 4.03
C THR A 229 -5.64 17.55 4.32
N PRO A 230 -6.95 17.75 4.20
CA PRO A 230 -7.49 19.08 4.47
C PRO A 230 -7.52 19.43 5.97
N VAL A 231 -7.22 20.69 6.27
CA VAL A 231 -7.21 21.22 7.62
C VAL A 231 -8.28 22.34 7.64
N PRO A 232 -9.52 22.01 8.03
CA PRO A 232 -10.57 23.03 8.05
C PRO A 232 -10.45 24.01 9.20
N GLY A 233 -10.62 25.30 8.92
CA GLY A 233 -10.58 26.26 10.00
C GLY A 233 -11.93 26.21 10.70
N TYR A 234 -12.03 26.79 11.90
CA TYR A 234 -13.31 26.76 12.59
C TYR A 234 -14.27 27.80 12.01
N MET A 235 -15.34 27.33 11.38
CA MET A 235 -16.37 28.21 10.82
C MET A 235 -15.90 29.44 10.02
N ASN A 236 -15.01 29.26 9.04
CA ASN A 236 -14.54 30.40 8.24
C ASN A 236 -14.31 30.14 6.75
N ASN A 237 -14.77 29.03 6.22
CA ASN A 237 -14.54 28.79 4.79
C ASN A 237 -13.07 28.48 4.45
N THR A 238 -12.17 28.54 5.42
CA THR A 238 -10.78 28.24 5.09
C THR A 238 -10.47 26.76 5.31
N VAL A 239 -9.78 26.17 4.35
CA VAL A 239 -9.35 24.78 4.46
C VAL A 239 -7.95 24.76 3.92
N ASN A 240 -7.02 24.53 4.82
CA ASN A 240 -5.62 24.49 4.47
C ASN A 240 -5.19 23.07 4.20
N THR A 241 -3.89 22.90 4.03
CA THR A 241 -3.35 21.61 3.68
C THR A 241 -2.23 21.08 4.56
N MET A 242 -2.32 19.78 4.83
CA MET A 242 -1.26 19.07 5.52
C MET A 242 -0.72 18.12 4.43
N ARG A 243 0.52 18.35 4.01
CA ARG A 243 1.17 17.51 2.98
C ARG A 243 2.18 16.58 3.65
N LEU A 244 1.90 15.28 3.57
CA LEU A 244 2.74 14.23 4.17
C LEU A 244 3.37 13.42 3.04
N TRP A 245 4.69 13.23 3.07
CA TRP A 245 5.37 12.49 2.01
C TRP A 245 5.54 10.98 2.28
N SER A 246 5.33 10.20 1.23
CA SER A 246 5.45 8.77 1.27
C SER A 246 6.58 8.33 0.32
N ALA A 247 7.45 7.44 0.80
CA ALA A 247 8.58 6.97 0.00
C ALA A 247 8.22 5.86 -0.99
N ARG A 248 8.72 5.98 -2.23
CA ARG A 248 8.49 4.97 -3.24
C ARG A 248 9.76 4.71 -4.03
N ALA A 249 9.98 3.45 -4.38
CA ALA A 249 11.13 3.04 -5.16
C ALA A 249 10.93 3.58 -6.59
N PRO A 250 12.01 4.02 -7.23
CA PRO A 250 11.88 4.54 -8.61
C PRO A 250 11.78 3.41 -9.63
N ASN A 251 11.30 3.71 -10.85
CA ASN A 251 11.21 2.72 -11.93
C ASN A 251 12.28 3.03 -12.98
N ASP A 252 13.50 2.52 -12.77
CA ASP A 252 14.64 2.76 -13.68
C ASP A 252 14.73 4.23 -14.07
N ASP A 262 19.03 -11.50 -9.59
CA ASP A 262 17.73 -12.16 -9.43
C ASP A 262 16.64 -11.10 -9.52
N TYR A 263 15.80 -11.23 -10.54
CA TYR A 263 14.69 -10.31 -10.78
C TYR A 263 13.72 -10.21 -9.59
N ILE A 264 13.32 -11.36 -9.04
CA ILE A 264 12.39 -11.39 -7.90
C ILE A 264 12.95 -10.58 -6.74
N GLN A 265 14.16 -10.91 -6.32
CA GLN A 265 14.81 -10.21 -5.21
C GLN A 265 14.94 -8.72 -5.48
N ALA A 266 15.21 -8.37 -6.73
CA ALA A 266 15.34 -6.96 -7.09
C ALA A 266 13.99 -6.26 -6.85
N VAL A 267 12.90 -6.90 -7.23
CA VAL A 267 11.58 -6.32 -7.02
C VAL A 267 11.28 -6.23 -5.51
N LEU A 268 11.62 -7.29 -4.76
CA LEU A 268 11.40 -7.29 -3.33
C LEU A 268 12.22 -6.19 -2.65
N ASP A 269 13.45 -6.01 -3.10
CA ASP A 269 14.31 -4.98 -2.53
C ASP A 269 13.75 -3.57 -2.69
N ARG A 270 12.72 -3.40 -3.50
CA ARG A 270 12.12 -2.07 -3.62
C ARG A 270 11.66 -1.68 -2.20
N ASN A 271 11.44 -2.68 -1.34
CA ASN A 271 11.05 -2.44 0.05
C ASN A 271 12.05 -1.54 0.79
N LEU A 272 13.35 -1.73 0.51
CA LEU A 272 14.38 -0.95 1.21
C LEU A 272 14.18 0.55 1.11
N ALA A 273 13.87 1.07 -0.08
CA ALA A 273 13.64 2.50 -0.23
C ALA A 273 12.32 2.90 0.46
N GLU A 274 11.32 2.04 0.31
CA GLU A 274 10.03 2.31 0.88
C GLU A 274 10.05 2.27 2.40
N ASN A 275 11.06 1.63 2.99
CA ASN A 275 11.14 1.61 4.46
C ASN A 275 11.39 2.99 5.05
N ILE A 276 11.82 3.95 4.23
CA ILE A 276 12.12 5.28 4.76
C ILE A 276 10.90 5.91 5.44
N SER A 277 9.71 5.74 4.86
CA SER A 277 8.48 6.29 5.46
C SER A 277 7.65 5.19 6.12
N ARG A 278 8.29 4.09 6.48
CA ARG A 278 7.56 2.97 7.06
C ARG A 278 7.00 3.19 8.44
N VAL A 279 7.85 3.63 9.35
CA VAL A 279 7.40 3.78 10.70
C VAL A 279 7.99 4.96 11.45
N LEU A 280 7.16 5.52 12.33
CA LEU A 280 7.56 6.63 13.17
C LEU A 280 8.51 6.11 14.28
N TYR A 281 9.59 6.83 14.55
CA TYR A 281 10.49 6.45 15.63
C TYR A 281 9.72 6.82 16.89
N PRO A 282 9.47 5.83 17.77
CA PRO A 282 8.72 5.96 19.02
C PRO A 282 9.36 6.57 20.26
N ASN A 283 10.39 7.40 20.06
CA ASN A 283 11.05 8.05 21.18
C ASN A 283 10.55 9.46 21.48
N ASP A 284 10.24 9.69 22.74
CA ASP A 284 9.78 10.98 23.20
C ASP A 284 10.96 11.56 23.99
N ASN A 285 11.47 12.72 23.57
CA ASN A 285 12.58 13.34 24.28
C ASN A 285 13.83 12.45 24.39
N PHE A 286 14.17 11.75 23.32
CA PHE A 286 15.36 10.91 23.36
C PHE A 286 15.96 10.77 21.97
N PHE A 287 17.27 10.97 21.85
CA PHE A 287 17.91 10.88 20.55
C PHE A 287 18.53 9.53 20.25
N GLU A 288 18.01 8.90 19.21
CA GLU A 288 18.52 7.61 18.76
C GLU A 288 19.13 7.97 17.41
N GLY A 289 20.45 7.84 17.30
CA GLY A 289 21.12 8.17 16.07
C GLY A 289 21.14 7.06 15.04
N LYS A 290 19.97 6.51 14.70
CA LYS A 290 19.90 5.46 13.69
C LYS A 290 19.97 6.04 12.27
N GLU A 291 20.70 5.39 11.38
CA GLU A 291 20.81 5.88 10.00
C GLU A 291 19.44 6.02 9.31
N LEU A 292 18.53 5.09 9.57
CA LEU A 292 17.20 5.18 8.96
C LEU A 292 16.50 6.49 9.38
N ARG A 293 16.67 6.88 10.64
CA ARG A 293 16.06 8.11 11.14
C ARG A 293 16.63 9.28 10.36
N LEU A 294 17.97 9.29 10.20
CA LEU A 294 18.62 10.33 9.43
C LEU A 294 18.04 10.34 8.02
N LYS A 295 17.77 9.16 7.46
CA LYS A 295 17.18 9.13 6.12
C LYS A 295 15.78 9.80 6.09
N GLN A 296 14.96 9.52 7.10
CA GLN A 296 13.63 10.12 7.16
C GLN A 296 13.74 11.66 7.21
N GLU A 297 14.68 12.14 8.03
CA GLU A 297 14.93 13.58 8.21
C GLU A 297 15.29 14.26 6.91
N TYR A 298 16.21 13.68 6.13
CA TYR A 298 16.56 14.35 4.88
C TYR A 298 15.40 14.16 3.88
N PHE A 299 14.79 12.98 3.89
CA PHE A 299 13.65 12.72 3.00
C PHE A 299 12.58 13.83 3.08
N VAL A 300 12.08 14.11 4.29
CA VAL A 300 11.02 15.10 4.47
C VAL A 300 11.50 16.52 4.15
N VAL A 301 12.75 16.80 4.48
CA VAL A 301 13.34 18.08 4.20
C VAL A 301 13.60 18.30 2.70
N ALA A 302 14.13 17.30 2.01
CA ALA A 302 14.41 17.47 0.58
C ALA A 302 13.14 17.65 -0.23
N ALA A 303 12.16 16.79 0.02
CA ALA A 303 10.89 16.84 -0.70
C ALA A 303 10.14 18.14 -0.41
N THR A 304 10.11 18.55 0.86
CA THR A 304 9.43 19.76 1.25
C THR A 304 9.96 21.03 0.58
N LEU A 305 11.27 21.25 0.70
CA LEU A 305 11.94 22.43 0.14
C LEU A 305 11.89 22.49 -1.37
N GLN A 306 12.01 21.33 -2.02
CA GLN A 306 11.93 21.34 -3.47
C GLN A 306 10.51 21.68 -3.86
N ASP A 307 9.54 21.18 -3.09
CA ASP A 307 8.13 21.48 -3.38
C ASP A 307 7.88 22.96 -3.11
N ILE A 308 8.49 23.50 -2.06
CA ILE A 308 8.30 24.92 -1.74
C ILE A 308 8.89 25.84 -2.83
N ILE A 309 10.10 25.52 -3.27
CA ILE A 309 10.76 26.30 -4.30
C ILE A 309 9.98 26.20 -5.61
N ARG A 310 9.54 24.99 -5.95
CA ARG A 310 8.73 24.80 -7.15
C ARG A 310 7.53 25.76 -7.14
N ARG A 311 6.76 25.76 -6.06
CA ARG A 311 5.59 26.63 -5.94
C ARG A 311 5.99 28.12 -6.02
N PHE A 312 7.09 28.50 -5.40
CA PHE A 312 7.53 29.88 -5.43
C PHE A 312 7.79 30.31 -6.87
N LYS A 313 8.52 29.46 -7.60
CA LYS A 313 8.88 29.70 -9.00
C LYS A 313 7.67 29.71 -9.92
N ALA A 314 6.57 29.13 -9.50
CA ALA A 314 5.38 29.11 -10.33
C ALA A 314 4.46 30.22 -9.87
N SER A 315 4.76 30.79 -8.72
CA SER A 315 3.92 31.86 -8.19
C SER A 315 3.96 33.03 -9.15
N LYS A 316 2.91 33.83 -9.13
CA LYS A 316 2.88 34.97 -10.02
C LYS A 316 3.69 36.09 -9.38
N PHE A 317 4.72 35.69 -8.63
CA PHE A 317 5.61 36.64 -7.98
C PHE A 317 6.11 37.52 -9.11
N VAL A 326 13.69 35.42 -9.23
CA VAL A 326 14.94 36.10 -8.86
C VAL A 326 15.41 35.59 -7.50
N PHE A 327 14.42 35.27 -6.65
CA PHE A 327 14.62 34.76 -5.31
C PHE A 327 14.83 35.82 -4.23
N ASP A 328 14.96 37.08 -4.62
CA ASP A 328 15.17 38.12 -3.61
C ASP A 328 13.93 38.31 -2.74
N ALA A 329 12.78 37.95 -3.29
CA ALA A 329 11.51 38.09 -2.59
C ALA A 329 11.11 36.79 -1.88
N PHE A 330 11.91 35.76 -2.04
CA PHE A 330 11.62 34.48 -1.44
C PHE A 330 11.18 34.60 0.05
N PRO A 331 12.04 35.16 0.94
CA PRO A 331 11.80 35.37 2.38
C PRO A 331 10.57 36.21 2.72
N ASP A 332 10.08 36.96 1.73
CA ASP A 332 8.91 37.78 1.94
C ASP A 332 7.70 37.00 1.47
N GLN A 333 7.96 35.86 0.84
CA GLN A 333 6.90 34.97 0.36
C GLN A 333 6.91 33.63 1.08
N VAL A 334 7.98 33.34 1.83
CA VAL A 334 8.09 32.05 2.50
C VAL A 334 8.71 32.08 3.88
N ALA A 335 8.07 31.37 4.80
CA ALA A 335 8.56 31.26 6.16
C ALA A 335 8.51 29.77 6.46
N ILE A 336 9.61 29.23 6.98
CA ILE A 336 9.63 27.83 7.30
C ILE A 336 9.99 27.71 8.76
N GLN A 337 9.10 27.06 9.52
CA GLN A 337 9.34 26.88 10.94
C GLN A 337 9.85 25.48 11.18
N LEU A 338 10.99 25.40 11.86
CA LEU A 338 11.61 24.12 12.17
C LEU A 338 11.04 23.60 13.49
N ASN A 339 10.30 22.51 13.44
CA ASN A 339 9.74 21.96 14.67
C ASN A 339 10.86 21.15 15.29
N ASP A 340 11.60 21.80 16.17
CA ASP A 340 12.77 21.20 16.84
C ASP A 340 13.88 21.06 15.80
N THR A 341 14.96 20.36 16.15
CA THR A 341 16.08 20.21 15.22
C THR A 341 15.94 19.04 14.23
N HIS A 342 14.85 18.28 14.35
CA HIS A 342 14.65 17.12 13.49
C HIS A 342 14.77 17.43 11.98
N PRO A 343 14.28 18.61 11.54
CA PRO A 343 14.37 18.98 10.13
C PRO A 343 15.51 19.99 9.94
N ALA A 344 16.54 19.91 10.78
CA ALA A 344 17.68 20.82 10.70
C ALA A 344 18.37 20.83 9.35
N LEU A 345 18.39 19.68 8.68
CA LEU A 345 19.03 19.58 7.36
C LEU A 345 18.41 20.50 6.32
N ALA A 346 17.26 21.09 6.65
CA ALA A 346 16.59 21.97 5.72
C ALA A 346 17.45 23.19 5.42
N ILE A 347 18.25 23.60 6.40
CA ILE A 347 19.10 24.76 6.27
C ILE A 347 20.14 24.52 5.20
N PRO A 348 20.95 23.45 5.34
CA PRO A 348 21.95 23.21 4.31
C PRO A 348 21.32 22.74 2.98
N GLU A 349 20.09 22.23 3.02
CA GLU A 349 19.44 21.80 1.78
C GLU A 349 19.00 23.03 0.98
N LEU A 350 18.48 24.02 1.66
CA LEU A 350 18.04 25.24 0.99
C LEU A 350 19.24 25.91 0.31
N MET A 351 20.37 25.92 1.01
CA MET A 351 21.61 26.49 0.47
C MET A 351 22.07 25.67 -0.75
N ARG A 352 21.97 24.34 -0.64
CA ARG A 352 22.35 23.47 -1.77
C ARG A 352 21.51 23.86 -2.99
N ILE A 353 20.21 24.00 -2.80
CA ILE A 353 19.31 24.34 -3.90
C ILE A 353 19.67 25.67 -4.50
N PHE A 354 19.83 26.69 -3.66
CA PHE A 354 20.17 28.04 -4.10
C PHE A 354 21.52 28.11 -4.83
N VAL A 355 22.55 27.52 -4.22
CA VAL A 355 23.90 27.54 -4.80
C VAL A 355 24.11 26.59 -5.97
N ASP A 356 24.05 25.28 -5.71
CA ASP A 356 24.25 24.27 -6.75
C ASP A 356 23.23 24.25 -7.85
N ILE A 357 21.98 24.56 -7.53
CA ILE A 357 20.91 24.51 -8.53
C ILE A 357 20.54 25.85 -9.14
N GLU A 358 20.18 26.79 -8.28
CA GLU A 358 19.75 28.08 -8.75
C GLU A 358 20.90 29.01 -9.07
N LYS A 359 22.11 28.51 -8.86
CA LYS A 359 23.32 29.26 -9.17
C LYS A 359 23.49 30.60 -8.47
N LEU A 360 22.97 30.72 -7.25
CA LEU A 360 23.11 31.98 -6.52
C LEU A 360 24.45 31.94 -5.79
N PRO A 361 25.05 33.13 -5.55
CA PRO A 361 26.33 33.14 -4.84
C PRO A 361 26.10 32.82 -3.36
N TRP A 362 27.06 32.17 -2.73
CA TRP A 362 26.95 31.83 -1.33
C TRP A 362 26.38 32.92 -0.44
N SER A 363 26.97 34.11 -0.53
CA SER A 363 26.55 35.24 0.30
C SER A 363 25.05 35.51 0.23
N LYS A 364 24.53 35.63 -0.98
CA LYS A 364 23.10 35.89 -1.17
C LYS A 364 22.24 34.70 -0.67
N ALA A 365 22.67 33.49 -1.00
CA ALA A 365 21.95 32.28 -0.59
C ALA A 365 21.83 32.30 0.93
N TRP A 366 22.94 32.56 1.60
CA TRP A 366 22.97 32.60 3.05
C TRP A 366 22.01 33.64 3.61
N GLU A 367 22.01 34.82 3.02
CA GLU A 367 21.12 35.88 3.48
C GLU A 367 19.64 35.46 3.42
N LEU A 368 19.21 34.99 2.26
CA LEU A 368 17.82 34.58 2.08
C LEU A 368 17.45 33.40 2.99
N THR A 369 18.43 32.54 3.27
CA THR A 369 18.22 31.37 4.10
C THR A 369 17.86 31.75 5.51
N GLN A 370 18.69 32.59 6.14
CA GLN A 370 18.43 32.99 7.51
C GLN A 370 17.09 33.67 7.62
N LYS A 371 16.75 34.50 6.65
CA LYS A 371 15.47 35.19 6.65
C LYS A 371 14.26 34.26 6.44
N THR A 372 14.51 33.06 5.92
CA THR A 372 13.46 32.05 5.66
C THR A 372 13.14 31.15 6.86
N PHE A 373 14.18 30.72 7.56
CA PHE A 373 14.01 29.82 8.69
C PHE A 373 13.91 30.42 10.07
N ALA A 374 13.13 29.77 10.92
CA ALA A 374 12.97 30.13 12.32
C ALA A 374 12.97 28.75 12.96
N TYR A 375 13.58 28.65 14.13
CA TYR A 375 13.71 27.41 14.85
C TYR A 375 13.08 27.40 16.24
N THR A 376 12.37 26.31 16.57
CA THR A 376 11.76 26.13 17.87
C THR A 376 12.47 25.03 18.62
N ASN A 377 13.05 25.38 19.76
CA ASN A 377 13.75 24.43 20.61
C ASN A 377 12.71 23.92 21.60
N HIS A 378 12.55 22.59 21.66
CA HIS A 378 11.55 21.97 22.52
C HIS A 378 12.10 21.19 23.69
N THR A 379 13.39 21.28 23.96
CA THR A 379 13.89 20.48 25.05
C THR A 379 15.30 20.79 25.53
N VAL A 380 15.60 20.47 26.78
CA VAL A 380 16.93 20.70 27.30
C VAL A 380 17.49 19.45 28.01
N LEU A 381 16.89 18.29 27.77
CA LEU A 381 17.41 17.06 28.36
C LEU A 381 18.58 16.61 27.48
N PRO A 382 19.75 16.39 28.10
CA PRO A 382 20.98 15.96 27.43
C PRO A 382 20.79 14.84 26.42
N GLU A 383 20.19 13.75 26.88
CA GLU A 383 19.97 12.59 26.04
C GLU A 383 19.05 12.82 24.84
N ALA A 384 18.38 13.96 24.80
CA ALA A 384 17.48 14.24 23.70
C ALA A 384 18.12 15.04 22.58
N LEU A 385 19.32 15.55 22.85
CA LEU A 385 20.05 16.38 21.87
C LEU A 385 20.48 15.63 20.63
N GLU A 386 20.17 16.18 19.47
CA GLU A 386 20.53 15.57 18.21
C GLU A 386 21.96 15.91 17.85
N ARG A 387 22.80 14.90 17.82
CA ARG A 387 24.22 15.05 17.50
C ARG A 387 24.61 13.89 16.60
N TRP A 388 24.53 14.14 15.30
CA TRP A 388 24.82 13.15 14.30
C TRP A 388 26.31 13.01 14.03
N PRO A 389 26.81 11.76 14.02
CA PRO A 389 28.24 11.60 13.76
C PRO A 389 28.59 12.04 12.34
N VAL A 390 29.67 12.81 12.23
CA VAL A 390 30.12 13.32 10.95
C VAL A 390 30.28 12.21 9.90
N ASP A 391 30.84 11.06 10.29
CA ASP A 391 31.03 9.97 9.33
C ASP A 391 29.73 9.49 8.69
N LEU A 392 28.65 9.47 9.47
CA LEU A 392 27.36 9.04 8.96
C LEU A 392 26.86 10.06 7.93
N VAL A 393 26.95 11.34 8.29
CA VAL A 393 26.51 12.40 7.40
C VAL A 393 27.35 12.45 6.13
N GLU A 394 28.65 12.16 6.24
CA GLU A 394 29.52 12.18 5.06
C GLU A 394 29.17 11.12 4.03
N LYS A 395 28.84 9.94 4.53
CA LYS A 395 28.47 8.81 3.69
C LYS A 395 27.10 9.03 3.04
N LEU A 396 26.14 9.44 3.84
CA LEU A 396 24.78 9.63 3.33
C LEU A 396 24.55 10.93 2.57
N LEU A 397 25.01 12.04 3.14
CA LEU A 397 24.79 13.35 2.55
C LEU A 397 26.10 14.13 2.40
N PRO A 398 26.99 13.68 1.48
CA PRO A 398 28.27 14.34 1.28
C PRO A 398 28.20 15.81 0.95
N ARG A 399 27.24 16.21 0.12
CA ARG A 399 27.16 17.62 -0.23
C ARG A 399 26.69 18.45 0.95
N HIS A 400 25.84 17.87 1.80
CA HIS A 400 25.35 18.61 2.95
C HIS A 400 26.44 18.77 4.01
N LEU A 401 27.32 17.79 4.13
CA LEU A 401 28.39 17.89 5.10
C LEU A 401 29.30 19.07 4.69
N GLU A 402 29.67 19.10 3.42
CA GLU A 402 30.51 20.18 2.90
C GLU A 402 29.90 21.53 3.23
N ILE A 403 28.62 21.71 2.89
CA ILE A 403 27.96 22.98 3.14
C ILE A 403 27.91 23.35 4.62
N ILE A 404 27.77 22.33 5.48
CA ILE A 404 27.72 22.54 6.91
C ILE A 404 29.08 23.02 7.41
N TYR A 405 30.15 22.45 6.87
CA TYR A 405 31.49 22.86 7.26
C TYR A 405 31.68 24.32 6.84
N GLU A 406 31.23 24.67 5.64
CA GLU A 406 31.37 26.03 5.21
C GLU A 406 30.63 26.95 6.19
N ILE A 407 29.35 26.65 6.44
CA ILE A 407 28.54 27.44 7.36
C ILE A 407 29.30 27.66 8.66
N ASN A 408 29.83 26.57 9.21
CA ASN A 408 30.56 26.67 10.46
C ASN A 408 31.82 27.55 10.32
N GLN A 409 32.54 27.43 9.21
CA GLN A 409 33.75 28.21 9.01
C GLN A 409 33.47 29.73 9.04
N LYS A 410 32.46 30.15 8.30
CA LYS A 410 32.08 31.55 8.25
C LYS A 410 31.55 31.95 9.62
N HIS A 411 31.04 30.95 10.34
CA HIS A 411 30.51 31.14 11.69
C HIS A 411 31.64 31.45 12.68
N LEU A 412 32.65 30.59 12.72
CA LEU A 412 33.77 30.79 13.65
C LEU A 412 34.67 31.97 13.29
N ASP A 413 34.89 32.19 12.00
CA ASP A 413 35.73 33.30 11.57
C ASP A 413 35.19 34.61 12.14
N ARG A 414 33.87 34.75 12.21
CA ARG A 414 33.27 35.96 12.74
C ARG A 414 33.48 36.09 14.24
N ILE A 415 33.44 34.96 14.93
CA ILE A 415 33.65 34.97 16.37
C ILE A 415 35.09 35.28 16.66
N VAL A 416 36.02 34.62 15.96
CA VAL A 416 37.44 34.84 16.15
C VAL A 416 37.74 36.32 16.00
N ALA A 417 36.97 36.99 15.15
CA ALA A 417 37.13 38.40 14.91
C ALA A 417 36.69 39.20 16.14
N LEU A 418 35.42 39.07 16.52
CA LEU A 418 34.88 39.78 17.67
C LEU A 418 35.55 39.40 18.99
N PHE A 419 36.04 38.16 19.09
CA PHE A 419 36.67 37.70 20.32
C PHE A 419 37.98 36.97 20.04
N PRO A 420 38.99 37.69 19.56
CA PRO A 420 40.32 37.16 19.22
C PRO A 420 40.95 36.17 20.20
N LYS A 421 40.90 36.46 21.50
CA LYS A 421 41.52 35.57 22.48
C LYS A 421 40.73 34.31 22.85
N ASP A 422 39.46 34.48 23.21
CA ASP A 422 38.58 33.38 23.63
C ASP A 422 38.59 32.18 22.70
N VAL A 423 39.53 31.26 22.93
CA VAL A 423 39.62 30.08 22.08
C VAL A 423 38.54 29.09 22.48
N ASP A 424 38.23 29.01 23.76
CA ASP A 424 37.21 28.08 24.22
C ASP A 424 35.81 28.49 23.75
N ARG A 425 35.64 29.77 23.42
CA ARG A 425 34.34 30.24 22.96
C ARG A 425 34.09 29.60 21.59
N LEU A 426 35.12 29.57 20.74
CA LEU A 426 34.99 28.96 19.41
C LEU A 426 34.61 27.50 19.54
N ARG A 427 35.20 26.83 20.51
CA ARG A 427 34.92 25.42 20.73
C ARG A 427 33.45 25.24 21.13
N ARG A 428 32.96 26.15 21.97
CA ARG A 428 31.59 26.05 22.46
C ARG A 428 30.51 26.38 21.42
N MET A 429 30.81 27.29 20.51
CA MET A 429 29.84 27.71 19.50
C MET A 429 29.93 27.01 18.15
N SER A 430 30.89 26.11 18.02
CA SER A 430 31.10 25.36 16.79
C SER A 430 29.93 24.44 16.47
N LEU A 431 29.62 24.27 15.18
CA LEU A 431 28.54 23.38 14.81
C LEU A 431 29.09 21.97 14.93
N ILE A 432 30.40 21.87 15.07
CA ILE A 432 31.03 20.56 15.18
C ILE A 432 31.63 20.25 16.54
N GLU A 433 31.34 19.05 17.03
CA GLU A 433 31.88 18.57 18.30
C GLU A 433 32.99 17.62 17.90
N GLU A 434 34.24 18.02 18.13
CA GLU A 434 35.38 17.18 17.75
C GLU A 434 35.93 16.27 18.84
N GLU A 435 35.27 16.27 20.00
CA GLU A 435 35.72 15.47 21.15
C GLU A 435 35.67 13.95 20.95
N GLY A 436 36.60 13.42 20.16
CA GLY A 436 36.63 11.98 19.93
C GLY A 436 35.84 11.60 18.69
N SER A 437 34.62 11.15 18.91
CA SER A 437 33.73 10.77 17.81
C SER A 437 33.09 12.07 17.31
N LYS A 438 33.67 12.64 16.26
CA LYS A 438 33.16 13.89 15.71
C LYS A 438 31.71 13.85 15.24
N ARG A 439 30.90 14.78 15.75
CA ARG A 439 29.51 14.86 15.36
C ARG A 439 29.02 16.29 15.19
N ILE A 440 27.89 16.42 14.51
CA ILE A 440 27.29 17.71 14.24
C ILE A 440 26.23 18.07 15.29
N ASN A 441 26.35 19.27 15.84
CA ASN A 441 25.38 19.76 16.83
C ASN A 441 24.27 20.43 16.05
N MET A 442 23.19 19.69 15.78
CA MET A 442 22.09 20.23 14.97
C MET A 442 21.43 21.50 15.51
N ALA A 443 21.38 21.66 16.84
CA ALA A 443 20.78 22.88 17.40
C ALA A 443 21.63 24.09 17.01
N HIS A 444 22.96 23.93 17.00
CA HIS A 444 23.84 25.03 16.63
C HIS A 444 23.61 25.40 15.19
N LEU A 445 23.42 24.39 14.34
CA LEU A 445 23.15 24.64 12.92
C LEU A 445 21.81 25.37 12.75
N CYS A 446 20.82 25.03 13.56
CA CYS A 446 19.52 25.70 13.50
C CYS A 446 19.61 27.13 13.98
N ILE A 447 20.45 27.37 14.99
CA ILE A 447 20.60 28.71 15.51
C ILE A 447 21.22 29.66 14.45
N VAL A 448 22.36 29.27 13.85
CA VAL A 448 22.98 30.17 12.87
C VAL A 448 22.22 30.27 11.54
N GLY A 449 21.47 29.25 11.17
CA GLY A 449 20.72 29.32 9.93
C GLY A 449 19.35 29.95 10.06
N SER A 450 18.92 30.31 11.27
CA SER A 450 17.59 30.91 11.50
C SER A 450 17.66 32.36 11.98
N HIS A 451 16.63 33.14 11.68
CA HIS A 451 16.59 34.55 12.12
C HIS A 451 15.90 34.70 13.49
N ALA A 452 15.25 33.62 13.94
CA ALA A 452 14.57 33.60 15.24
C ALA A 452 14.61 32.18 15.81
N VAL A 453 14.82 32.12 17.11
CA VAL A 453 14.89 30.86 17.87
C VAL A 453 13.94 31.06 19.05
N ASN A 454 13.03 30.12 19.29
CA ASN A 454 12.15 30.29 20.44
C ASN A 454 11.97 29.04 21.28
N GLY A 455 11.68 29.27 22.55
CA GLY A 455 11.42 28.19 23.49
C GLY A 455 9.90 28.14 23.56
N VAL A 456 9.34 27.19 24.29
CA VAL A 456 7.88 27.05 24.31
C VAL A 456 7.15 27.39 25.60
N ALA A 457 7.88 28.01 26.53
CA ALA A 457 7.32 28.45 27.80
C ALA A 457 8.33 29.46 28.35
N LYS A 458 7.85 30.52 28.99
CA LYS A 458 8.73 31.55 29.52
C LYS A 458 9.97 31.04 30.25
N ILE A 459 9.77 30.19 31.25
CA ILE A 459 10.89 29.68 32.01
C ILE A 459 11.84 28.92 31.10
N HIS A 460 11.28 28.21 30.14
CA HIS A 460 12.04 27.42 29.18
C HIS A 460 12.84 28.30 28.21
N SER A 461 12.18 29.26 27.60
CA SER A 461 12.83 30.15 26.68
C SER A 461 13.95 30.93 27.38
N ASP A 462 13.78 31.24 28.66
CA ASP A 462 14.79 31.96 29.44
C ASP A 462 16.06 31.12 29.56
N ILE A 463 15.90 29.87 30.00
CA ILE A 463 17.00 28.93 30.15
C ILE A 463 17.69 28.67 28.81
N VAL A 464 16.91 28.62 27.73
CA VAL A 464 17.47 28.39 26.41
C VAL A 464 18.35 29.57 26.01
N LYS A 465 17.84 30.78 26.24
CA LYS A 465 18.56 32.01 25.90
C LYS A 465 19.77 32.37 26.77
N THR A 466 19.60 32.26 28.08
CA THR A 466 20.64 32.65 29.02
C THR A 466 21.60 31.57 29.49
N LYS A 467 21.22 30.31 29.39
CA LYS A 467 22.13 29.24 29.79
C LYS A 467 22.62 28.46 28.58
N VAL A 468 21.83 27.48 28.16
CA VAL A 468 22.18 26.62 27.04
C VAL A 468 22.80 27.32 25.84
N PHE A 469 22.23 28.45 25.43
CA PHE A 469 22.76 29.14 24.26
C PHE A 469 23.25 30.56 24.50
N LYS A 470 23.78 30.79 25.71
CA LYS A 470 24.29 32.09 26.11
C LYS A 470 25.24 32.71 25.09
N ASP A 471 26.25 31.96 24.68
CA ASP A 471 27.22 32.46 23.70
C ASP A 471 26.56 32.97 22.44
N PHE A 472 25.44 32.35 22.04
CA PHE A 472 24.75 32.79 20.84
C PHE A 472 23.84 33.99 21.08
N SER A 473 23.14 34.03 22.22
CA SER A 473 22.24 35.15 22.50
C SER A 473 22.99 36.44 22.84
N GLU A 474 24.18 36.32 23.42
CA GLU A 474 24.95 37.52 23.77
C GLU A 474 25.42 38.13 22.47
N LEU A 475 25.73 37.26 21.52
CA LEU A 475 26.20 37.63 20.20
C LEU A 475 25.03 38.19 19.41
N GLU A 476 23.83 37.64 19.65
CA GLU A 476 22.61 38.06 18.96
C GLU A 476 21.41 38.06 19.90
N PRO A 477 21.23 39.13 20.67
CA PRO A 477 20.14 39.31 21.64
C PRO A 477 18.72 39.08 21.09
N ASP A 478 18.38 39.86 20.07
CA ASP A 478 17.06 39.85 19.44
C ASP A 478 16.65 38.56 18.72
N LYS A 479 17.59 37.62 18.55
CA LYS A 479 17.28 36.38 17.86
C LYS A 479 16.42 35.43 18.70
N PHE A 480 16.69 35.37 20.00
CA PHE A 480 15.99 34.49 20.92
C PHE A 480 14.67 35.03 21.46
N GLN A 481 13.61 34.24 21.32
CA GLN A 481 12.26 34.65 21.74
C GLN A 481 11.56 33.56 22.56
N ASN A 482 10.37 33.90 23.04
CA ASN A 482 9.54 32.93 23.73
C ASN A 482 8.23 32.94 22.97
N LYS A 483 7.56 31.81 22.98
CA LYS A 483 6.26 31.65 22.36
C LYS A 483 5.65 30.53 23.19
N THR A 484 4.87 30.91 24.21
CA THR A 484 4.28 29.91 25.07
C THR A 484 3.29 29.05 24.32
N ASN A 485 3.40 27.74 24.55
CA ASN A 485 2.55 26.78 23.89
C ASN A 485 1.08 27.03 24.16
N GLY A 486 0.24 26.37 23.36
CA GLY A 486 -1.20 26.49 23.50
C GLY A 486 -1.84 25.23 22.94
N ILE A 487 -3.16 25.12 23.10
CA ILE A 487 -3.92 23.98 22.60
C ILE A 487 -5.14 24.51 21.90
N THR A 488 -5.64 23.83 20.87
CA THR A 488 -6.85 24.34 20.22
C THR A 488 -8.12 24.08 21.02
N PRO A 489 -8.92 25.13 21.23
CA PRO A 489 -10.16 24.99 21.99
C PRO A 489 -11.27 24.33 21.16
N ARG A 490 -10.98 23.96 19.92
CA ARG A 490 -11.99 23.26 19.14
C ARG A 490 -11.91 21.81 19.61
N ARG A 491 -10.80 21.17 19.28
CA ARG A 491 -10.60 19.78 19.68
C ARG A 491 -10.63 19.57 21.19
N TRP A 492 -9.90 20.41 21.93
CA TRP A 492 -9.82 20.26 23.36
C TRP A 492 -10.88 20.94 24.23
N LEU A 493 -12.00 21.33 23.62
CA LEU A 493 -13.11 21.88 24.38
C LEU A 493 -14.42 21.55 23.65
N LEU A 494 -14.64 22.20 22.52
CA LEU A 494 -15.86 21.97 21.75
C LEU A 494 -16.05 20.48 21.46
N LEU A 495 -15.02 19.88 20.88
CA LEU A 495 -15.10 18.48 20.53
C LEU A 495 -15.16 17.52 21.70
N CYS A 496 -14.15 17.53 22.57
CA CYS A 496 -14.10 16.59 23.70
C CYS A 496 -15.04 16.81 24.89
N ASN A 497 -15.54 18.04 25.06
CA ASN A 497 -16.42 18.34 26.20
C ASN A 497 -17.57 19.25 25.76
N PRO A 498 -18.45 18.76 24.88
CA PRO A 498 -19.57 19.62 24.44
C PRO A 498 -20.44 20.16 25.60
N GLY A 499 -20.68 19.34 26.62
CA GLY A 499 -21.45 19.80 27.77
C GLY A 499 -20.86 21.09 28.36
N LEU A 500 -19.54 21.15 28.51
CA LEU A 500 -18.88 22.33 29.03
C LEU A 500 -18.93 23.50 28.04
N ALA A 501 -18.60 23.23 26.78
CA ALA A 501 -18.62 24.27 25.78
C ALA A 501 -20.01 24.91 25.70
N GLU A 502 -21.04 24.07 25.83
CA GLU A 502 -22.41 24.55 25.80
C GLU A 502 -22.76 25.40 27.02
N LEU A 503 -22.37 24.93 28.21
CA LEU A 503 -22.64 25.63 29.48
C LEU A 503 -21.96 26.98 29.43
N ILE A 504 -20.71 27.00 28.99
CA ILE A 504 -19.99 28.28 28.89
C ILE A 504 -20.71 29.20 27.89
N ALA A 505 -21.02 28.68 26.70
CA ALA A 505 -21.69 29.48 25.68
C ALA A 505 -23.00 30.09 26.13
N GLU A 506 -23.72 29.39 26.99
CA GLU A 506 -24.99 29.90 27.49
C GLU A 506 -24.77 31.10 28.39
N LYS A 507 -23.66 31.09 29.13
CA LYS A 507 -23.35 32.19 30.01
C LYS A 507 -22.75 33.40 29.27
N ILE A 508 -21.77 33.18 28.40
CA ILE A 508 -21.11 34.31 27.75
C ILE A 508 -21.07 34.38 26.22
N GLY A 509 -21.83 33.53 25.53
CA GLY A 509 -21.79 33.57 24.08
C GLY A 509 -20.73 32.65 23.49
N GLU A 510 -20.63 32.63 22.16
CA GLU A 510 -19.70 31.75 21.47
C GLU A 510 -18.39 32.39 21.03
N ASP A 511 -18.27 33.70 21.19
CA ASP A 511 -17.05 34.39 20.81
C ASP A 511 -15.79 33.77 21.39
N TYR A 512 -15.92 33.13 22.55
CA TYR A 512 -14.76 32.52 23.18
C TYR A 512 -14.09 31.45 22.31
N VAL A 513 -14.87 30.80 21.44
CA VAL A 513 -14.29 29.76 20.59
C VAL A 513 -13.11 30.30 19.79
N LYS A 514 -13.29 31.46 19.19
CA LYS A 514 -12.24 32.10 18.37
C LYS A 514 -11.36 33.09 19.13
N ASP A 515 -11.73 33.41 20.37
CA ASP A 515 -10.94 34.32 21.21
C ASP A 515 -11.12 33.78 22.61
N LEU A 516 -10.26 32.84 22.98
CA LEU A 516 -10.40 32.20 24.26
C LEU A 516 -10.21 33.11 25.45
N SER A 517 -9.54 34.25 25.27
CA SER A 517 -9.35 35.17 26.39
C SER A 517 -10.72 35.65 26.87
N GLN A 518 -11.76 35.39 26.09
CA GLN A 518 -13.13 35.76 26.45
C GLN A 518 -13.63 34.94 27.65
N LEU A 519 -12.95 33.85 27.98
CA LEU A 519 -13.37 33.05 29.11
C LEU A 519 -13.28 33.82 30.44
N THR A 520 -12.47 34.89 30.50
CA THR A 520 -12.35 35.66 31.75
C THR A 520 -13.69 36.23 32.21
N LYS A 521 -14.62 36.42 31.28
CA LYS A 521 -15.95 36.90 31.64
C LYS A 521 -16.59 35.93 32.62
N LEU A 522 -16.18 34.67 32.57
CA LEU A 522 -16.71 33.66 33.48
C LEU A 522 -16.53 34.09 34.95
N HIS A 523 -15.57 34.99 35.19
CA HIS A 523 -15.32 35.47 36.55
C HIS A 523 -16.56 36.05 37.20
N SER A 524 -17.45 36.61 36.38
CA SER A 524 -18.70 37.21 36.86
C SER A 524 -19.59 36.25 37.60
N PHE A 525 -19.39 34.96 37.40
CA PHE A 525 -20.25 33.96 38.04
C PHE A 525 -19.68 33.24 39.24
N LEU A 526 -18.61 33.78 39.83
CA LEU A 526 -17.99 33.13 40.99
C LEU A 526 -18.89 32.92 42.22
N GLY A 527 -19.93 33.74 42.37
CA GLY A 527 -20.84 33.58 43.48
C GLY A 527 -22.18 33.03 43.04
N ASP A 528 -22.25 32.65 41.76
CA ASP A 528 -23.48 32.11 41.17
C ASP A 528 -23.58 30.63 41.54
N ASP A 529 -24.36 30.35 42.58
CA ASP A 529 -24.53 28.98 43.08
C ASP A 529 -25.09 28.01 42.05
N VAL A 530 -26.14 28.43 41.35
CA VAL A 530 -26.75 27.57 40.34
C VAL A 530 -25.76 27.24 39.21
N PHE A 531 -24.96 28.22 38.81
CA PHE A 531 -23.97 27.99 37.77
C PHE A 531 -22.92 26.98 38.26
N LEU A 532 -22.48 27.11 39.51
CA LEU A 532 -21.50 26.19 40.06
C LEU A 532 -22.07 24.76 40.07
N ARG A 533 -23.37 24.66 40.33
CA ARG A 533 -24.00 23.34 40.34
C ARG A 533 -24.03 22.78 38.91
N GLU A 534 -24.29 23.65 37.94
CA GLU A 534 -24.34 23.25 36.54
C GLU A 534 -22.96 22.82 36.04
N LEU A 535 -21.94 23.48 36.55
CA LEU A 535 -20.58 23.19 36.20
C LEU A 535 -20.22 21.81 36.73
N ALA A 536 -20.54 21.60 38.01
CA ALA A 536 -20.27 20.32 38.63
C ALA A 536 -21.08 19.20 37.98
N LYS A 537 -22.25 19.50 37.43
CA LYS A 537 -23.03 18.44 36.80
C LYS A 537 -22.36 17.97 35.51
N VAL A 538 -21.81 18.93 34.76
CA VAL A 538 -21.11 18.61 33.52
C VAL A 538 -19.93 17.67 33.83
N LYS A 539 -19.18 17.97 34.89
CA LYS A 539 -18.04 17.12 35.27
C LYS A 539 -18.54 15.74 35.64
N GLN A 540 -19.64 15.70 36.41
CA GLN A 540 -20.23 14.44 36.83
C GLN A 540 -20.64 13.56 35.66
N GLU A 541 -21.32 14.15 34.70
CA GLU A 541 -21.76 13.41 33.52
C GLU A 541 -20.56 12.88 32.74
N ASN A 542 -19.50 13.70 32.64
CA ASN A 542 -18.29 13.25 31.95
C ASN A 542 -17.70 12.09 32.72
N LYS A 543 -17.81 12.14 34.04
CA LYS A 543 -17.27 11.08 34.86
C LYS A 543 -18.05 9.78 34.73
N LEU A 544 -19.36 9.87 34.63
CA LEU A 544 -20.19 8.68 34.48
C LEU A 544 -19.88 8.03 33.14
N LYS A 545 -19.89 8.85 32.10
CA LYS A 545 -19.60 8.40 30.75
C LYS A 545 -18.25 7.66 30.70
N PHE A 546 -17.21 8.24 31.29
CA PHE A 546 -15.90 7.59 31.29
C PHE A 546 -15.81 6.40 32.24
N SER A 547 -16.59 6.42 33.33
CA SER A 547 -16.60 5.30 34.27
C SER A 547 -17.16 4.09 33.54
N GLN A 548 -18.04 4.33 32.58
CA GLN A 548 -18.62 3.26 31.79
C GLN A 548 -17.54 2.71 30.88
N PHE A 549 -16.70 3.60 30.36
CA PHE A 549 -15.60 3.18 29.48
C PHE A 549 -14.66 2.28 30.29
N LEU A 550 -14.33 2.70 31.50
CA LEU A 550 -13.43 1.94 32.37
C LEU A 550 -13.94 0.55 32.76
N GLU A 551 -15.18 0.49 33.23
CA GLU A 551 -15.77 -0.76 33.64
C GLU A 551 -15.90 -1.74 32.48
N THR A 552 -16.22 -1.26 31.28
CA THR A 552 -16.32 -2.19 30.17
C THR A 552 -14.96 -2.57 29.61
N GLU A 553 -13.94 -1.75 29.86
CA GLU A 553 -12.61 -2.04 29.36
C GLU A 553 -11.73 -2.75 30.39
N TYR A 554 -12.01 -2.54 31.67
CA TYR A 554 -11.23 -3.19 32.73
C TYR A 554 -12.15 -3.89 33.73
N LYS A 555 -11.58 -4.76 34.55
CA LYS A 555 -12.37 -5.48 35.56
C LYS A 555 -13.06 -4.48 36.49
N VAL A 556 -12.22 -3.81 37.26
CA VAL A 556 -12.59 -2.80 38.25
C VAL A 556 -13.96 -2.15 38.23
N LYS A 557 -14.51 -1.95 39.42
CA LYS A 557 -15.80 -1.29 39.62
C LYS A 557 -15.44 0.14 40.02
N ILE A 558 -15.97 1.12 39.29
CA ILE A 558 -15.63 2.51 39.59
C ILE A 558 -16.62 3.26 40.48
N ASN A 559 -16.07 3.90 41.52
CA ASN A 559 -16.87 4.71 42.42
C ASN A 559 -17.04 6.00 41.62
N PRO A 560 -18.23 6.21 41.03
CA PRO A 560 -18.52 7.39 40.22
C PRO A 560 -18.37 8.72 40.94
N SER A 561 -18.44 8.69 42.28
CA SER A 561 -18.33 9.91 43.07
C SER A 561 -16.91 10.18 43.59
N SER A 562 -16.01 9.21 43.44
CA SER A 562 -14.65 9.41 43.89
C SER A 562 -13.97 10.48 43.05
N MET A 563 -12.85 11.00 43.53
CA MET A 563 -12.08 12.03 42.83
C MET A 563 -11.24 11.37 41.73
N PHE A 564 -11.39 11.81 40.49
CA PHE A 564 -10.61 11.23 39.40
C PHE A 564 -9.27 11.95 39.32
N ASP A 565 -8.27 11.30 39.89
CA ASP A 565 -6.89 11.76 39.99
C ASP A 565 -6.18 11.19 38.75
N VAL A 566 -5.81 12.06 37.81
CA VAL A 566 -5.21 11.57 36.57
C VAL A 566 -3.83 12.04 36.12
N GLN A 567 -3.04 11.10 35.61
CA GLN A 567 -1.71 11.42 35.08
C GLN A 567 -1.53 10.63 33.78
N VAL A 568 -1.76 11.30 32.66
CA VAL A 568 -1.62 10.69 31.34
C VAL A 568 -0.66 11.54 30.50
N LYS A 569 0.35 10.86 29.96
CA LYS A 569 1.41 11.48 29.17
C LYS A 569 2.42 10.35 28.94
N ARG A 570 3.41 10.58 28.09
CA ARG A 570 4.40 9.53 27.86
C ARG A 570 5.10 9.17 29.18
N ILE A 571 5.48 7.91 29.33
CA ILE A 571 6.15 7.47 30.55
C ILE A 571 7.60 7.94 30.48
N HIS A 572 7.99 8.71 31.50
CA HIS A 572 9.33 9.27 31.60
C HIS A 572 9.77 9.37 33.05
N GLU A 573 11.06 9.19 33.31
CA GLU A 573 11.55 9.31 34.67
C GLU A 573 11.41 10.76 35.10
N TYR A 574 11.61 11.69 34.16
CA TYR A 574 11.51 13.11 34.47
C TYR A 574 10.07 13.58 34.68
N LYS A 575 9.11 12.89 34.08
CA LYS A 575 7.71 13.27 34.25
C LYS A 575 7.20 12.70 35.58
N ARG A 576 7.97 11.74 36.08
CA ARG A 576 7.73 11.08 37.36
C ARG A 576 6.42 10.39 37.69
N GLN A 577 5.87 9.56 36.81
CA GLN A 577 4.67 8.88 37.26
C GLN A 577 5.12 7.95 38.44
N LEU A 578 6.44 7.80 38.63
CA LEU A 578 6.99 7.00 39.73
C LEU A 578 6.66 7.67 41.08
N LEU A 579 6.83 9.00 41.13
CA LEU A 579 6.52 9.75 42.34
C LEU A 579 5.04 9.50 42.65
N ASN A 580 4.20 9.61 41.63
CA ASN A 580 2.75 9.38 41.75
C ASN A 580 2.52 7.98 42.33
N CYS A 581 3.22 7.00 41.78
CA CYS A 581 3.07 5.63 42.25
C CYS A 581 3.40 5.52 43.74
N LEU A 582 4.36 6.30 44.21
CA LEU A 582 4.73 6.27 45.63
C LEU A 582 3.56 6.82 46.44
N HIS A 583 2.92 7.86 45.93
CA HIS A 583 1.80 8.44 46.64
C HIS A 583 0.65 7.44 46.72
N VAL A 584 0.44 6.69 45.64
CA VAL A 584 -0.62 5.70 45.62
C VAL A 584 -0.40 4.62 46.68
N ILE A 585 0.82 4.10 46.74
CA ILE A 585 1.14 3.07 47.70
C ILE A 585 0.98 3.65 49.10
N THR A 586 1.35 4.92 49.25
CA THR A 586 1.22 5.59 50.54
C THR A 586 -0.24 5.59 50.99
N MET A 587 -1.16 5.95 50.08
CA MET A 587 -2.59 5.99 50.39
C MET A 587 -3.15 4.62 50.73
N TYR A 588 -2.63 3.59 50.07
CA TYR A 588 -3.06 2.22 50.33
C TYR A 588 -2.68 1.83 51.76
N ASN A 589 -1.45 2.17 52.18
CA ASN A 589 -1.00 1.81 53.51
C ASN A 589 -1.80 2.53 54.58
N ARG A 590 -2.15 3.79 54.32
CA ARG A 590 -2.94 4.56 55.27
C ARG A 590 -4.27 3.86 55.48
N ILE A 591 -4.82 3.33 54.39
CA ILE A 591 -6.11 2.64 54.45
C ILE A 591 -5.96 1.31 55.21
N LYS A 592 -4.89 0.59 54.91
CA LYS A 592 -4.64 -0.69 55.57
C LYS A 592 -4.49 -0.52 57.08
N LYS A 593 -3.95 0.62 57.50
CA LYS A 593 -3.76 0.89 58.92
C LYS A 593 -5.05 1.35 59.58
N ASP A 594 -5.65 2.40 59.05
CA ASP A 594 -6.87 2.98 59.60
C ASP A 594 -8.05 2.82 58.63
N PRO A 595 -8.54 1.59 58.44
CA PRO A 595 -9.65 1.30 57.53
C PRO A 595 -10.90 2.17 57.66
N LYS A 596 -11.13 2.72 58.86
CA LYS A 596 -12.31 3.54 59.09
C LYS A 596 -12.11 5.05 59.08
N LYS A 597 -10.87 5.49 58.88
CA LYS A 597 -10.61 6.93 58.85
C LYS A 597 -11.33 7.57 57.67
N LEU A 598 -11.96 8.72 57.89
CA LEU A 598 -12.65 9.43 56.81
C LEU A 598 -11.65 9.67 55.67
N PHE A 599 -11.90 9.04 54.53
CA PHE A 599 -11.03 9.14 53.37
C PHE A 599 -11.83 9.58 52.15
N VAL A 600 -11.36 10.60 51.44
CA VAL A 600 -12.05 11.00 50.23
C VAL A 600 -11.66 9.90 49.23
N PRO A 601 -12.66 9.16 48.70
CA PRO A 601 -12.37 8.10 47.75
C PRO A 601 -11.79 8.63 46.45
N ARG A 602 -10.86 7.88 45.88
CA ARG A 602 -10.24 8.26 44.62
C ARG A 602 -10.18 7.14 43.59
N THR A 603 -10.14 7.53 42.32
CA THR A 603 -9.92 6.58 41.25
C THR A 603 -8.67 7.22 40.67
N VAL A 604 -7.53 6.56 40.84
CA VAL A 604 -6.26 7.06 40.35
C VAL A 604 -5.96 6.45 38.99
N ILE A 605 -5.87 7.29 37.97
CA ILE A 605 -5.59 6.81 36.62
C ILE A 605 -4.24 7.29 36.13
N ILE A 606 -3.43 6.34 35.65
CA ILE A 606 -2.11 6.68 35.14
C ILE A 606 -1.93 5.94 33.82
N GLY A 607 -1.64 6.68 32.76
CA GLY A 607 -1.46 6.02 31.47
C GLY A 607 -0.44 6.72 30.60
N GLY A 608 0.05 6.00 29.58
CA GLY A 608 1.02 6.58 28.69
C GLY A 608 1.89 5.49 28.11
N LYS A 609 2.48 5.76 26.96
CA LYS A 609 3.35 4.78 26.31
C LYS A 609 4.81 5.02 26.69
N ALA A 610 5.56 3.93 26.76
CA ALA A 610 6.98 4.00 27.07
C ALA A 610 7.67 3.69 25.74
N ALA A 611 8.78 4.36 25.47
CA ALA A 611 9.51 4.05 24.25
C ALA A 611 9.93 2.59 24.38
N PRO A 612 9.88 1.82 23.29
CA PRO A 612 10.25 0.39 23.32
C PRO A 612 11.58 0.01 24.01
N GLY A 613 12.63 0.78 23.78
CA GLY A 613 13.89 0.44 24.40
C GLY A 613 14.16 1.17 25.70
N TYR A 614 13.15 1.81 26.27
CA TYR A 614 13.36 2.55 27.52
C TYR A 614 13.04 1.63 28.69
N HIS A 615 14.06 0.96 29.20
CA HIS A 615 13.92 0.02 30.30
C HIS A 615 13.28 0.58 31.57
N MET A 616 13.77 1.71 32.08
CA MET A 616 13.19 2.23 33.32
C MET A 616 11.70 2.53 33.12
N ALA A 617 11.35 3.08 31.96
CA ALA A 617 9.96 3.39 31.65
C ALA A 617 9.10 2.13 31.70
N LYS A 618 9.58 1.05 31.11
CA LYS A 618 8.83 -0.19 31.11
C LYS A 618 8.70 -0.81 32.50
N MET A 619 9.74 -0.65 33.32
CA MET A 619 9.73 -1.15 34.70
C MET A 619 8.71 -0.36 35.53
N ILE A 620 8.65 0.96 35.31
CA ILE A 620 7.71 1.80 36.05
C ILE A 620 6.27 1.38 35.72
N ILE A 621 6.00 1.07 34.44
CA ILE A 621 4.66 0.64 34.05
C ILE A 621 4.31 -0.65 34.82
N LYS A 622 5.23 -1.61 34.80
CA LYS A 622 5.03 -2.89 35.50
C LYS A 622 4.80 -2.66 36.99
N LEU A 623 5.48 -1.68 37.56
CA LEU A 623 5.31 -1.34 38.97
C LEU A 623 3.87 -0.88 39.20
N ILE A 624 3.42 0.07 38.39
CA ILE A 624 2.08 0.60 38.52
C ILE A 624 1.02 -0.49 38.36
N THR A 625 1.13 -1.34 37.34
CA THR A 625 0.14 -2.40 37.18
C THR A 625 0.15 -3.36 38.37
N SER A 626 1.33 -3.61 38.93
CA SER A 626 1.46 -4.49 40.09
C SER A 626 0.76 -3.85 41.31
N VAL A 627 1.00 -2.56 41.49
CA VAL A 627 0.40 -1.84 42.59
C VAL A 627 -1.11 -1.85 42.44
N ALA A 628 -1.60 -1.54 41.24
CA ALA A 628 -3.03 -1.52 40.98
C ALA A 628 -3.74 -2.86 41.28
N ASP A 629 -3.06 -3.97 40.97
CA ASP A 629 -3.61 -5.31 41.19
C ASP A 629 -3.82 -5.62 42.69
N VAL A 630 -2.92 -5.11 43.52
CA VAL A 630 -3.02 -5.32 44.95
C VAL A 630 -4.13 -4.42 45.46
N VAL A 631 -4.02 -3.13 45.18
CA VAL A 631 -5.02 -2.17 45.63
C VAL A 631 -6.46 -2.52 45.23
N ASN A 632 -6.66 -2.78 43.95
CA ASN A 632 -8.00 -3.09 43.44
C ASN A 632 -8.61 -4.39 43.98
N ASN A 633 -7.77 -5.28 44.50
CA ASN A 633 -8.25 -6.55 45.01
C ASN A 633 -8.10 -6.76 46.52
N ASP A 634 -7.80 -5.70 47.26
CA ASP A 634 -7.70 -5.85 48.70
C ASP A 634 -9.06 -5.46 49.28
N PRO A 635 -9.74 -6.43 49.94
CA PRO A 635 -11.06 -6.30 50.57
C PRO A 635 -11.17 -5.11 51.51
N MET A 636 -10.08 -4.77 52.20
CA MET A 636 -10.11 -3.66 53.13
C MET A 636 -10.29 -2.28 52.47
N VAL A 637 -9.71 -2.07 51.30
CA VAL A 637 -9.86 -0.76 50.64
C VAL A 637 -11.16 -0.66 49.85
N GLY A 638 -11.51 -1.72 49.12
CA GLY A 638 -12.73 -1.72 48.34
C GLY A 638 -12.91 -0.46 47.52
N SER A 639 -14.13 0.09 47.53
CA SER A 639 -14.47 1.28 46.77
C SER A 639 -13.78 2.56 47.22
N LYS A 640 -12.89 2.48 48.21
CA LYS A 640 -12.15 3.65 48.69
C LYS A 640 -11.10 4.12 47.69
N LEU A 641 -10.41 3.17 47.05
CA LEU A 641 -9.34 3.50 46.12
C LEU A 641 -9.22 2.47 44.99
N LYS A 642 -9.30 2.95 43.75
CA LYS A 642 -9.16 2.09 42.58
C LYS A 642 -8.03 2.68 41.74
N VAL A 643 -7.21 1.80 41.15
CA VAL A 643 -6.10 2.25 40.36
C VAL A 643 -6.19 1.63 38.97
N ILE A 644 -6.00 2.46 37.95
CA ILE A 644 -6.08 2.01 36.56
C ILE A 644 -4.88 2.48 35.73
N PHE A 645 -4.22 1.56 35.03
CA PHE A 645 -3.14 1.98 34.13
C PHE A 645 -3.90 2.06 32.80
N LEU A 646 -4.19 3.29 32.34
CA LEU A 646 -4.96 3.53 31.11
C LEU A 646 -4.19 3.05 29.92
N GLU A 647 -4.70 2.05 29.20
CA GLU A 647 -3.94 1.52 28.09
C GLU A 647 -4.08 2.26 26.77
N ASN A 648 -3.00 2.25 26.01
CA ASN A 648 -2.96 2.85 24.68
C ASN A 648 -3.35 4.33 24.68
N TYR A 649 -2.75 5.08 25.60
CA TYR A 649 -3.04 6.49 25.67
C TYR A 649 -2.65 7.11 24.35
N ARG A 650 -3.60 7.84 23.77
CA ARG A 650 -3.43 8.49 22.48
C ARG A 650 -4.45 9.62 22.40
N VAL A 651 -4.39 10.39 21.32
CA VAL A 651 -5.28 11.53 21.14
C VAL A 651 -6.77 11.27 21.34
N SER A 652 -7.33 10.25 20.67
CA SER A 652 -8.76 10.00 20.84
C SER A 652 -9.10 9.58 22.28
N LEU A 653 -8.18 8.94 23.00
CA LEU A 653 -8.41 8.55 24.40
C LEU A 653 -8.20 9.77 25.35
N ALA A 654 -7.33 10.70 24.97
CA ALA A 654 -7.15 11.90 25.79
C ALA A 654 -8.48 12.67 25.81
N GLU A 655 -9.17 12.69 24.67
CA GLU A 655 -10.43 13.41 24.53
C GLU A 655 -11.53 12.83 25.43
N LYS A 656 -11.35 11.58 25.84
CA LYS A 656 -12.33 10.94 26.72
C LYS A 656 -11.99 11.17 28.19
N VAL A 657 -10.74 10.88 28.58
CA VAL A 657 -10.37 10.99 29.96
C VAL A 657 -10.20 12.41 30.52
N ILE A 658 -9.67 13.32 29.71
CA ILE A 658 -9.46 14.67 30.17
C ILE A 658 -10.76 15.34 30.71
N PRO A 659 -11.87 15.33 29.96
CA PRO A 659 -13.10 15.96 30.46
C PRO A 659 -13.67 15.34 31.76
N ALA A 660 -13.26 14.10 32.05
CA ALA A 660 -13.72 13.39 33.25
C ALA A 660 -12.77 13.56 34.44
N THR A 661 -11.76 14.39 34.30
CA THR A 661 -10.76 14.55 35.34
C THR A 661 -11.00 15.64 36.39
N ASP A 662 -10.73 15.30 37.65
CA ASP A 662 -10.84 16.24 38.78
C ASP A 662 -9.48 16.83 39.16
N LEU A 663 -8.45 15.97 39.18
CA LEU A 663 -7.09 16.36 39.55
C LEU A 663 -6.09 15.95 38.47
N SER A 664 -5.44 16.96 37.90
CA SER A 664 -4.45 16.79 36.86
C SER A 664 -3.01 16.75 37.42
N GLU A 665 -2.33 15.62 37.23
CA GLU A 665 -0.98 15.44 37.70
C GLU A 665 0.05 15.99 36.69
N GLN A 666 0.71 17.07 37.07
CA GLN A 666 1.74 17.71 36.24
C GLN A 666 2.93 17.90 37.18
N ILE A 667 3.60 16.78 37.48
CA ILE A 667 4.66 16.76 38.47
C ILE A 667 6.11 16.55 38.07
N SER A 668 6.48 17.01 36.89
CA SER A 668 7.85 16.86 36.42
C SER A 668 8.79 17.57 37.39
N THR A 669 10.06 17.17 37.41
CA THR A 669 11.03 17.82 38.28
C THR A 669 11.29 19.21 37.68
N ALA A 670 11.25 20.25 38.53
CA ALA A 670 11.46 21.61 38.05
C ALA A 670 12.67 21.67 37.10
N GLY A 671 12.45 22.29 35.95
CA GLY A 671 13.48 22.41 34.95
C GLY A 671 13.45 21.36 33.84
N THR A 672 12.61 20.33 33.97
CA THR A 672 12.57 19.24 32.97
C THR A 672 11.50 19.26 31.89
N GLU A 673 10.31 19.80 32.18
CA GLU A 673 9.24 19.86 31.18
C GLU A 673 9.29 21.26 30.52
N ALA A 674 9.80 21.35 29.30
CA ALA A 674 9.90 22.64 28.62
C ALA A 674 8.62 23.48 28.73
N SER A 675 7.47 22.84 28.53
CA SER A 675 6.21 23.57 28.62
C SER A 675 5.08 22.68 29.12
N GLY A 676 4.76 21.68 28.31
CA GLY A 676 3.67 20.79 28.63
C GLY A 676 2.47 21.41 27.92
N THR A 677 1.48 20.58 27.60
CA THR A 677 0.24 21.05 26.96
C THR A 677 -0.91 20.21 27.52
N GLY A 678 -0.60 19.01 28.00
CA GLY A 678 -1.65 18.21 28.61
C GLY A 678 -2.11 19.03 29.81
N ASN A 679 -1.17 19.70 30.49
CA ASN A 679 -1.55 20.52 31.64
C ASN A 679 -2.63 21.53 31.27
N MET A 680 -2.50 22.12 30.08
CA MET A 680 -3.47 23.10 29.57
C MET A 680 -4.82 22.51 29.26
N LYS A 681 -4.83 21.29 28.71
CA LYS A 681 -6.08 20.64 28.37
C LYS A 681 -6.92 20.40 29.62
N PHE A 682 -6.31 19.90 30.68
CA PHE A 682 -7.03 19.64 31.93
C PHE A 682 -7.58 20.95 32.52
N MET A 683 -6.77 22.01 32.48
CA MET A 683 -7.20 23.29 33.02
C MET A 683 -8.48 23.76 32.34
N LEU A 684 -8.46 23.70 31.00
CA LEU A 684 -9.59 24.11 30.18
C LEU A 684 -10.82 23.26 30.42
N ASN A 685 -10.63 22.00 30.81
CA ASN A 685 -11.76 21.11 31.03
C ASN A 685 -12.27 20.91 32.45
N GLY A 686 -11.89 21.79 33.36
CA GLY A 686 -12.43 21.69 34.69
C GLY A 686 -11.75 20.83 35.73
N ALA A 687 -10.48 20.52 35.52
CA ALA A 687 -9.75 19.76 36.52
C ALA A 687 -8.85 20.75 37.26
N LEU A 688 -8.48 20.42 38.48
CA LEU A 688 -7.57 21.27 39.25
C LEU A 688 -6.20 20.63 39.04
N THR A 689 -5.15 21.43 39.15
CA THR A 689 -3.82 20.94 38.91
C THR A 689 -2.92 20.81 40.11
N ILE A 690 -2.26 19.65 40.24
CA ILE A 690 -1.28 19.49 41.31
C ILE A 690 0.01 19.35 40.52
N GLY A 691 0.93 20.28 40.72
CA GLY A 691 2.18 20.23 39.99
C GLY A 691 3.33 21.05 40.56
N THR A 692 4.44 21.01 39.84
CA THR A 692 5.62 21.76 40.24
C THR A 692 5.65 23.07 39.46
N MET A 693 6.54 23.98 39.86
CA MET A 693 6.70 25.25 39.17
C MET A 693 7.64 24.93 37.99
N ASP A 694 7.08 24.30 36.95
CA ASP A 694 7.87 23.89 35.78
C ASP A 694 7.11 24.17 34.47
N GLY A 695 7.86 24.39 33.39
CA GLY A 695 7.24 24.67 32.10
C GLY A 695 6.10 25.68 32.20
N ALA A 696 5.01 25.42 31.48
CA ALA A 696 3.87 26.33 31.52
C ALA A 696 3.08 26.24 32.82
N ASN A 697 3.39 25.29 33.70
CA ASN A 697 2.65 25.23 34.96
C ASN A 697 2.82 26.61 35.61
N VAL A 698 4.00 27.19 35.44
CA VAL A 698 4.29 28.52 36.02
C VAL A 698 3.35 29.59 35.48
N GLU A 699 3.12 29.61 34.18
CA GLU A 699 2.21 30.62 33.62
C GLU A 699 0.74 30.33 33.93
N MET A 700 0.43 29.06 34.17
CA MET A 700 -0.95 28.70 34.51
C MET A 700 -1.22 29.32 35.87
N ALA A 701 -0.22 29.24 36.75
CA ALA A 701 -0.30 29.80 38.11
C ALA A 701 -0.44 31.32 38.03
N GLU A 702 0.33 31.96 37.14
CA GLU A 702 0.26 33.41 36.98
C GLU A 702 -1.13 33.83 36.52
N GLU A 703 -1.69 33.12 35.54
CA GLU A 703 -3.01 33.48 35.02
C GLU A 703 -4.15 33.23 36.00
N ALA A 704 -4.16 32.08 36.63
CA ALA A 704 -5.25 31.72 37.53
C ALA A 704 -5.06 32.13 38.98
N GLY A 705 -3.83 32.48 39.34
CA GLY A 705 -3.53 32.83 40.72
C GLY A 705 -2.94 31.57 41.30
N GLU A 706 -1.75 31.68 41.90
CA GLU A 706 -1.06 30.53 42.45
C GLU A 706 -1.85 29.78 43.50
N GLU A 707 -2.69 30.48 44.25
CA GLU A 707 -3.46 29.83 45.28
C GLU A 707 -4.53 28.92 44.69
N ASN A 708 -4.78 29.08 43.40
CA ASN A 708 -5.80 28.28 42.74
C ASN A 708 -5.24 27.01 42.05
N LEU A 709 -3.97 26.73 42.32
CA LEU A 709 -3.34 25.50 41.81
C LEU A 709 -2.64 24.92 43.02
N PHE A 710 -2.48 23.60 43.03
CA PHE A 710 -1.79 22.93 44.10
C PHE A 710 -0.34 22.77 43.71
N ILE A 711 0.41 23.86 43.84
CA ILE A 711 1.84 23.87 43.53
C ILE A 711 2.57 23.32 44.73
N PHE A 712 3.65 22.59 44.49
CA PHE A 712 4.42 22.00 45.57
C PHE A 712 5.85 21.74 45.09
N GLY A 713 6.67 21.26 46.03
CA GLY A 713 8.04 20.88 45.72
C GLY A 713 9.10 21.89 45.35
N MET A 714 10.26 21.38 44.97
CA MET A 714 11.39 22.21 44.58
C MET A 714 11.14 23.01 43.32
N ARG A 715 11.64 24.23 43.34
CA ARG A 715 11.52 25.09 42.20
C ARG A 715 12.89 24.97 41.53
N ILE A 716 13.11 25.68 40.44
CA ILE A 716 14.38 25.56 39.73
C ILE A 716 15.62 25.84 40.56
N ASP A 717 15.56 26.83 41.43
CA ASP A 717 16.70 27.16 42.25
C ASP A 717 17.00 26.08 43.28
N ASP A 718 15.95 25.48 43.83
CA ASP A 718 16.11 24.42 44.81
C ASP A 718 16.82 23.23 44.19
N VAL A 719 16.49 22.91 42.94
CA VAL A 719 17.12 21.79 42.25
C VAL A 719 18.61 22.06 42.09
N ALA A 720 18.95 23.28 41.66
CA ALA A 720 20.34 23.68 41.48
C ALA A 720 21.11 23.51 42.79
N ALA A 721 20.62 24.15 43.84
CA ALA A 721 21.24 24.08 45.16
C ALA A 721 21.44 22.65 45.63
N LEU A 722 20.42 21.83 45.49
CA LEU A 722 20.52 20.44 45.92
C LEU A 722 21.57 19.72 45.09
N ASP A 723 21.73 20.15 43.85
CA ASP A 723 22.72 19.54 42.98
C ASP A 723 24.10 19.78 43.56
N LYS A 724 24.44 21.06 43.70
CA LYS A 724 25.74 21.46 44.23
C LYS A 724 26.08 20.65 45.47
N LYS A 725 25.24 20.75 46.48
CA LYS A 725 25.42 20.03 47.74
C LYS A 725 25.62 18.53 47.53
N GLY A 726 24.95 18.00 46.50
CA GLY A 726 25.04 16.59 46.24
C GLY A 726 23.79 15.94 46.78
N TYR A 727 23.08 15.24 45.91
CA TYR A 727 21.83 14.60 46.32
C TYR A 727 22.01 13.19 46.84
N GLU A 728 21.71 12.98 48.12
CA GLU A 728 21.83 11.65 48.68
C GLU A 728 20.44 11.11 49.02
N ALA A 729 19.90 10.31 48.11
CA ALA A 729 18.58 9.74 48.26
C ALA A 729 18.30 9.08 49.61
N LYS A 730 19.31 8.44 50.19
CA LYS A 730 19.16 7.75 51.48
C LYS A 730 18.55 8.61 52.57
N GLU A 731 19.02 9.86 52.68
CA GLU A 731 18.52 10.74 53.71
C GLU A 731 17.00 10.73 53.81
N TYR A 732 16.31 11.04 52.71
CA TYR A 732 14.84 11.08 52.72
C TYR A 732 14.25 9.75 53.12
N TYR A 733 14.78 8.67 52.57
CA TYR A 733 14.30 7.34 52.89
C TYR A 733 14.33 7.11 54.40
N GLU A 734 15.48 7.38 55.01
CA GLU A 734 15.62 7.20 56.46
C GLU A 734 14.76 8.22 57.18
N ALA A 735 14.77 9.46 56.70
CA ALA A 735 14.03 10.56 57.31
C ALA A 735 12.51 10.56 57.21
N LEU A 736 11.93 9.77 56.30
CA LEU A 736 10.48 9.74 56.13
C LEU A 736 9.87 8.36 56.25
N PRO A 737 9.29 8.03 57.40
CA PRO A 737 8.67 6.72 57.68
C PRO A 737 7.65 6.20 56.66
N GLU A 738 6.75 7.05 56.19
CA GLU A 738 5.79 6.59 55.21
C GLU A 738 6.49 6.22 53.90
N LEU A 739 7.56 6.93 53.58
CA LEU A 739 8.33 6.65 52.35
C LEU A 739 9.07 5.32 52.48
N LYS A 740 9.67 5.08 53.66
CA LYS A 740 10.41 3.84 53.91
C LYS A 740 9.54 2.60 53.72
N LEU A 741 8.35 2.63 54.30
CA LEU A 741 7.43 1.52 54.17
C LEU A 741 7.15 1.24 52.68
N VAL A 742 6.92 2.32 51.94
CA VAL A 742 6.65 2.22 50.51
C VAL A 742 7.83 1.55 49.83
N ILE A 743 9.01 2.14 50.03
CA ILE A 743 10.23 1.63 49.44
C ILE A 743 10.52 0.19 49.83
N ASP A 744 10.45 -0.12 51.12
CA ASP A 744 10.71 -1.49 51.55
C ASP A 744 9.74 -2.48 50.90
N GLN A 745 8.47 -2.09 50.80
CA GLN A 745 7.46 -2.95 50.18
C GLN A 745 7.78 -3.26 48.73
N ILE A 746 8.18 -2.25 47.97
CA ILE A 746 8.50 -2.45 46.56
C ILE A 746 9.73 -3.35 46.48
N ASP A 747 10.69 -3.06 47.35
CA ASP A 747 11.95 -3.78 47.39
C ASP A 747 11.90 -5.23 47.89
N ASN A 748 10.98 -5.53 48.80
CA ASN A 748 10.88 -6.87 49.38
C ASN A 748 9.91 -7.82 48.70
N GLY A 749 9.27 -7.35 47.63
CA GLY A 749 8.37 -8.21 46.90
C GLY A 749 6.90 -8.14 47.25
N PHE A 750 6.54 -7.23 48.15
CA PHE A 750 5.15 -7.08 48.56
C PHE A 750 4.26 -6.92 47.34
N PHE A 751 4.74 -6.19 46.36
CA PHE A 751 3.97 -5.96 45.13
C PHE A 751 4.32 -6.88 43.99
N SER A 752 5.10 -7.91 44.29
CA SER A 752 5.51 -8.91 43.30
C SER A 752 5.96 -10.19 44.02
N PRO A 753 5.08 -10.77 44.83
CA PRO A 753 5.43 -11.99 45.57
C PRO A 753 6.23 -13.05 44.81
N LYS A 754 5.75 -13.44 43.63
CA LYS A 754 6.41 -14.46 42.83
C LYS A 754 7.80 -14.09 42.28
N GLN A 755 8.16 -12.82 42.40
CA GLN A 755 9.46 -12.35 41.93
C GLN A 755 9.85 -11.20 42.86
N PRO A 756 10.15 -11.52 44.12
CA PRO A 756 10.53 -10.53 45.12
C PRO A 756 11.54 -9.47 44.72
N ASP A 757 12.44 -9.79 43.80
CA ASP A 757 13.46 -8.83 43.39
C ASP A 757 13.20 -8.15 42.04
N LEU A 758 11.99 -8.33 41.53
CA LEU A 758 11.57 -7.77 40.25
C LEU A 758 11.86 -6.29 40.07
N PHE A 759 11.63 -5.50 41.12
CA PHE A 759 11.83 -4.07 41.04
C PHE A 759 13.18 -3.52 41.49
N LYS A 760 14.17 -4.41 41.52
CA LYS A 760 15.53 -4.10 41.93
C LYS A 760 16.11 -2.89 41.19
N ASP A 761 15.97 -2.85 39.87
CA ASP A 761 16.49 -1.73 39.10
C ASP A 761 15.85 -0.42 39.50
N ILE A 762 14.54 -0.44 39.75
CA ILE A 762 13.85 0.79 40.16
C ILE A 762 14.48 1.28 41.48
N ILE A 763 14.58 0.38 42.45
CA ILE A 763 15.16 0.68 43.76
C ILE A 763 16.59 1.24 43.65
N ASN A 764 17.40 0.60 42.80
CA ASN A 764 18.78 1.01 42.60
C ASN A 764 18.88 2.42 42.02
N MET A 765 18.09 2.67 40.97
CA MET A 765 18.07 3.98 40.32
C MET A 765 17.66 5.03 41.35
N LEU A 766 16.65 4.70 42.14
CA LEU A 766 16.11 5.62 43.15
C LEU A 766 17.12 6.05 44.22
N PHE A 767 17.90 5.11 44.72
CA PHE A 767 18.88 5.44 45.75
C PHE A 767 20.18 6.00 45.22
N TYR A 768 20.63 5.51 44.07
CA TYR A 768 21.92 5.92 43.54
C TYR A 768 22.05 6.64 42.20
N HIS A 769 21.00 6.68 41.39
CA HIS A 769 21.13 7.35 40.09
C HIS A 769 19.92 8.17 39.65
N ASP A 770 19.10 8.59 40.61
CA ASP A 770 17.91 9.37 40.26
C ASP A 770 18.20 10.82 40.01
N ARG A 771 18.31 11.23 38.75
CA ARG A 771 18.57 12.64 38.52
C ARG A 771 17.33 13.49 38.50
N PHE A 772 16.18 12.88 38.84
CA PHE A 772 14.94 13.63 38.87
C PHE A 772 14.41 13.79 40.30
N LYS A 773 15.31 13.54 41.24
CA LYS A 773 15.05 13.71 42.68
C LYS A 773 13.68 13.30 43.18
N VAL A 774 13.26 12.08 42.89
CA VAL A 774 11.95 11.62 43.33
C VAL A 774 11.73 11.78 44.85
N PHE A 775 12.65 11.24 45.65
CA PHE A 775 12.50 11.32 47.11
C PHE A 775 12.51 12.75 47.63
N ALA A 776 13.22 13.63 46.91
CA ALA A 776 13.33 15.04 47.29
C ALA A 776 12.02 15.82 47.25
N ASP A 777 11.04 15.34 46.49
CA ASP A 777 9.75 16.01 46.42
C ASP A 777 8.65 15.18 47.05
N TYR A 778 8.98 13.94 47.44
CA TYR A 778 7.99 13.05 48.05
C TYR A 778 7.20 13.71 49.18
N GLU A 779 7.90 14.24 50.17
CA GLU A 779 7.25 14.88 51.31
C GLU A 779 6.27 15.98 50.93
N ALA A 780 6.79 16.99 50.23
CA ALA A 780 5.96 18.11 49.80
C ALA A 780 4.81 17.63 48.90
N TYR A 781 5.07 16.60 48.08
CA TYR A 781 4.05 16.07 47.20
C TYR A 781 2.90 15.46 48.01
N VAL A 782 3.22 14.55 48.93
CA VAL A 782 2.18 13.92 49.75
C VAL A 782 1.40 14.96 50.60
N LYS A 783 2.11 15.95 51.14
CA LYS A 783 1.43 16.98 51.94
C LYS A 783 0.43 17.71 51.06
N CYS A 784 0.83 17.98 49.82
CA CYS A 784 -0.01 18.66 48.85
C CYS A 784 -1.24 17.82 48.53
N GLN A 785 -1.03 16.53 48.27
CA GLN A 785 -2.13 15.62 47.98
C GLN A 785 -3.20 15.65 49.07
N ASP A 786 -2.77 15.72 50.33
CA ASP A 786 -3.74 15.75 51.43
C ASP A 786 -4.56 17.02 51.37
N LYS A 787 -3.93 18.13 51.03
CA LYS A 787 -4.67 19.38 50.92
C LYS A 787 -5.70 19.28 49.79
N VAL A 788 -5.37 18.55 48.73
CA VAL A 788 -6.30 18.36 47.62
C VAL A 788 -7.53 17.64 48.14
N SER A 789 -7.32 16.54 48.84
CA SER A 789 -8.45 15.78 49.38
C SER A 789 -9.28 16.67 50.31
N GLN A 790 -8.61 17.51 51.08
CA GLN A 790 -9.32 18.42 51.99
C GLN A 790 -10.28 19.29 51.21
N LEU A 791 -9.77 19.96 50.19
CA LEU A 791 -10.61 20.83 49.39
C LEU A 791 -11.76 20.08 48.71
N TYR A 792 -11.47 18.88 48.22
CA TYR A 792 -12.46 18.06 47.54
C TYR A 792 -13.71 17.81 48.37
N MET A 793 -13.55 17.78 49.70
CA MET A 793 -14.66 17.56 50.62
C MET A 793 -15.57 18.79 50.65
N ASN A 794 -15.09 19.89 50.09
CA ASN A 794 -15.84 21.12 50.05
C ASN A 794 -16.22 21.42 48.60
N PRO A 795 -17.25 20.74 48.10
CA PRO A 795 -17.75 20.90 46.72
C PRO A 795 -17.86 22.35 46.21
N LYS A 796 -18.37 23.25 47.04
CA LYS A 796 -18.51 24.65 46.61
C LYS A 796 -17.15 25.33 46.51
N ALA A 797 -16.27 25.06 47.47
CA ALA A 797 -14.95 25.66 47.44
C ALA A 797 -14.20 25.05 46.23
N TRP A 798 -14.30 23.73 46.08
CA TRP A 798 -13.63 23.05 44.97
C TRP A 798 -14.06 23.58 43.60
N ASN A 799 -15.37 23.70 43.39
CA ASN A 799 -15.83 24.15 42.10
C ASN A 799 -15.59 25.63 41.82
N THR A 800 -15.41 26.38 42.90
CA THR A 800 -15.14 27.80 42.76
C THR A 800 -13.71 27.94 42.19
N MET A 801 -12.79 27.13 42.71
CA MET A 801 -11.41 27.16 42.24
C MET A 801 -11.35 26.64 40.79
N VAL A 802 -12.18 25.64 40.50
CA VAL A 802 -12.24 25.11 39.14
C VAL A 802 -12.64 26.23 38.20
N LEU A 803 -13.69 26.97 38.58
CA LEU A 803 -14.16 28.08 37.76
C LEU A 803 -13.07 29.11 37.57
N LYS A 804 -12.28 29.36 38.62
CA LYS A 804 -11.18 30.33 38.51
C LYS A 804 -10.12 29.80 37.54
N ASN A 805 -9.95 28.48 37.47
CA ASN A 805 -9.01 27.92 36.51
C ASN A 805 -9.56 28.05 35.08
N ILE A 806 -10.77 27.56 34.85
CA ILE A 806 -11.38 27.67 33.54
C ILE A 806 -11.39 29.12 33.06
N ALA A 807 -11.77 30.04 33.95
CA ALA A 807 -11.86 31.45 33.56
C ALA A 807 -10.51 32.09 33.20
N ALA A 808 -9.43 31.53 33.70
CA ALA A 808 -8.08 32.02 33.41
C ALA A 808 -7.32 31.20 32.36
N SER A 809 -7.97 30.22 31.75
CA SER A 809 -7.30 29.37 30.77
C SER A 809 -7.15 29.95 29.37
N GLY A 810 -7.78 31.11 29.14
CA GLY A 810 -7.75 31.77 27.84
C GLY A 810 -6.38 31.95 27.19
N LYS A 811 -5.36 32.32 27.98
CA LYS A 811 -4.04 32.51 27.40
C LYS A 811 -3.52 31.28 26.64
N PHE A 812 -3.94 30.12 27.10
CA PHE A 812 -3.49 28.87 26.55
C PHE A 812 -4.11 28.35 25.26
N SER A 813 -4.84 29.20 24.55
CA SER A 813 -5.38 28.79 23.28
C SER A 813 -4.24 28.88 22.25
N SER A 814 -4.13 27.91 21.35
CA SER A 814 -3.08 27.95 20.35
C SER A 814 -3.32 29.07 19.32
N ASP A 815 -4.50 29.69 19.37
CA ASP A 815 -4.78 30.81 18.49
C ASP A 815 -3.92 32.00 18.94
N ARG A 816 -3.72 32.13 20.24
CA ARG A 816 -2.89 33.23 20.74
C ARG A 816 -1.42 32.90 20.46
N THR A 817 -1.05 31.65 20.63
CA THR A 817 0.32 31.26 20.33
C THR A 817 0.64 31.55 18.87
N ILE A 818 -0.27 31.17 17.97
CA ILE A 818 -0.05 31.40 16.55
C ILE A 818 -0.03 32.90 16.19
N LYS A 819 -0.85 33.71 16.86
CA LYS A 819 -0.83 35.15 16.59
C LYS A 819 0.55 35.71 16.86
N GLU A 820 1.14 35.33 18.00
CA GLU A 820 2.48 35.78 18.36
C GLU A 820 3.52 35.27 17.34
N TYR A 821 3.38 34.03 16.86
CA TYR A 821 4.33 33.49 15.86
C TYR A 821 4.19 34.28 14.53
N ALA A 822 2.95 34.54 14.12
CA ALA A 822 2.67 35.27 12.90
C ALA A 822 3.21 36.70 12.95
N GLN A 823 3.05 37.34 14.10
CA GLN A 823 3.48 38.73 14.29
C GLN A 823 4.95 38.99 14.55
N ASN A 824 5.58 38.14 15.36
CA ASN A 824 6.97 38.33 15.71
C ASN A 824 8.00 37.47 15.02
N ILE A 825 7.55 36.50 14.21
CA ILE A 825 8.50 35.64 13.53
C ILE A 825 8.26 35.45 12.04
N TRP A 826 7.05 35.08 11.67
CA TRP A 826 6.73 34.83 10.27
C TRP A 826 6.36 36.09 9.52
N ASN A 827 5.89 37.08 10.27
CA ASN A 827 5.46 38.32 9.66
C ASN A 827 4.35 38.05 8.64
N VAL A 828 3.31 37.34 9.06
CA VAL A 828 2.18 37.03 8.20
C VAL A 828 0.91 37.53 8.85
N GLU A 829 -0.13 37.73 8.06
CA GLU A 829 -1.40 38.22 8.57
C GLU A 829 -2.56 37.34 8.18
N PRO A 830 -3.56 37.25 9.05
CA PRO A 830 -4.76 36.44 8.86
C PRO A 830 -5.68 36.87 7.72
N SER A 831 -6.97 36.66 7.97
CA SER A 831 -8.06 36.96 7.05
C SER A 831 -9.34 36.62 7.80
N ASP A 832 -9.86 37.58 8.58
CA ASP A 832 -11.07 37.37 9.36
C ASP A 832 -12.28 38.09 8.76
N ASN B 24 -29.07 9.24 -20.28
CA ASN B 24 -28.53 9.91 -21.45
C ASN B 24 -27.17 10.55 -21.20
N VAL B 25 -26.71 11.29 -22.21
CA VAL B 25 -25.42 11.96 -22.21
C VAL B 25 -25.33 13.06 -21.16
N ALA B 26 -26.40 13.81 -20.97
CA ALA B 26 -26.36 14.89 -19.99
C ALA B 26 -26.05 14.38 -18.58
N GLU B 27 -26.61 13.23 -18.21
CA GLU B 27 -26.37 12.69 -16.87
C GLU B 27 -24.95 12.17 -16.71
N LEU B 28 -24.41 11.53 -17.75
CA LEU B 28 -23.03 11.03 -17.72
C LEU B 28 -22.06 12.23 -17.55
N LYS B 29 -22.31 13.32 -18.26
CA LYS B 29 -21.42 14.50 -18.14
C LYS B 29 -21.51 15.08 -16.73
N LYS B 30 -22.72 15.05 -16.18
CA LYS B 30 -22.97 15.55 -14.83
C LYS B 30 -22.23 14.67 -13.79
N SER B 31 -22.25 13.36 -13.96
CA SER B 31 -21.55 12.47 -13.02
C SER B 31 -20.05 12.67 -13.15
N PHE B 32 -19.61 12.92 -14.37
CA PHE B 32 -18.20 13.12 -14.61
C PHE B 32 -17.70 14.35 -13.86
N ASN B 33 -18.44 15.44 -13.97
CA ASN B 33 -18.04 16.69 -13.31
C ASN B 33 -18.12 16.52 -11.78
N ARG B 34 -19.10 15.75 -11.35
CA ARG B 34 -19.29 15.48 -9.94
C ARG B 34 -18.07 14.69 -9.44
N HIS B 35 -17.66 13.67 -10.17
CA HIS B 35 -16.49 12.89 -9.74
C HIS B 35 -15.19 13.71 -9.81
N LEU B 36 -15.00 14.48 -10.88
CA LEU B 36 -13.81 15.30 -11.01
C LEU B 36 -13.69 16.20 -9.77
N HIS B 37 -14.82 16.79 -9.38
CA HIS B 37 -14.85 17.69 -8.22
C HIS B 37 -14.69 16.96 -6.86
N PHE B 38 -15.67 16.15 -6.49
CA PHE B 38 -15.66 15.45 -5.20
C PHE B 38 -14.70 14.26 -5.06
N THR B 39 -14.49 13.52 -6.13
CA THR B 39 -13.63 12.36 -6.05
C THR B 39 -12.15 12.68 -6.34
N LEU B 40 -11.90 13.56 -7.31
CA LEU B 40 -10.52 13.92 -7.65
C LEU B 40 -10.08 15.27 -7.09
N VAL B 41 -11.04 16.02 -6.55
CA VAL B 41 -10.74 17.33 -5.99
C VAL B 41 -10.12 18.29 -7.02
N LYS B 42 -10.70 18.35 -8.21
CA LYS B 42 -10.17 19.23 -9.24
C LYS B 42 -11.24 19.96 -10.00
N ASP B 43 -10.82 20.97 -10.74
CA ASP B 43 -11.73 21.70 -11.61
C ASP B 43 -11.03 21.60 -12.98
N ARG B 44 -11.69 22.02 -14.06
CA ARG B 44 -11.12 21.89 -15.41
C ARG B 44 -9.77 22.53 -15.68
N ASN B 45 -9.48 23.64 -15.02
CA ASN B 45 -8.21 24.29 -15.30
C ASN B 45 -7.06 23.72 -14.50
N VAL B 46 -7.33 22.78 -13.61
CA VAL B 46 -6.27 22.20 -12.79
C VAL B 46 -6.21 20.67 -12.93
N ALA B 47 -7.24 20.08 -13.51
CA ALA B 47 -7.25 18.63 -13.66
C ALA B 47 -6.12 18.12 -14.58
N THR B 48 -5.57 16.95 -14.27
CA THR B 48 -4.53 16.37 -15.12
C THR B 48 -5.24 15.35 -16.00
N THR B 49 -4.55 14.83 -17.01
CA THR B 49 -5.16 13.85 -17.89
C THR B 49 -5.59 12.65 -17.05
N ARG B 50 -4.74 12.29 -16.09
CA ARG B 50 -5.02 11.17 -15.19
C ARG B 50 -6.30 11.40 -14.36
N ASP B 51 -6.54 12.64 -13.93
CA ASP B 51 -7.77 12.94 -13.18
C ASP B 51 -9.00 12.70 -14.06
N TYR B 52 -8.87 13.08 -15.33
CA TYR B 52 -9.98 12.90 -16.26
C TYR B 52 -10.25 11.41 -16.44
N TYR B 53 -9.19 10.62 -16.57
CA TYR B 53 -9.38 9.16 -16.75
C TYR B 53 -10.09 8.59 -15.52
N PHE B 54 -9.60 8.96 -14.34
CA PHE B 54 -10.19 8.49 -13.10
C PHE B 54 -11.63 8.96 -12.95
N ALA B 55 -11.90 10.19 -13.36
CA ALA B 55 -13.26 10.70 -13.26
C ALA B 55 -14.21 9.88 -14.14
N LEU B 56 -13.78 9.57 -15.36
CA LEU B 56 -14.62 8.78 -16.28
C LEU B 56 -14.76 7.33 -15.78
N ALA B 57 -13.70 6.80 -15.18
CA ALA B 57 -13.72 5.45 -14.65
C ALA B 57 -14.73 5.35 -13.53
N HIS B 58 -14.76 6.37 -12.66
CA HIS B 58 -15.72 6.37 -11.56
C HIS B 58 -17.16 6.48 -12.08
N THR B 59 -17.34 7.32 -13.10
CA THR B 59 -18.66 7.51 -13.71
C THR B 59 -19.20 6.17 -14.27
N VAL B 60 -18.32 5.39 -14.91
CA VAL B 60 -18.67 4.09 -15.50
C VAL B 60 -18.85 3.07 -14.39
N ARG B 61 -17.91 3.07 -13.45
CA ARG B 61 -17.96 2.14 -12.32
C ARG B 61 -19.31 2.16 -11.57
N ASP B 62 -19.84 3.37 -11.35
CA ASP B 62 -21.15 3.53 -10.65
C ASP B 62 -22.24 2.72 -11.33
N HIS B 63 -22.14 2.54 -12.65
CA HIS B 63 -23.15 1.77 -13.39
C HIS B 63 -23.05 0.27 -13.15
N LEU B 64 -21.96 -0.15 -12.52
CA LEU B 64 -21.78 -1.57 -12.22
C LEU B 64 -22.45 -1.98 -10.91
N VAL B 65 -22.50 -1.04 -9.97
CA VAL B 65 -23.00 -1.32 -8.64
C VAL B 65 -24.35 -2.00 -8.51
N GLY B 66 -25.39 -1.44 -9.12
CA GLY B 66 -26.70 -2.05 -8.99
C GLY B 66 -26.73 -3.51 -9.40
N ARG B 67 -26.28 -3.80 -10.61
CA ARG B 67 -26.28 -5.18 -11.08
C ARG B 67 -25.35 -6.10 -10.28
N TRP B 68 -24.23 -5.56 -9.84
CA TRP B 68 -23.29 -6.36 -9.06
C TRP B 68 -23.96 -6.79 -7.76
N ILE B 69 -24.57 -5.85 -7.05
CA ILE B 69 -25.24 -6.20 -5.80
C ILE B 69 -26.38 -7.18 -6.08
N ARG B 70 -27.16 -6.91 -7.14
CA ARG B 70 -28.27 -7.78 -7.49
C ARG B 70 -27.82 -9.17 -7.92
N THR B 71 -26.76 -9.25 -8.73
CA THR B 71 -26.26 -10.56 -9.16
C THR B 71 -25.83 -11.43 -7.99
N GLN B 72 -25.03 -10.88 -7.08
CA GLN B 72 -24.58 -11.68 -5.94
C GLN B 72 -25.73 -12.02 -5.00
N GLN B 73 -26.69 -11.11 -4.89
CA GLN B 73 -27.87 -11.35 -4.07
C GLN B 73 -28.65 -12.53 -4.66
N HIS B 74 -28.81 -12.51 -5.98
CA HIS B 74 -29.53 -13.57 -6.68
C HIS B 74 -28.92 -14.94 -6.46
N TYR B 75 -27.60 -15.04 -6.46
CA TYR B 75 -26.94 -16.32 -6.26
C TYR B 75 -27.22 -16.81 -4.85
N TYR B 76 -27.34 -15.86 -3.92
CA TYR B 76 -27.64 -16.19 -2.55
C TYR B 76 -29.08 -16.68 -2.46
N ASP B 77 -29.98 -15.98 -3.14
CA ASP B 77 -31.40 -16.33 -3.12
C ASP B 77 -31.78 -17.65 -3.77
N LYS B 78 -31.26 -17.90 -4.97
CA LYS B 78 -31.57 -19.12 -5.69
C LYS B 78 -30.55 -20.25 -5.53
N CYS B 79 -29.44 -19.95 -4.87
CA CYS B 79 -28.37 -20.91 -4.63
C CYS B 79 -28.01 -21.91 -5.73
N PRO B 80 -27.74 -21.42 -6.95
CA PRO B 80 -27.36 -22.36 -8.01
C PRO B 80 -25.95 -22.85 -7.67
N LYS B 81 -25.51 -23.94 -8.28
CA LYS B 81 -24.17 -24.44 -8.00
C LYS B 81 -23.22 -23.35 -8.46
N ARG B 82 -22.18 -23.10 -7.67
CA ARG B 82 -21.21 -22.06 -7.99
C ARG B 82 -19.90 -22.61 -8.55
N VAL B 83 -19.37 -21.97 -9.59
CA VAL B 83 -18.10 -22.39 -10.18
C VAL B 83 -16.99 -21.50 -9.67
N TYR B 84 -15.90 -22.11 -9.19
CA TYR B 84 -14.78 -21.33 -8.70
C TYR B 84 -13.52 -21.63 -9.52
N TYR B 85 -13.11 -20.66 -10.33
CA TYR B 85 -11.94 -20.79 -11.19
C TYR B 85 -10.70 -20.31 -10.41
N LEU B 86 -9.96 -21.27 -9.85
CA LEU B 86 -8.79 -21.00 -9.01
C LEU B 86 -7.50 -20.98 -9.84
N SER B 87 -6.89 -19.80 -9.94
CA SER B 87 -5.70 -19.59 -10.76
C SER B 87 -4.69 -18.61 -10.14
N LEU B 88 -3.41 -18.86 -10.39
CA LEU B 88 -2.38 -17.98 -9.86
C LEU B 88 -2.28 -16.78 -10.79
N GLU B 89 -3.01 -16.82 -11.91
CA GLU B 89 -2.95 -15.73 -12.86
C GLU B 89 -4.28 -15.33 -13.53
N PHE B 90 -4.46 -14.03 -13.70
CA PHE B 90 -5.61 -13.46 -14.39
C PHE B 90 -4.99 -12.27 -15.15
N TYR B 91 -4.87 -12.45 -16.46
CA TYR B 91 -4.26 -11.45 -17.35
C TYR B 91 -5.43 -10.60 -17.86
N MET B 92 -5.89 -9.65 -17.03
CA MET B 92 -7.05 -8.83 -17.35
C MET B 92 -6.89 -7.68 -18.34
N GLY B 93 -5.70 -7.09 -18.43
CA GLY B 93 -5.53 -5.95 -19.33
C GLY B 93 -6.27 -4.76 -18.73
N ARG B 94 -6.70 -3.81 -19.57
CA ARG B 94 -7.42 -2.61 -19.12
C ARG B 94 -8.90 -2.91 -18.99
N THR B 95 -9.56 -2.22 -18.06
CA THR B 95 -10.99 -2.46 -17.79
C THR B 95 -12.04 -1.44 -18.27
N LEU B 96 -11.63 -0.18 -18.43
CA LEU B 96 -12.55 0.90 -18.81
C LEU B 96 -13.43 0.62 -20.03
N GLN B 97 -12.80 0.47 -21.19
CA GLN B 97 -13.54 0.22 -22.42
C GLN B 97 -14.34 -1.07 -22.37
N ASN B 98 -13.72 -2.15 -21.90
CA ASN B 98 -14.41 -3.43 -21.81
C ASN B 98 -15.71 -3.27 -21.02
N THR B 99 -15.66 -2.50 -19.93
CA THR B 99 -16.84 -2.29 -19.09
C THR B 99 -17.88 -1.45 -19.81
N MET B 100 -17.46 -0.38 -20.47
CA MET B 100 -18.38 0.46 -21.23
C MET B 100 -19.08 -0.35 -22.31
N ILE B 101 -18.34 -1.22 -22.98
CA ILE B 101 -18.94 -2.03 -24.04
C ILE B 101 -19.95 -3.02 -23.51
N ASN B 102 -19.55 -3.83 -22.53
CA ASN B 102 -20.45 -4.84 -22.03
C ASN B 102 -21.69 -4.26 -21.37
N LEU B 103 -21.60 -3.01 -20.91
CA LEU B 103 -22.73 -2.36 -20.25
C LEU B 103 -23.60 -1.60 -21.24
N GLY B 104 -23.18 -1.54 -22.51
CA GLY B 104 -23.94 -0.81 -23.52
C GLY B 104 -23.81 0.70 -23.35
N LEU B 105 -22.72 1.13 -22.72
CA LEU B 105 -22.48 2.54 -22.44
C LEU B 105 -21.43 3.28 -23.31
N GLN B 106 -20.72 2.58 -24.18
CA GLN B 106 -19.66 3.24 -24.92
C GLN B 106 -20.03 4.45 -25.77
N ASN B 107 -21.06 4.34 -26.59
CA ASN B 107 -21.47 5.46 -27.42
C ASN B 107 -21.81 6.66 -26.53
N ALA B 108 -22.68 6.44 -25.54
CA ALA B 108 -23.07 7.51 -24.64
C ALA B 108 -21.87 8.16 -23.92
N CYS B 109 -20.95 7.36 -23.38
CA CYS B 109 -19.76 7.91 -22.71
C CYS B 109 -18.87 8.64 -23.72
N ASP B 110 -18.71 8.05 -24.91
CA ASP B 110 -17.92 8.67 -25.96
C ASP B 110 -18.51 10.07 -26.23
N GLU B 111 -19.84 10.16 -26.28
CA GLU B 111 -20.52 11.46 -26.52
C GLU B 111 -20.28 12.47 -25.41
N ALA B 112 -20.47 12.01 -24.16
CA ALA B 112 -20.27 12.86 -23.00
C ALA B 112 -18.87 13.45 -22.98
N ILE B 113 -17.86 12.61 -23.07
CA ILE B 113 -16.46 13.07 -23.05
C ILE B 113 -16.18 14.01 -24.24
N TYR B 114 -16.76 13.70 -25.40
CA TYR B 114 -16.57 14.56 -26.57
C TYR B 114 -17.15 15.94 -26.28
N GLN B 115 -18.38 15.96 -25.78
CA GLN B 115 -19.05 17.21 -25.46
C GLN B 115 -18.33 18.01 -24.39
N LEU B 116 -17.62 17.30 -23.52
CA LEU B 116 -16.86 17.95 -22.45
C LEU B 116 -15.53 18.47 -23.00
N GLY B 117 -15.31 18.28 -24.31
CA GLY B 117 -14.10 18.76 -24.96
C GLY B 117 -12.86 17.95 -24.67
N LEU B 118 -13.05 16.68 -24.32
CA LEU B 118 -11.94 15.80 -24.01
C LEU B 118 -11.75 14.72 -25.09
N ASP B 119 -10.57 14.11 -25.10
CA ASP B 119 -10.23 13.07 -26.08
C ASP B 119 -10.39 11.72 -25.39
N ILE B 120 -11.45 11.01 -25.77
CA ILE B 120 -11.75 9.73 -25.16
C ILE B 120 -10.59 8.76 -25.26
N GLU B 121 -9.91 8.73 -26.40
CA GLU B 121 -8.79 7.82 -26.58
C GLU B 121 -7.63 8.16 -25.66
N GLU B 122 -7.35 9.45 -25.51
CA GLU B 122 -6.26 9.87 -24.63
C GLU B 122 -6.52 9.42 -23.18
N LEU B 123 -7.76 9.53 -22.70
CA LEU B 123 -8.06 9.13 -21.33
C LEU B 123 -7.91 7.61 -21.18
N GLU B 124 -8.41 6.86 -22.15
CA GLU B 124 -8.30 5.41 -22.12
C GLU B 124 -6.87 4.88 -22.05
N GLU B 125 -5.94 5.58 -22.71
CA GLU B 125 -4.53 5.16 -22.72
C GLU B 125 -3.85 5.39 -21.38
N ILE B 126 -4.50 6.14 -20.50
CA ILE B 126 -3.93 6.38 -19.19
C ILE B 126 -3.92 5.09 -18.37
N GLU B 127 -5.00 4.32 -18.46
CA GLU B 127 -5.14 3.08 -17.67
C GLU B 127 -4.02 2.07 -17.83
N GLU B 128 -3.57 1.55 -16.69
CA GLU B 128 -2.52 0.54 -16.65
C GLU B 128 -3.17 -0.80 -16.92
N ASP B 129 -2.45 -1.71 -17.56
CA ASP B 129 -2.98 -3.04 -17.78
C ASP B 129 -2.93 -3.72 -16.43
N ALA B 130 -3.91 -4.55 -16.11
CA ALA B 130 -3.76 -5.31 -14.86
C ALA B 130 -3.08 -6.53 -15.48
N GLY B 131 -1.75 -6.61 -15.36
CA GLY B 131 -1.01 -7.70 -15.96
C GLY B 131 -0.57 -8.77 -14.99
N LEU B 132 -1.56 -9.39 -14.33
CA LEU B 132 -1.31 -10.43 -13.35
C LEU B 132 -1.24 -11.80 -14.00
N GLY B 133 -0.57 -11.85 -15.15
CA GLY B 133 -0.42 -13.08 -15.87
C GLY B 133 0.81 -13.02 -16.76
N ASN B 134 1.27 -14.19 -17.18
CA ASN B 134 2.44 -14.31 -18.03
C ASN B 134 2.13 -14.36 -19.51
N GLY B 135 1.10 -15.10 -19.87
CA GLY B 135 0.73 -15.21 -21.26
C GLY B 135 -0.61 -15.88 -21.45
N GLY B 136 -0.64 -16.90 -22.29
CA GLY B 136 -1.89 -17.59 -22.60
C GLY B 136 -2.65 -18.21 -21.44
N LEU B 137 -1.93 -18.74 -20.45
CA LEU B 137 -2.59 -19.37 -19.31
C LEU B 137 -3.42 -18.33 -18.54
N GLY B 138 -2.81 -17.18 -18.27
CA GLY B 138 -3.50 -16.13 -17.53
C GLY B 138 -4.54 -15.40 -18.37
N ARG B 139 -4.31 -15.30 -19.68
CA ARG B 139 -5.26 -14.60 -20.51
C ARG B 139 -6.53 -15.45 -20.67
N LEU B 140 -6.35 -16.76 -20.74
CA LEU B 140 -7.46 -17.69 -20.88
C LEU B 140 -8.41 -17.55 -19.68
N ALA B 141 -7.84 -17.36 -18.50
CA ALA B 141 -8.65 -17.19 -17.29
C ALA B 141 -9.48 -15.91 -17.41
N ALA B 142 -8.88 -14.85 -17.94
CA ALA B 142 -9.58 -13.58 -18.11
C ALA B 142 -10.72 -13.73 -19.14
N CYS B 143 -10.43 -14.34 -20.28
CA CYS B 143 -11.46 -14.56 -21.28
C CYS B 143 -12.58 -15.38 -20.65
N PHE B 144 -12.21 -16.41 -19.90
CA PHE B 144 -13.18 -17.26 -19.21
C PHE B 144 -14.07 -16.45 -18.26
N LEU B 145 -13.49 -15.51 -17.52
CA LEU B 145 -14.31 -14.71 -16.61
C LEU B 145 -15.36 -13.96 -17.41
N ASP B 146 -14.94 -13.31 -18.51
CA ASP B 146 -15.86 -12.56 -19.35
C ASP B 146 -17.00 -13.45 -19.93
N SER B 147 -16.66 -14.65 -20.41
CA SER B 147 -17.65 -15.57 -20.98
C SER B 147 -18.61 -16.10 -19.93
N MET B 148 -18.08 -16.51 -18.78
CA MET B 148 -18.94 -17.03 -17.72
C MET B 148 -19.95 -15.96 -17.26
N ALA B 149 -19.53 -14.70 -17.22
CA ALA B 149 -20.44 -13.64 -16.81
C ALA B 149 -21.46 -13.40 -17.94
N THR B 150 -21.01 -13.54 -19.18
CA THR B 150 -21.90 -13.32 -20.32
C THR B 150 -22.95 -14.44 -20.49
N LEU B 151 -22.63 -15.62 -19.95
CA LEU B 151 -23.50 -16.78 -20.01
C LEU B 151 -24.33 -16.87 -18.72
N GLY B 152 -24.16 -15.87 -17.86
CA GLY B 152 -24.92 -15.84 -16.62
C GLY B 152 -24.68 -16.99 -15.66
N LEU B 153 -23.45 -17.48 -15.62
CA LEU B 153 -23.11 -18.55 -14.71
C LEU B 153 -22.74 -17.97 -13.36
N ALA B 154 -23.08 -18.66 -12.28
CA ALA B 154 -22.72 -18.21 -10.95
C ALA B 154 -21.23 -18.56 -10.79
N ALA B 155 -20.37 -17.73 -11.38
CA ALA B 155 -18.94 -17.97 -11.36
C ALA B 155 -18.10 -16.91 -10.68
N TYR B 156 -17.01 -17.38 -10.10
CA TYR B 156 -16.06 -16.55 -9.36
C TYR B 156 -14.64 -16.87 -9.76
N GLY B 157 -13.80 -15.84 -9.83
CA GLY B 157 -12.40 -16.07 -10.14
C GLY B 157 -11.66 -15.87 -8.81
N TYR B 158 -10.69 -16.73 -8.52
CA TYR B 158 -9.92 -16.62 -7.28
C TYR B 158 -8.46 -16.67 -7.62
N GLY B 159 -7.73 -15.63 -7.23
CA GLY B 159 -6.30 -15.55 -7.48
C GLY B 159 -5.56 -14.66 -6.50
N ILE B 160 -4.37 -14.24 -6.86
CA ILE B 160 -3.60 -13.37 -5.98
C ILE B 160 -3.54 -11.95 -6.55
N ARG B 161 -3.62 -10.96 -5.66
CA ARG B 161 -3.52 -9.55 -6.07
C ARG B 161 -2.05 -9.17 -5.93
N TYR B 162 -1.25 -9.47 -6.96
CA TYR B 162 0.18 -9.14 -6.96
C TYR B 162 0.35 -7.61 -6.95
N GLU B 163 1.34 -7.11 -6.21
CA GLU B 163 1.58 -5.67 -6.19
C GLU B 163 2.25 -5.33 -7.53
N TYR B 164 3.01 -6.28 -8.05
CA TYR B 164 3.71 -6.09 -9.32
C TYR B 164 3.34 -7.23 -10.27
N GLY B 165 2.78 -6.89 -11.43
CA GLY B 165 2.42 -7.91 -12.42
C GLY B 165 3.64 -8.32 -13.22
N ILE B 166 3.42 -8.81 -14.43
CA ILE B 166 4.54 -9.21 -15.29
C ILE B 166 5.32 -7.91 -15.58
N PHE B 167 6.65 -7.96 -15.50
CA PHE B 167 7.49 -6.77 -15.69
C PHE B 167 7.30 -6.00 -17.01
N ASN B 168 7.57 -4.71 -16.99
CA ASN B 168 7.51 -3.93 -18.22
C ASN B 168 8.87 -4.19 -18.86
N GLN B 169 8.87 -4.49 -20.15
CA GLN B 169 10.11 -4.80 -20.87
C GLN B 169 10.62 -3.62 -21.68
N LYS B 170 11.92 -3.35 -21.57
CA LYS B 170 12.56 -2.29 -22.34
C LYS B 170 13.73 -2.95 -23.06
N ILE B 171 14.25 -2.28 -24.09
CA ILE B 171 15.41 -2.79 -24.83
C ILE B 171 16.57 -1.79 -24.67
N ARG B 172 17.68 -2.27 -24.13
CA ARG B 172 18.87 -1.44 -23.93
C ARG B 172 19.98 -2.07 -24.74
N ASP B 173 20.55 -1.32 -25.65
CA ASP B 173 21.64 -1.83 -26.49
C ASP B 173 21.22 -3.19 -27.09
N GLY B 174 19.98 -3.25 -27.58
CA GLY B 174 19.49 -4.47 -28.19
C GLY B 174 19.03 -5.60 -27.27
N TRP B 175 19.29 -5.48 -25.98
CA TRP B 175 18.89 -6.53 -25.03
C TRP B 175 17.65 -6.17 -24.23
N GLN B 176 16.96 -7.19 -23.74
CA GLN B 176 15.78 -6.96 -22.91
C GLN B 176 16.24 -6.50 -21.55
N VAL B 177 15.52 -5.56 -20.99
CA VAL B 177 15.82 -5.07 -19.65
C VAL B 177 14.45 -5.09 -18.99
N GLU B 178 14.38 -5.39 -17.68
CA GLU B 178 13.09 -5.45 -16.99
C GLU B 178 12.87 -4.30 -16.01
N GLU B 179 11.64 -3.81 -15.96
CA GLU B 179 11.28 -2.77 -14.99
C GLU B 179 10.08 -3.30 -14.20
N ALA B 180 10.01 -2.91 -12.92
CA ALA B 180 8.92 -3.32 -12.07
C ALA B 180 7.59 -2.75 -12.58
N ASP B 181 6.57 -3.61 -12.70
CA ASP B 181 5.25 -3.19 -13.17
C ASP B 181 4.45 -2.74 -11.93
N ASP B 182 4.69 -1.51 -11.50
CA ASP B 182 4.06 -0.92 -10.31
C ASP B 182 2.66 -0.43 -10.71
N TRP B 183 1.80 -1.35 -11.13
CA TRP B 183 0.48 -0.96 -11.62
C TRP B 183 -0.49 -0.37 -10.62
N LEU B 184 -0.23 -0.48 -9.31
CA LEU B 184 -1.14 0.09 -8.33
C LEU B 184 -0.73 1.45 -7.80
N ARG B 185 0.39 1.97 -8.28
CA ARG B 185 0.89 3.26 -7.80
C ARG B 185 -0.12 4.41 -7.71
N TYR B 186 -0.92 4.60 -8.75
CA TYR B 186 -1.86 5.70 -8.75
C TYR B 186 -3.26 5.28 -8.31
N GLY B 187 -3.40 4.01 -7.96
CA GLY B 187 -4.67 3.50 -7.50
C GLY B 187 -5.45 2.74 -8.55
N ASN B 188 -6.23 1.76 -8.13
CA ASN B 188 -7.01 0.95 -9.04
C ASN B 188 -8.48 1.12 -8.69
N PRO B 189 -9.22 1.91 -9.48
CA PRO B 189 -10.64 2.12 -9.18
C PRO B 189 -11.47 0.86 -9.38
N TRP B 190 -10.93 -0.10 -10.13
CA TRP B 190 -11.68 -1.32 -10.42
C TRP B 190 -11.68 -2.39 -9.37
N GLU B 191 -10.91 -2.24 -8.29
CA GLU B 191 -10.93 -3.25 -7.23
C GLU B 191 -11.69 -2.70 -6.02
N LYS B 192 -12.27 -3.61 -5.24
CA LYS B 192 -12.99 -3.21 -4.03
C LYS B 192 -12.51 -4.08 -2.87
N SER B 193 -11.80 -3.45 -1.95
CA SER B 193 -11.32 -4.16 -0.77
C SER B 193 -12.56 -4.74 -0.04
N ARG B 194 -12.43 -5.96 0.49
CA ARG B 194 -13.53 -6.59 1.24
C ARG B 194 -12.92 -6.98 2.58
N PRO B 195 -12.63 -5.96 3.42
CA PRO B 195 -12.04 -6.11 4.75
C PRO B 195 -12.70 -7.15 5.66
N GLU B 196 -14.02 -7.19 5.67
CA GLU B 196 -14.70 -8.13 6.56
C GLU B 196 -14.46 -9.62 6.28
N PHE B 197 -13.82 -9.94 5.15
CA PHE B 197 -13.55 -11.32 4.77
C PHE B 197 -12.09 -11.73 4.85
N MET B 198 -11.29 -10.94 5.56
CA MET B 198 -9.88 -11.23 5.75
C MET B 198 -9.79 -12.55 6.52
N LEU B 199 -8.82 -13.38 6.15
CA LEU B 199 -8.63 -14.69 6.76
C LEU B 199 -7.17 -14.97 7.13
N PRO B 200 -6.92 -15.84 8.11
CA PRO B 200 -5.53 -16.14 8.47
C PRO B 200 -5.06 -17.34 7.64
N VAL B 201 -3.79 -17.35 7.24
CA VAL B 201 -3.21 -18.46 6.47
C VAL B 201 -1.99 -18.90 7.28
N HIS B 202 -1.80 -20.22 7.41
CA HIS B 202 -0.71 -20.76 8.21
C HIS B 202 0.44 -21.30 7.41
N PHE B 203 1.64 -21.17 7.97
CA PHE B 203 2.85 -21.63 7.33
C PHE B 203 3.79 -22.27 8.36
N TYR B 204 4.73 -23.09 7.90
CA TYR B 204 5.68 -23.77 8.77
C TYR B 204 5.02 -24.54 9.92
N GLY B 205 5.53 -24.40 11.13
CA GLY B 205 4.95 -25.11 12.25
C GLY B 205 5.25 -26.60 12.23
N LYS B 206 4.51 -27.38 13.01
CA LYS B 206 4.70 -28.82 13.08
C LYS B 206 3.37 -29.56 13.26
N VAL B 207 3.43 -30.86 13.09
CA VAL B 207 2.25 -31.70 13.25
C VAL B 207 2.29 -32.37 14.60
N GLU B 208 1.15 -32.38 15.27
CA GLU B 208 1.04 -33.03 16.58
C GLU B 208 -0.03 -34.09 16.43
N HIS B 209 0.31 -35.34 16.70
CA HIS B 209 -0.68 -36.40 16.59
C HIS B 209 -1.23 -36.72 17.97
N THR B 210 -2.43 -36.18 18.23
CA THR B 210 -3.08 -36.34 19.53
C THR B 210 -4.26 -37.31 19.54
N ASN B 211 -4.79 -37.54 20.74
CA ASN B 211 -5.94 -38.42 20.92
C ASN B 211 -7.19 -37.62 20.60
N THR B 212 -7.03 -36.31 20.45
CA THR B 212 -8.13 -35.40 20.12
C THR B 212 -8.18 -35.20 18.63
N GLY B 213 -7.12 -35.65 17.95
CA GLY B 213 -7.07 -35.52 16.50
C GLY B 213 -5.95 -34.63 15.99
N THR B 214 -5.04 -35.24 15.24
CA THR B 214 -3.89 -34.57 14.61
C THR B 214 -4.06 -33.06 14.37
N LYS B 215 -3.18 -32.26 14.98
CA LYS B 215 -3.23 -30.82 14.82
C LYS B 215 -1.93 -30.21 14.36
N TRP B 216 -2.05 -29.18 13.53
CA TRP B 216 -0.92 -28.46 12.97
C TRP B 216 -0.70 -27.28 13.89
N ILE B 217 0.42 -27.29 14.61
CA ILE B 217 0.74 -26.27 15.61
C ILE B 217 2.01 -25.45 15.41
N ASP B 218 2.13 -24.39 16.20
CA ASP B 218 3.27 -23.48 16.14
C ASP B 218 3.53 -22.91 14.74
N THR B 219 2.47 -22.52 14.04
CA THR B 219 2.61 -21.98 12.70
C THR B 219 2.81 -20.46 12.66
N GLN B 220 3.38 -19.99 11.55
CA GLN B 220 3.56 -18.56 11.37
C GLN B 220 2.26 -18.19 10.67
N VAL B 221 1.73 -17.01 10.97
CA VAL B 221 0.48 -16.58 10.36
C VAL B 221 0.66 -15.37 9.44
N VAL B 222 -0.09 -15.39 8.35
CA VAL B 222 -0.11 -14.30 7.38
C VAL B 222 -1.59 -14.11 7.07
N LEU B 223 -2.06 -12.87 7.11
CA LEU B 223 -3.45 -12.57 6.80
C LEU B 223 -3.64 -12.44 5.28
N ALA B 224 -4.86 -12.78 4.83
CA ALA B 224 -5.22 -12.70 3.43
C ALA B 224 -6.40 -11.71 3.35
N LEU B 225 -6.20 -10.59 2.65
CA LEU B 225 -7.21 -9.56 2.50
C LEU B 225 -7.75 -9.66 1.08
N PRO B 226 -9.04 -10.00 0.93
CA PRO B 226 -9.57 -10.09 -0.43
C PRO B 226 -10.01 -8.77 -1.05
N TYR B 227 -9.81 -8.65 -2.36
CA TYR B 227 -10.22 -7.51 -3.15
C TYR B 227 -11.07 -8.04 -4.32
N ASP B 228 -12.31 -7.57 -4.41
CA ASP B 228 -13.24 -7.99 -5.47
C ASP B 228 -13.23 -6.98 -6.61
N THR B 229 -13.12 -7.50 -7.83
CA THR B 229 -13.18 -6.71 -9.04
C THR B 229 -14.42 -7.29 -9.78
N PRO B 230 -15.34 -6.43 -10.24
CA PRO B 230 -16.55 -6.86 -10.95
C PRO B 230 -16.24 -7.34 -12.37
N VAL B 231 -16.95 -8.37 -12.82
CA VAL B 231 -16.80 -8.95 -14.17
C VAL B 231 -18.18 -8.90 -14.82
N PRO B 232 -18.42 -7.87 -15.64
CA PRO B 232 -19.70 -7.69 -16.32
C PRO B 232 -19.87 -8.58 -17.53
N GLY B 233 -21.02 -9.22 -17.62
CA GLY B 233 -21.29 -10.04 -18.77
C GLY B 233 -21.62 -9.06 -19.88
N TYR B 234 -21.61 -9.52 -21.12
CA TYR B 234 -21.93 -8.67 -22.27
C TYR B 234 -23.45 -8.52 -22.39
N MET B 235 -23.94 -7.31 -22.17
CA MET B 235 -25.37 -6.98 -22.30
C MET B 235 -26.37 -7.92 -21.61
N ASN B 236 -26.16 -8.27 -20.35
CA ASN B 236 -27.12 -9.14 -19.68
C ASN B 236 -27.43 -8.84 -18.22
N ASN B 237 -26.99 -7.71 -17.69
CA ASN B 237 -27.26 -7.44 -16.26
C ASN B 237 -26.48 -8.37 -15.29
N THR B 238 -25.64 -9.27 -15.77
CA THR B 238 -24.91 -10.10 -14.82
C THR B 238 -23.56 -9.45 -14.53
N VAL B 239 -23.21 -9.36 -13.25
CA VAL B 239 -21.90 -8.83 -12.90
C VAL B 239 -21.35 -9.80 -11.88
N ASN B 240 -20.30 -10.53 -12.27
CA ASN B 240 -19.68 -11.51 -11.39
C ASN B 240 -18.48 -10.94 -10.67
N THR B 241 -17.85 -11.78 -9.84
CA THR B 241 -16.73 -11.34 -9.04
C THR B 241 -15.42 -12.08 -9.27
N MET B 242 -14.33 -11.32 -9.32
CA MET B 242 -13.02 -11.92 -9.35
C MET B 242 -12.40 -11.50 -8.01
N ARG B 243 -12.19 -12.46 -7.12
CA ARG B 243 -11.61 -12.17 -5.81
C ARG B 243 -10.12 -12.49 -5.77
N LEU B 244 -9.33 -11.45 -5.53
CA LEU B 244 -7.87 -11.55 -5.48
C LEU B 244 -7.39 -11.28 -4.06
N TRP B 245 -6.49 -12.13 -3.58
CA TRP B 245 -5.95 -12.04 -2.24
C TRP B 245 -4.62 -11.29 -2.12
N SER B 246 -4.52 -10.48 -1.07
CA SER B 246 -3.32 -9.70 -0.79
C SER B 246 -2.83 -10.10 0.58
N ALA B 247 -1.52 -10.34 0.71
CA ALA B 247 -0.92 -10.75 1.96
C ALA B 247 -0.61 -9.60 2.92
N ARG B 248 -1.03 -9.77 4.17
CA ARG B 248 -0.79 -8.75 5.19
C ARG B 248 -0.24 -9.41 6.48
N ALA B 249 0.68 -8.74 7.16
CA ALA B 249 1.22 -9.31 8.40
C ALA B 249 0.13 -9.17 9.49
N PRO B 250 0.04 -10.14 10.40
CA PRO B 250 -0.97 -10.05 11.46
C PRO B 250 -0.46 -9.08 12.54
N ASN B 251 -1.35 -8.62 13.40
CA ASN B 251 -0.94 -7.75 14.47
C ASN B 251 -0.98 -8.52 15.79
N ASP B 252 0.07 -9.30 16.05
CA ASP B 252 0.21 -10.10 17.27
C ASP B 252 -1.15 -10.52 17.84
N ASP B 262 14.35 -5.82 18.56
CA ASP B 262 14.35 -4.45 18.06
C ASP B 262 13.01 -4.06 17.43
N TYR B 263 12.33 -3.10 18.06
CA TYR B 263 11.03 -2.64 17.57
C TYR B 263 10.99 -2.19 16.10
N ILE B 264 11.84 -1.24 15.70
CA ILE B 264 11.85 -0.76 14.31
C ILE B 264 12.02 -1.91 13.33
N GLN B 265 12.99 -2.78 13.59
CA GLN B 265 13.23 -3.91 12.71
C GLN B 265 12.05 -4.87 12.68
N ALA B 266 11.36 -5.02 13.81
CA ALA B 266 10.20 -5.89 13.88
C ALA B 266 9.12 -5.33 12.98
N VAL B 267 8.95 -4.02 12.98
CA VAL B 267 7.94 -3.41 12.12
C VAL B 267 8.35 -3.58 10.63
N LEU B 268 9.60 -3.28 10.31
CA LEU B 268 10.08 -3.42 8.93
C LEU B 268 9.96 -4.89 8.48
N ASP B 269 10.19 -5.84 9.38
CA ASP B 269 10.09 -7.24 9.01
C ASP B 269 8.67 -7.70 8.62
N ARG B 270 7.68 -6.83 8.80
CA ARG B 270 6.33 -7.19 8.37
C ARG B 270 6.38 -7.36 6.83
N ASN B 271 7.36 -6.70 6.21
CA ASN B 271 7.57 -6.80 4.76
C ASN B 271 7.69 -8.25 4.27
N LEU B 272 8.26 -9.12 5.11
CA LEU B 272 8.45 -10.52 4.77
C LEU B 272 7.14 -11.27 4.49
N ALA B 273 6.17 -11.18 5.39
CA ALA B 273 4.90 -11.88 5.15
C ALA B 273 4.19 -11.23 3.96
N GLU B 274 4.37 -9.93 3.80
CA GLU B 274 3.70 -9.25 2.72
C GLU B 274 4.36 -9.52 1.35
N ASN B 275 5.56 -10.07 1.39
CA ASN B 275 6.26 -10.40 0.15
C ASN B 275 5.56 -11.57 -0.55
N ILE B 276 4.70 -12.28 0.14
CA ILE B 276 4.05 -13.41 -0.51
C ILE B 276 3.23 -12.99 -1.72
N SER B 277 2.56 -11.85 -1.66
CA SER B 277 1.78 -11.45 -2.84
C SER B 277 2.45 -10.26 -3.54
N ARG B 278 3.76 -10.10 -3.34
CA ARG B 278 4.46 -8.96 -3.93
C ARG B 278 4.60 -8.98 -5.45
N VAL B 279 4.94 -10.13 -6.03
CA VAL B 279 5.16 -10.16 -7.47
C VAL B 279 4.88 -11.49 -8.11
N LEU B 280 4.32 -11.41 -9.31
CA LEU B 280 4.00 -12.55 -10.14
C LEU B 280 5.32 -13.17 -10.66
N TYR B 281 5.47 -14.48 -10.50
CA TYR B 281 6.66 -15.18 -11.02
C TYR B 281 6.55 -15.04 -12.53
N PRO B 282 7.57 -14.41 -13.15
CA PRO B 282 7.62 -14.16 -14.59
C PRO B 282 7.93 -15.31 -15.54
N ASN B 283 7.58 -16.54 -15.15
CA ASN B 283 7.84 -17.72 -15.97
C ASN B 283 6.62 -18.24 -16.74
N ASP B 284 6.80 -18.49 -18.03
CA ASP B 284 5.73 -19.03 -18.86
C ASP B 284 6.21 -20.40 -19.30
N ASN B 285 5.44 -21.43 -18.96
CA ASN B 285 5.83 -22.80 -19.32
C ASN B 285 7.16 -23.21 -18.74
N PHE B 286 7.39 -22.89 -17.48
CA PHE B 286 8.64 -23.26 -16.83
C PHE B 286 8.45 -23.36 -15.33
N PHE B 287 8.98 -24.43 -14.76
CA PHE B 287 8.87 -24.63 -13.34
C PHE B 287 10.12 -24.15 -12.58
N GLU B 288 9.91 -23.21 -11.67
CA GLU B 288 11.01 -22.72 -10.86
C GLU B 288 10.57 -23.07 -9.44
N GLY B 289 11.29 -23.99 -8.80
CA GLY B 289 10.94 -24.43 -7.46
C GLY B 289 11.33 -23.53 -6.30
N LYS B 290 11.06 -22.24 -6.40
CA LYS B 290 11.41 -21.33 -5.31
C LYS B 290 10.40 -21.45 -4.15
N GLU B 291 10.89 -21.27 -2.92
CA GLU B 291 10.04 -21.37 -1.75
C GLU B 291 8.93 -20.31 -1.71
N LEU B 292 9.25 -19.09 -2.09
CA LEU B 292 8.29 -17.99 -2.08
C LEU B 292 7.12 -18.35 -3.00
N ARG B 293 7.43 -18.99 -4.14
CA ARG B 293 6.41 -19.43 -5.07
C ARG B 293 5.54 -20.50 -4.40
N LEU B 294 6.14 -21.43 -3.67
CA LEU B 294 5.31 -22.43 -2.99
C LEU B 294 4.45 -21.68 -1.97
N LYS B 295 5.00 -20.66 -1.32
CA LYS B 295 4.19 -19.91 -0.36
C LYS B 295 2.97 -19.27 -1.06
N GLN B 296 3.19 -18.69 -2.23
CA GLN B 296 2.09 -18.07 -2.96
C GLN B 296 1.01 -19.09 -3.29
N GLU B 297 1.44 -20.26 -3.76
CA GLU B 297 0.49 -21.30 -4.12
C GLU B 297 -0.38 -21.74 -2.94
N TYR B 298 0.22 -21.95 -1.78
CA TYR B 298 -0.58 -22.35 -0.62
C TYR B 298 -1.47 -21.21 -0.14
N PHE B 299 -0.96 -19.99 -0.22
CA PHE B 299 -1.67 -18.77 0.18
C PHE B 299 -3.02 -18.62 -0.53
N VAL B 300 -2.99 -18.62 -1.86
CA VAL B 300 -4.23 -18.46 -2.61
C VAL B 300 -5.16 -19.65 -2.37
N VAL B 301 -4.56 -20.82 -2.23
CA VAL B 301 -5.32 -22.03 -2.00
C VAL B 301 -5.99 -22.06 -0.61
N ALA B 302 -5.23 -21.68 0.42
CA ALA B 302 -5.76 -21.68 1.78
C ALA B 302 -6.82 -20.62 1.95
N ALA B 303 -6.57 -19.41 1.47
CA ALA B 303 -7.56 -18.35 1.61
C ALA B 303 -8.83 -18.70 0.84
N THR B 304 -8.65 -19.19 -0.38
CA THR B 304 -9.77 -19.52 -1.24
C THR B 304 -10.68 -20.61 -0.67
N LEU B 305 -10.14 -21.75 -0.28
CA LEU B 305 -11.00 -22.84 0.25
C LEU B 305 -11.72 -22.39 1.52
N GLN B 306 -11.01 -21.77 2.46
CA GLN B 306 -11.68 -21.30 3.67
C GLN B 306 -12.89 -20.42 3.30
N ASP B 307 -12.68 -19.46 2.42
CA ASP B 307 -13.72 -18.52 2.00
C ASP B 307 -14.93 -19.21 1.33
N ILE B 308 -14.63 -20.24 0.54
CA ILE B 308 -15.64 -21.01 -0.17
C ILE B 308 -16.45 -21.81 0.87
N ILE B 309 -15.76 -22.44 1.82
CA ILE B 309 -16.43 -23.20 2.86
C ILE B 309 -17.29 -22.26 3.72
N ARG B 310 -16.75 -21.10 4.05
CA ARG B 310 -17.52 -20.12 4.82
C ARG B 310 -18.79 -19.75 4.08
N ARG B 311 -18.69 -19.51 2.76
CA ARG B 311 -19.85 -19.14 1.95
C ARG B 311 -20.86 -20.29 1.86
N PHE B 312 -20.36 -21.53 1.84
CA PHE B 312 -21.25 -22.70 1.81
C PHE B 312 -22.06 -22.77 3.12
N LYS B 313 -21.37 -22.63 4.24
CA LYS B 313 -22.02 -22.67 5.55
C LYS B 313 -23.05 -21.58 5.75
N ALA B 314 -22.81 -20.42 5.14
CA ALA B 314 -23.72 -19.28 5.25
C ALA B 314 -24.90 -19.37 4.28
N SER B 315 -24.76 -20.21 3.25
CA SER B 315 -25.80 -20.33 2.25
C SER B 315 -27.03 -20.97 2.85
N LYS B 316 -28.10 -21.06 2.07
CA LYS B 316 -29.31 -21.65 2.59
C LYS B 316 -29.34 -23.16 2.34
N PHE B 317 -28.17 -23.71 2.01
CA PHE B 317 -28.02 -25.13 1.73
C PHE B 317 -28.97 -25.99 2.58
N VAL B 326 -23.32 -30.34 7.39
CA VAL B 326 -23.26 -31.69 6.81
C VAL B 326 -22.12 -31.88 5.77
N PHE B 327 -22.18 -31.14 4.67
CA PHE B 327 -21.20 -31.21 3.58
C PHE B 327 -21.53 -32.19 2.46
N ASP B 328 -22.53 -33.03 2.70
CA ASP B 328 -22.93 -34.02 1.70
C ASP B 328 -23.29 -33.35 0.38
N ALA B 329 -23.86 -32.14 0.45
CA ALA B 329 -24.25 -31.41 -0.74
C ALA B 329 -23.18 -30.43 -1.22
N PHE B 330 -22.02 -30.46 -0.58
CA PHE B 330 -20.94 -29.56 -0.94
C PHE B 330 -20.59 -29.60 -2.44
N PRO B 331 -20.35 -30.81 -3.00
CA PRO B 331 -20.01 -30.90 -4.43
C PRO B 331 -21.17 -30.54 -5.37
N ASP B 332 -22.39 -30.44 -4.84
CA ASP B 332 -23.55 -30.11 -5.66
C ASP B 332 -23.75 -28.60 -5.67
N GLN B 333 -23.02 -27.92 -4.80
CA GLN B 333 -23.13 -26.46 -4.69
C GLN B 333 -21.80 -25.81 -5.04
N VAL B 334 -20.77 -26.62 -5.10
CA VAL B 334 -19.41 -26.16 -5.35
C VAL B 334 -18.61 -26.94 -6.41
N ALA B 335 -18.03 -26.21 -7.34
CA ALA B 335 -17.17 -26.80 -8.35
C ALA B 335 -15.93 -25.91 -8.34
N ILE B 336 -14.78 -26.52 -8.16
CA ILE B 336 -13.53 -25.77 -8.17
C ILE B 336 -12.61 -26.27 -9.29
N GLN B 337 -12.28 -25.37 -10.21
CA GLN B 337 -11.42 -25.73 -11.33
C GLN B 337 -9.98 -25.35 -11.05
N LEU B 338 -9.10 -26.35 -11.10
CA LEU B 338 -7.67 -26.20 -10.86
C LEU B 338 -6.98 -25.83 -12.18
N ASN B 339 -6.66 -24.55 -12.34
CA ASN B 339 -6.01 -24.03 -13.55
C ASN B 339 -4.53 -24.43 -13.54
N ASP B 340 -4.23 -25.57 -14.19
CA ASP B 340 -2.90 -26.17 -14.23
C ASP B 340 -2.67 -26.71 -12.81
N THR B 341 -1.47 -27.17 -12.49
CA THR B 341 -1.16 -27.75 -11.17
C THR B 341 -0.76 -26.72 -10.10
N HIS B 342 -0.69 -25.46 -10.47
CA HIS B 342 -0.27 -24.44 -9.55
C HIS B 342 -1.06 -24.42 -8.24
N PRO B 343 -2.38 -24.64 -8.29
CA PRO B 343 -3.14 -24.65 -7.03
C PRO B 343 -3.46 -26.08 -6.57
N ALA B 344 -2.64 -27.03 -7.01
CA ALA B 344 -2.80 -28.44 -6.65
C ALA B 344 -2.94 -28.64 -5.14
N LEU B 345 -2.30 -27.76 -4.36
CA LEU B 345 -2.34 -27.88 -2.90
C LEU B 345 -3.77 -27.79 -2.37
N ALA B 346 -4.68 -27.34 -3.22
CA ALA B 346 -6.06 -27.24 -2.83
C ALA B 346 -6.67 -28.60 -2.50
N ILE B 347 -6.17 -29.68 -3.11
CA ILE B 347 -6.74 -31.01 -2.86
C ILE B 347 -6.47 -31.43 -1.42
N PRO B 348 -5.18 -31.44 -0.98
CA PRO B 348 -4.90 -31.83 0.40
C PRO B 348 -5.34 -30.79 1.43
N GLU B 349 -5.56 -29.55 0.98
CA GLU B 349 -6.03 -28.51 1.90
C GLU B 349 -7.50 -28.74 2.19
N LEU B 350 -8.26 -29.12 1.18
CA LEU B 350 -9.67 -29.39 1.41
C LEU B 350 -9.78 -30.61 2.35
N MET B 351 -8.93 -31.61 2.11
CA MET B 351 -8.93 -32.80 2.95
C MET B 351 -8.59 -32.43 4.38
N ARG B 352 -7.56 -31.60 4.54
CA ARG B 352 -7.12 -31.12 5.85
C ARG B 352 -8.29 -30.44 6.50
N ILE B 353 -8.96 -29.53 5.79
CA ILE B 353 -10.11 -28.89 6.41
C ILE B 353 -11.19 -29.93 6.78
N PHE B 354 -11.61 -30.73 5.81
CA PHE B 354 -12.65 -31.72 6.09
C PHE B 354 -12.30 -32.63 7.26
N VAL B 355 -11.08 -33.15 7.24
CA VAL B 355 -10.64 -34.09 8.26
C VAL B 355 -10.17 -33.53 9.61
N ASP B 356 -9.16 -32.65 9.62
CA ASP B 356 -8.63 -32.10 10.88
C ASP B 356 -9.55 -31.09 11.58
N ILE B 357 -10.28 -30.32 10.81
CA ILE B 357 -11.16 -29.29 11.39
C ILE B 357 -12.62 -29.73 11.50
N GLU B 358 -13.20 -30.14 10.38
CA GLU B 358 -14.59 -30.56 10.36
C GLU B 358 -14.83 -31.96 10.90
N LYS B 359 -13.75 -32.68 11.15
CA LYS B 359 -13.82 -34.03 11.70
C LYS B 359 -14.58 -35.05 10.86
N LEU B 360 -14.61 -34.89 9.55
CA LEU B 360 -15.30 -35.89 8.72
C LEU B 360 -14.37 -37.10 8.56
N PRO B 361 -14.95 -38.30 8.36
CA PRO B 361 -14.07 -39.46 8.19
C PRO B 361 -13.37 -39.37 6.83
N TRP B 362 -12.12 -39.83 6.77
CA TRP B 362 -11.31 -39.77 5.56
C TRP B 362 -12.04 -40.20 4.30
N SER B 363 -12.68 -41.36 4.33
CA SER B 363 -13.43 -41.88 3.18
C SER B 363 -14.41 -40.85 2.65
N LYS B 364 -15.26 -40.36 3.54
CA LYS B 364 -16.27 -39.39 3.19
C LYS B 364 -15.62 -38.14 2.57
N ALA B 365 -14.61 -37.63 3.26
CA ALA B 365 -13.86 -36.46 2.84
C ALA B 365 -13.26 -36.64 1.43
N TRP B 366 -12.56 -37.75 1.21
CA TRP B 366 -11.93 -38.01 -0.09
C TRP B 366 -12.95 -38.06 -1.22
N GLU B 367 -14.10 -38.65 -0.96
CA GLU B 367 -15.15 -38.74 -1.96
C GLU B 367 -15.66 -37.33 -2.35
N LEU B 368 -15.87 -36.49 -1.34
CA LEU B 368 -16.34 -35.13 -1.55
C LEU B 368 -15.33 -34.30 -2.33
N THR B 369 -14.07 -34.50 -1.98
CA THR B 369 -12.95 -33.80 -2.59
C THR B 369 -12.91 -34.09 -4.08
N GLN B 370 -12.95 -35.36 -4.47
CA GLN B 370 -12.91 -35.70 -5.88
C GLN B 370 -14.09 -35.10 -6.65
N LYS B 371 -15.28 -35.10 -6.04
CA LYS B 371 -16.45 -34.53 -6.71
C LYS B 371 -16.40 -33.00 -6.82
N THR B 372 -15.60 -32.36 -5.98
CA THR B 372 -15.49 -30.91 -6.00
C THR B 372 -14.50 -30.42 -7.06
N PHE B 373 -13.33 -31.06 -7.10
CA PHE B 373 -12.29 -30.65 -8.01
C PHE B 373 -12.28 -31.24 -9.41
N ALA B 374 -11.80 -30.42 -10.35
CA ALA B 374 -11.60 -30.77 -11.76
C ALA B 374 -10.25 -30.10 -12.08
N TYR B 375 -9.40 -30.80 -12.82
CA TYR B 375 -8.06 -30.36 -13.16
C TYR B 375 -7.82 -30.06 -14.64
N THR B 376 -7.31 -28.87 -14.96
CA THR B 376 -7.01 -28.56 -16.36
C THR B 376 -5.50 -28.59 -16.60
N ASN B 377 -5.06 -29.49 -17.48
CA ASN B 377 -3.65 -29.64 -17.84
C ASN B 377 -3.38 -28.68 -18.99
N HIS B 378 -2.38 -27.81 -18.82
CA HIS B 378 -2.02 -26.81 -19.84
C HIS B 378 -0.67 -27.00 -20.52
N THR B 379 0.03 -28.07 -20.23
CA THR B 379 1.34 -28.23 -20.85
C THR B 379 1.95 -29.60 -20.68
N VAL B 380 2.77 -30.01 -21.64
CA VAL B 380 3.43 -31.31 -21.58
C VAL B 380 4.96 -31.13 -21.56
N LEU B 381 5.41 -29.88 -21.59
CA LEU B 381 6.84 -29.58 -21.56
C LEU B 381 7.42 -29.99 -20.21
N PRO B 382 8.43 -30.87 -20.24
CA PRO B 382 9.12 -31.39 -19.05
C PRO B 382 9.62 -30.33 -18.08
N GLU B 383 10.13 -29.22 -18.62
CA GLU B 383 10.66 -28.16 -17.78
C GLU B 383 9.53 -27.39 -17.12
N ALA B 384 8.31 -27.58 -17.62
CA ALA B 384 7.18 -26.88 -17.07
C ALA B 384 6.51 -27.64 -15.92
N LEU B 385 6.78 -28.95 -15.83
CA LEU B 385 6.18 -29.80 -14.80
C LEU B 385 6.52 -29.46 -13.36
N GLU B 386 5.51 -29.22 -12.53
CA GLU B 386 5.75 -28.92 -11.13
C GLU B 386 6.01 -30.18 -10.30
N ARG B 387 7.20 -30.25 -9.72
CA ARG B 387 7.59 -31.37 -8.91
C ARG B 387 8.35 -30.77 -7.73
N TRP B 388 7.64 -30.58 -6.62
CA TRP B 388 8.21 -29.98 -5.43
C TRP B 388 9.02 -30.95 -4.60
N PRO B 389 10.20 -30.52 -4.17
CA PRO B 389 10.98 -31.46 -3.35
C PRO B 389 10.39 -31.66 -1.95
N VAL B 390 10.14 -32.93 -1.65
CA VAL B 390 9.58 -33.34 -0.38
C VAL B 390 10.09 -32.56 0.84
N ASP B 391 11.39 -32.33 0.94
CA ASP B 391 11.95 -31.60 2.06
C ASP B 391 11.36 -30.21 2.23
N LEU B 392 11.19 -29.51 1.11
CA LEU B 392 10.63 -28.16 1.13
C LEU B 392 9.19 -28.17 1.65
N VAL B 393 8.38 -29.08 1.12
CA VAL B 393 6.99 -29.18 1.53
C VAL B 393 6.91 -29.51 3.01
N GLU B 394 7.71 -30.48 3.46
CA GLU B 394 7.69 -30.85 4.87
C GLU B 394 8.01 -29.66 5.77
N LYS B 395 9.00 -28.87 5.37
CA LYS B 395 9.38 -27.70 6.15
C LYS B 395 8.25 -26.66 6.22
N LEU B 396 7.71 -26.30 5.06
CA LEU B 396 6.67 -25.27 4.99
C LEU B 396 5.25 -25.73 5.31
N LEU B 397 4.87 -26.89 4.78
CA LEU B 397 3.53 -27.45 4.94
C LEU B 397 3.60 -28.91 5.40
N PRO B 398 4.08 -29.16 6.62
CA PRO B 398 4.17 -30.53 7.12
C PRO B 398 2.86 -31.34 7.18
N ARG B 399 1.75 -30.73 7.57
CA ARG B 399 0.53 -31.49 7.61
C ARG B 399 0.06 -31.85 6.18
N HIS B 400 0.36 -31.00 5.20
CA HIS B 400 -0.05 -31.32 3.83
C HIS B 400 0.77 -32.46 3.25
N LEU B 401 2.02 -32.56 3.64
CA LEU B 401 2.87 -33.65 3.17
C LEU B 401 2.30 -34.97 3.70
N GLU B 402 1.96 -35.01 5.00
CA GLU B 402 1.39 -36.22 5.58
C GLU B 402 0.13 -36.58 4.80
N ILE B 403 -0.73 -35.60 4.55
CA ILE B 403 -1.97 -35.85 3.80
C ILE B 403 -1.67 -36.38 2.39
N ILE B 404 -0.65 -35.81 1.75
CA ILE B 404 -0.29 -36.26 0.40
C ILE B 404 0.19 -37.72 0.44
N TYR B 405 1.02 -38.05 1.43
CA TYR B 405 1.49 -39.43 1.57
C TYR B 405 0.30 -40.38 1.72
N GLU B 406 -0.63 -40.02 2.59
CA GLU B 406 -1.81 -40.85 2.83
C GLU B 406 -2.60 -41.06 1.55
N ILE B 407 -2.85 -39.99 0.81
CA ILE B 407 -3.56 -40.09 -0.45
C ILE B 407 -2.77 -41.02 -1.36
N ASN B 408 -1.44 -40.92 -1.29
CA ASN B 408 -0.62 -41.77 -2.14
C ASN B 408 -0.73 -43.23 -1.72
N GLN B 409 -0.62 -43.50 -0.41
CA GLN B 409 -0.72 -44.87 0.08
C GLN B 409 -2.04 -45.49 -0.36
N LYS B 410 -3.15 -44.80 -0.13
CA LYS B 410 -4.47 -45.32 -0.52
C LYS B 410 -4.54 -45.52 -2.03
N HIS B 411 -3.90 -44.62 -2.78
CA HIS B 411 -3.88 -44.66 -4.23
C HIS B 411 -3.14 -45.92 -4.72
N LEU B 412 -1.89 -46.06 -4.32
CA LEU B 412 -1.10 -47.21 -4.71
C LEU B 412 -1.69 -48.53 -4.23
N ASP B 413 -2.41 -48.50 -3.11
CA ASP B 413 -3.01 -49.73 -2.59
C ASP B 413 -4.06 -50.24 -3.55
N ARG B 414 -4.72 -49.33 -4.27
CA ARG B 414 -5.74 -49.71 -5.24
C ARG B 414 -5.07 -50.35 -6.44
N ILE B 415 -3.96 -49.74 -6.86
CA ILE B 415 -3.22 -50.23 -8.02
C ILE B 415 -2.62 -51.60 -7.73
N VAL B 416 -2.16 -51.80 -6.50
CA VAL B 416 -1.61 -53.09 -6.13
C VAL B 416 -2.68 -54.17 -6.24
N ALA B 417 -3.90 -53.84 -5.83
CA ALA B 417 -5.00 -54.79 -5.89
C ALA B 417 -5.42 -55.16 -7.32
N LEU B 418 -5.37 -54.19 -8.24
CA LEU B 418 -5.76 -54.42 -9.62
C LEU B 418 -4.64 -54.98 -10.50
N PHE B 419 -3.40 -54.81 -10.06
CA PHE B 419 -2.25 -55.31 -10.81
C PHE B 419 -1.18 -55.76 -9.81
N PRO B 420 -1.39 -56.91 -9.18
CA PRO B 420 -0.48 -57.50 -8.18
C PRO B 420 1.00 -57.64 -8.57
N LYS B 421 1.27 -58.00 -9.82
CA LYS B 421 2.64 -58.18 -10.28
C LYS B 421 3.32 -56.89 -10.75
N ASP B 422 2.59 -56.09 -11.53
CA ASP B 422 3.11 -54.86 -12.12
C ASP B 422 3.77 -53.88 -11.14
N VAL B 423 4.97 -54.22 -10.70
CA VAL B 423 5.74 -53.40 -9.76
C VAL B 423 6.06 -52.00 -10.30
N ASP B 424 6.50 -51.93 -11.55
CA ASP B 424 6.84 -50.66 -12.15
C ASP B 424 5.62 -49.74 -12.33
N ARG B 425 4.42 -50.31 -12.41
CA ARG B 425 3.23 -49.49 -12.58
C ARG B 425 3.06 -48.61 -11.34
N LEU B 426 3.34 -49.18 -10.17
CA LEU B 426 3.25 -48.43 -8.92
C LEU B 426 4.22 -47.27 -8.96
N ARG B 427 5.41 -47.51 -9.49
CA ARG B 427 6.41 -46.46 -9.56
C ARG B 427 5.92 -45.32 -10.45
N ARG B 428 5.48 -45.66 -11.65
CA ARG B 428 4.98 -44.66 -12.60
C ARG B 428 3.72 -43.90 -12.17
N MET B 429 2.94 -44.45 -11.25
CA MET B 429 1.69 -43.80 -10.84
C MET B 429 1.67 -43.12 -9.47
N SER B 430 2.77 -43.23 -8.75
CA SER B 430 2.89 -42.66 -7.42
C SER B 430 3.00 -41.14 -7.51
N LEU B 431 2.49 -40.45 -6.51
CA LEU B 431 2.56 -38.98 -6.51
C LEU B 431 3.98 -38.61 -6.13
N ILE B 432 4.73 -39.57 -5.60
CA ILE B 432 6.09 -39.34 -5.17
C ILE B 432 7.17 -39.90 -6.11
N GLU B 433 8.18 -39.08 -6.36
CA GLU B 433 9.31 -39.46 -7.20
C GLU B 433 10.48 -39.65 -6.24
N GLU B 434 10.87 -40.90 -6.03
CA GLU B 434 11.94 -41.22 -5.08
C GLU B 434 13.38 -41.24 -5.59
N GLU B 435 13.56 -40.95 -6.86
CA GLU B 435 14.90 -40.96 -7.46
C GLU B 435 15.83 -39.88 -6.89
N GLY B 436 16.78 -40.29 -6.05
CA GLY B 436 17.72 -39.34 -5.46
C GLY B 436 17.02 -38.27 -4.65
N SER B 437 16.58 -37.23 -5.34
CA SER B 437 15.87 -36.12 -4.71
C SER B 437 14.38 -36.45 -4.79
N LYS B 438 13.78 -36.75 -3.65
CA LYS B 438 12.36 -37.05 -3.64
C LYS B 438 11.55 -35.78 -3.84
N ARG B 439 10.61 -35.83 -4.78
CA ARG B 439 9.74 -34.70 -5.04
C ARG B 439 8.31 -35.16 -5.32
N ILE B 440 7.37 -34.25 -5.14
CA ILE B 440 5.95 -34.55 -5.36
C ILE B 440 5.54 -34.19 -6.77
N ASN B 441 4.93 -35.15 -7.47
CA ASN B 441 4.46 -34.97 -8.84
C ASN B 441 3.07 -34.33 -8.73
N MET B 442 3.02 -33.00 -8.75
CA MET B 442 1.74 -32.30 -8.60
C MET B 442 0.69 -32.69 -9.63
N ALA B 443 1.09 -33.01 -10.84
CA ALA B 443 0.10 -33.40 -11.84
C ALA B 443 -0.68 -34.65 -11.37
N HIS B 444 0.04 -35.64 -10.85
CA HIS B 444 -0.59 -36.88 -10.36
C HIS B 444 -1.55 -36.60 -9.23
N LEU B 445 -1.13 -35.73 -8.29
CA LEU B 445 -2.00 -35.33 -7.18
C LEU B 445 -3.32 -34.80 -7.74
N CYS B 446 -3.23 -33.91 -8.73
CA CYS B 446 -4.43 -33.34 -9.34
C CYS B 446 -5.34 -34.38 -9.98
N ILE B 447 -4.75 -35.34 -10.67
CA ILE B 447 -5.54 -36.39 -11.31
C ILE B 447 -6.29 -37.28 -10.30
N VAL B 448 -5.60 -37.76 -9.27
CA VAL B 448 -6.26 -38.62 -8.30
C VAL B 448 -7.25 -37.83 -7.45
N GLY B 449 -7.03 -36.52 -7.32
CA GLY B 449 -7.92 -35.70 -6.50
C GLY B 449 -9.08 -35.06 -7.24
N SER B 450 -9.20 -35.30 -8.55
CA SER B 450 -10.29 -34.69 -9.33
C SER B 450 -11.16 -35.73 -10.01
N HIS B 451 -12.36 -35.32 -10.44
CA HIS B 451 -13.27 -36.23 -11.12
C HIS B 451 -13.17 -36.03 -12.62
N ALA B 452 -12.54 -34.93 -13.02
CA ALA B 452 -12.36 -34.63 -14.42
C ALA B 452 -11.01 -33.96 -14.66
N VAL B 453 -10.33 -34.39 -15.73
CA VAL B 453 -9.04 -33.88 -16.13
C VAL B 453 -9.16 -33.55 -17.60
N ASN B 454 -8.76 -32.34 -18.00
CA ASN B 454 -8.86 -31.98 -19.40
C ASN B 454 -7.66 -31.23 -19.92
N GLY B 455 -7.48 -31.32 -21.23
CA GLY B 455 -6.42 -30.65 -21.95
C GLY B 455 -7.10 -29.49 -22.67
N VAL B 456 -6.34 -28.70 -23.42
CA VAL B 456 -6.92 -27.53 -24.05
C VAL B 456 -7.05 -27.44 -25.57
N ALA B 457 -7.00 -28.59 -26.23
CA ALA B 457 -7.15 -28.69 -27.67
C ALA B 457 -7.08 -30.19 -27.97
N LYS B 458 -7.80 -30.62 -28.98
CA LYS B 458 -7.83 -32.05 -29.32
C LYS B 458 -6.50 -32.77 -29.32
N ILE B 459 -5.55 -32.26 -30.09
CA ILE B 459 -4.25 -32.92 -30.17
C ILE B 459 -3.60 -33.10 -28.79
N HIS B 460 -3.67 -32.06 -27.96
CA HIS B 460 -3.07 -32.06 -26.64
C HIS B 460 -3.81 -32.97 -25.67
N SER B 461 -5.13 -32.88 -25.64
CA SER B 461 -5.90 -33.71 -24.74
C SER B 461 -5.63 -35.19 -25.04
N ASP B 462 -5.52 -35.55 -26.31
CA ASP B 462 -5.25 -36.94 -26.68
C ASP B 462 -3.88 -37.36 -26.14
N ILE B 463 -2.89 -36.49 -26.28
CA ILE B 463 -1.54 -36.77 -25.77
C ILE B 463 -1.57 -36.99 -24.24
N VAL B 464 -2.25 -36.09 -23.53
CA VAL B 464 -2.38 -36.15 -22.08
C VAL B 464 -3.02 -37.46 -21.68
N LYS B 465 -4.12 -37.79 -22.33
CA LYS B 465 -4.85 -38.98 -21.98
C LYS B 465 -4.19 -40.31 -22.36
N THR B 466 -3.81 -40.48 -23.63
CA THR B 466 -3.22 -41.76 -24.06
C THR B 466 -1.71 -41.92 -23.97
N LYS B 467 -0.99 -40.84 -23.64
CA LYS B 467 0.46 -40.93 -23.52
C LYS B 467 0.95 -40.55 -22.14
N VAL B 468 0.96 -39.26 -21.83
CA VAL B 468 1.45 -38.81 -20.55
C VAL B 468 0.76 -39.44 -19.34
N PHE B 469 -0.57 -39.60 -19.39
CA PHE B 469 -1.26 -40.20 -18.24
C PHE B 469 -2.01 -41.49 -18.54
N LYS B 470 -1.47 -42.23 -19.51
CA LYS B 470 -2.01 -43.51 -19.96
C LYS B 470 -2.39 -44.48 -18.84
N ASP B 471 -1.52 -44.64 -17.85
CA ASP B 471 -1.81 -45.55 -16.73
C ASP B 471 -3.05 -45.09 -15.98
N PHE B 472 -3.28 -43.78 -15.95
CA PHE B 472 -4.45 -43.24 -15.24
C PHE B 472 -5.72 -43.34 -16.08
N SER B 473 -5.64 -42.87 -17.33
CA SER B 473 -6.81 -42.90 -18.23
C SER B 473 -7.29 -44.32 -18.48
N GLU B 474 -6.38 -45.28 -18.41
CA GLU B 474 -6.73 -46.68 -18.61
C GLU B 474 -7.54 -47.19 -17.43
N LEU B 475 -7.29 -46.62 -16.25
CA LEU B 475 -7.99 -47.01 -15.03
C LEU B 475 -9.35 -46.33 -14.98
N GLU B 476 -9.38 -45.09 -15.46
CA GLU B 476 -10.60 -44.27 -15.49
C GLU B 476 -10.61 -43.52 -16.81
N PRO B 477 -11.14 -44.16 -17.87
CA PRO B 477 -11.22 -43.57 -19.21
C PRO B 477 -12.05 -42.31 -19.19
N ASP B 478 -13.26 -42.45 -18.66
CA ASP B 478 -14.20 -41.35 -18.59
C ASP B 478 -13.67 -40.08 -17.92
N LYS B 479 -12.69 -40.21 -17.02
CA LYS B 479 -12.15 -39.05 -16.31
C LYS B 479 -11.50 -37.97 -17.20
N PHE B 480 -10.71 -38.38 -18.18
CA PHE B 480 -10.05 -37.45 -19.09
C PHE B 480 -10.94 -36.94 -20.22
N GLN B 481 -10.82 -35.66 -20.53
CA GLN B 481 -11.62 -35.01 -21.56
C GLN B 481 -10.81 -33.95 -22.32
N ASN B 482 -11.48 -33.30 -23.24
CA ASN B 482 -10.90 -32.21 -24.00
C ASN B 482 -11.81 -30.98 -23.94
N LYS B 483 -11.20 -29.80 -23.89
CA LYS B 483 -11.97 -28.57 -23.91
C LYS B 483 -11.11 -27.59 -24.68
N THR B 484 -11.34 -27.51 -25.98
CA THR B 484 -10.53 -26.63 -26.81
C THR B 484 -10.68 -25.20 -26.34
N ASN B 485 -9.55 -24.51 -26.20
CA ASN B 485 -9.56 -23.13 -25.75
C ASN B 485 -10.37 -22.21 -26.68
N GLY B 486 -10.65 -21.01 -26.17
CA GLY B 486 -11.37 -20.00 -26.90
C GLY B 486 -10.93 -18.64 -26.38
N ILE B 487 -11.32 -17.59 -27.09
CA ILE B 487 -11.02 -16.22 -26.73
C ILE B 487 -12.36 -15.50 -26.70
N THR B 488 -12.50 -14.47 -25.88
CA THR B 488 -13.79 -13.77 -25.84
C THR B 488 -13.90 -12.81 -27.01
N PRO B 489 -15.01 -12.86 -27.78
CA PRO B 489 -15.25 -12.00 -28.93
C PRO B 489 -15.51 -10.55 -28.55
N ARG B 490 -15.64 -10.29 -27.26
CA ARG B 490 -15.85 -8.92 -26.84
C ARG B 490 -14.51 -8.19 -26.93
N ARG B 491 -13.60 -8.54 -26.03
CA ARG B 491 -12.29 -7.92 -26.00
C ARG B 491 -11.52 -8.07 -27.31
N TRP B 492 -11.56 -9.29 -27.84
CA TRP B 492 -10.79 -9.62 -29.03
C TRP B 492 -11.43 -9.36 -30.39
N LEU B 493 -12.56 -8.65 -30.39
CA LEU B 493 -13.19 -8.28 -31.65
C LEU B 493 -13.89 -6.92 -31.51
N LEU B 494 -15.02 -6.90 -30.80
CA LEU B 494 -15.76 -5.65 -30.63
C LEU B 494 -14.92 -4.51 -30.07
N LEU B 495 -14.05 -4.80 -29.11
CA LEU B 495 -13.26 -3.75 -28.50
C LEU B 495 -11.99 -3.39 -29.28
N CYS B 496 -11.15 -4.39 -29.55
CA CYS B 496 -9.89 -4.16 -30.26
C CYS B 496 -10.02 -3.84 -31.74
N ASN B 497 -11.12 -4.24 -32.35
CA ASN B 497 -11.29 -3.98 -33.79
C ASN B 497 -12.69 -3.46 -34.10
N PRO B 498 -13.01 -2.23 -33.66
CA PRO B 498 -14.35 -1.69 -33.94
C PRO B 498 -14.69 -1.67 -35.42
N GLY B 499 -13.70 -1.38 -36.27
CA GLY B 499 -13.92 -1.36 -37.70
C GLY B 499 -14.40 -2.70 -38.25
N LEU B 500 -13.72 -3.78 -37.89
CA LEU B 500 -14.11 -5.11 -38.37
C LEU B 500 -15.48 -5.46 -37.82
N ALA B 501 -15.72 -5.17 -36.53
CA ALA B 501 -16.99 -5.47 -35.90
C ALA B 501 -18.15 -4.74 -36.59
N GLU B 502 -17.96 -3.47 -36.89
CA GLU B 502 -19.00 -2.70 -37.56
C GLU B 502 -19.27 -3.27 -38.97
N LEU B 503 -18.21 -3.61 -39.71
CA LEU B 503 -18.35 -4.18 -41.06
C LEU B 503 -19.19 -5.44 -41.04
N ILE B 504 -18.85 -6.35 -40.12
CA ILE B 504 -19.55 -7.61 -39.98
C ILE B 504 -21.00 -7.41 -39.57
N ALA B 505 -21.23 -6.44 -38.68
CA ALA B 505 -22.58 -6.20 -38.21
C ALA B 505 -23.45 -5.62 -39.32
N GLU B 506 -22.86 -4.76 -40.15
CA GLU B 506 -23.57 -4.14 -41.27
C GLU B 506 -24.05 -5.20 -42.24
N LYS B 507 -23.30 -6.27 -42.36
CA LYS B 507 -23.65 -7.33 -43.29
C LYS B 507 -24.44 -8.53 -42.73
N ILE B 508 -24.32 -8.81 -41.43
CA ILE B 508 -25.03 -9.96 -40.86
C ILE B 508 -25.74 -9.74 -39.53
N GLY B 509 -25.77 -8.51 -39.03
CA GLY B 509 -26.43 -8.28 -37.77
C GLY B 509 -25.50 -8.37 -36.56
N GLU B 510 -26.05 -8.17 -35.37
CA GLU B 510 -25.24 -8.18 -34.17
C GLU B 510 -25.30 -9.46 -33.35
N ASP B 511 -26.12 -10.40 -33.77
CA ASP B 511 -26.26 -11.66 -33.07
C ASP B 511 -24.96 -12.45 -32.86
N TYR B 512 -24.01 -12.29 -33.78
CA TYR B 512 -22.74 -13.02 -33.70
C TYR B 512 -21.93 -12.77 -32.42
N VAL B 513 -22.07 -11.59 -31.82
CA VAL B 513 -21.32 -11.26 -30.61
C VAL B 513 -21.57 -12.26 -29.49
N LYS B 514 -22.83 -12.68 -29.35
CA LYS B 514 -23.22 -13.67 -28.35
C LYS B 514 -23.26 -15.11 -28.92
N ASP B 515 -23.21 -15.25 -30.23
CA ASP B 515 -23.21 -16.56 -30.89
C ASP B 515 -22.26 -16.41 -32.07
N LEU B 516 -20.97 -16.61 -31.80
CA LEU B 516 -19.95 -16.41 -32.82
C LEU B 516 -20.06 -17.35 -34.02
N SER B 517 -20.76 -18.47 -33.85
CA SER B 517 -20.90 -19.41 -34.94
C SER B 517 -21.61 -18.69 -36.09
N GLN B 518 -22.39 -17.65 -35.75
CA GLN B 518 -23.11 -16.89 -36.76
C GLN B 518 -22.21 -16.24 -37.81
N LEU B 519 -20.90 -16.27 -37.58
CA LEU B 519 -19.95 -15.67 -38.53
C LEU B 519 -19.97 -16.37 -39.89
N THR B 520 -20.38 -17.64 -39.90
CA THR B 520 -20.44 -18.41 -41.14
C THR B 520 -21.38 -17.74 -42.17
N LYS B 521 -22.19 -16.79 -41.71
CA LYS B 521 -23.10 -16.08 -42.60
C LYS B 521 -22.31 -15.14 -43.53
N LEU B 522 -21.06 -14.88 -43.21
CA LEU B 522 -20.24 -14.02 -44.05
C LEU B 522 -19.91 -14.72 -45.37
N HIS B 523 -20.20 -16.02 -45.45
CA HIS B 523 -19.93 -16.78 -46.67
C HIS B 523 -20.79 -16.26 -47.83
N SER B 524 -21.96 -15.73 -47.50
CA SER B 524 -22.87 -15.18 -48.49
C SER B 524 -22.16 -14.12 -49.31
N PHE B 525 -21.03 -13.63 -48.79
CA PHE B 525 -20.28 -12.61 -49.49
C PHE B 525 -19.03 -13.12 -50.21
N LEU B 526 -18.93 -14.43 -50.34
CA LEU B 526 -17.77 -15.04 -50.99
C LEU B 526 -17.46 -14.46 -52.37
N GLY B 527 -18.47 -14.03 -53.11
CA GLY B 527 -18.17 -13.47 -54.42
C GLY B 527 -18.00 -11.96 -54.43
N ASP B 528 -18.78 -11.29 -53.60
CA ASP B 528 -18.79 -9.83 -53.51
C ASP B 528 -17.42 -9.15 -53.46
N ASP B 529 -17.11 -8.37 -54.49
CA ASP B 529 -15.83 -7.66 -54.55
C ASP B 529 -15.96 -6.35 -53.78
N VAL B 530 -17.19 -5.92 -53.58
CA VAL B 530 -17.44 -4.69 -52.83
C VAL B 530 -17.09 -4.99 -51.37
N PHE B 531 -17.53 -6.15 -50.90
CA PHE B 531 -17.27 -6.55 -49.53
C PHE B 531 -15.79 -6.83 -49.29
N LEU B 532 -15.13 -7.47 -50.27
CA LEU B 532 -13.71 -7.79 -50.15
C LEU B 532 -12.82 -6.54 -50.07
N ARG B 533 -13.24 -5.47 -50.75
CA ARG B 533 -12.47 -4.24 -50.70
C ARG B 533 -12.75 -3.58 -49.35
N GLU B 534 -13.97 -3.74 -48.85
CA GLU B 534 -14.34 -3.20 -47.55
C GLU B 534 -13.48 -3.88 -46.49
N LEU B 535 -13.41 -5.20 -46.57
CA LEU B 535 -12.62 -5.98 -45.64
C LEU B 535 -11.16 -5.53 -45.65
N ALA B 536 -10.62 -5.34 -46.86
CA ALA B 536 -9.23 -4.89 -47.01
C ALA B 536 -9.06 -3.46 -46.50
N LYS B 537 -10.11 -2.67 -46.59
CA LYS B 537 -10.04 -1.28 -46.13
C LYS B 537 -9.89 -1.27 -44.60
N VAL B 538 -10.74 -2.03 -43.92
CA VAL B 538 -10.66 -2.11 -42.48
C VAL B 538 -9.22 -2.50 -42.06
N LYS B 539 -8.67 -3.55 -42.67
CA LYS B 539 -7.32 -3.99 -42.34
C LYS B 539 -6.36 -2.84 -42.60
N GLN B 540 -6.58 -2.11 -43.69
CA GLN B 540 -5.73 -0.98 -44.01
C GLN B 540 -5.79 0.06 -42.91
N GLU B 541 -7.00 0.42 -42.50
CA GLU B 541 -7.15 1.41 -41.43
C GLU B 541 -6.38 1.01 -40.16
N ASN B 542 -6.47 -0.26 -39.79
CA ASN B 542 -5.78 -0.75 -38.58
C ASN B 542 -4.27 -0.68 -38.76
N LYS B 543 -3.79 -1.07 -39.95
CA LYS B 543 -2.36 -1.05 -40.25
C LYS B 543 -1.86 0.40 -40.22
N LEU B 544 -2.65 1.31 -40.76
CA LEU B 544 -2.26 2.72 -40.77
C LEU B 544 -2.23 3.25 -39.34
N LYS B 545 -3.32 3.04 -38.60
CA LYS B 545 -3.43 3.47 -37.20
C LYS B 545 -2.26 2.96 -36.37
N PHE B 546 -1.95 1.67 -36.53
CA PHE B 546 -0.85 1.05 -35.81
C PHE B 546 0.51 1.56 -36.32
N SER B 547 0.61 1.80 -37.62
CA SER B 547 1.88 2.29 -38.17
C SER B 547 2.24 3.61 -37.51
N GLN B 548 1.24 4.44 -37.28
CA GLN B 548 1.47 5.71 -36.63
C GLN B 548 2.12 5.41 -35.28
N PHE B 549 1.68 4.32 -34.66
CA PHE B 549 2.22 3.90 -33.36
C PHE B 549 3.72 3.54 -33.48
N LEU B 550 4.02 2.57 -34.35
CA LEU B 550 5.40 2.09 -34.55
C LEU B 550 6.46 3.16 -34.83
N GLU B 551 6.08 4.27 -35.43
CA GLU B 551 7.08 5.26 -35.75
C GLU B 551 7.34 6.30 -34.67
N THR B 552 6.34 6.59 -33.84
CA THR B 552 6.51 7.54 -32.73
C THR B 552 7.34 6.83 -31.65
N GLU B 553 7.49 5.52 -31.81
CA GLU B 553 8.23 4.70 -30.88
C GLU B 553 9.55 4.23 -31.45
N TYR B 554 9.51 3.80 -32.72
CA TYR B 554 10.71 3.29 -33.36
C TYR B 554 11.22 4.18 -34.50
N LYS B 555 12.54 4.19 -34.63
CA LYS B 555 13.23 4.99 -35.65
C LYS B 555 12.80 4.59 -37.07
N VAL B 556 12.69 3.30 -37.31
CA VAL B 556 12.31 2.73 -38.61
C VAL B 556 11.14 3.42 -39.30
N LYS B 557 11.17 3.46 -40.63
CA LYS B 557 10.08 4.06 -41.39
C LYS B 557 9.31 2.92 -42.05
N ILE B 558 8.05 2.78 -41.70
CA ILE B 558 7.23 1.69 -42.22
C ILE B 558 6.65 1.87 -43.62
N ASN B 559 6.71 0.79 -44.38
CA ASN B 559 6.18 0.73 -45.74
C ASN B 559 4.70 0.33 -45.55
N PRO B 560 3.77 1.29 -45.62
CA PRO B 560 2.35 0.96 -45.45
C PRO B 560 1.85 -0.03 -46.49
N SER B 561 2.57 -0.11 -47.60
CA SER B 561 2.20 -1.00 -48.66
C SER B 561 2.57 -2.45 -48.33
N SER B 562 3.47 -2.62 -47.36
CA SER B 562 3.95 -3.94 -46.97
C SER B 562 2.98 -4.84 -46.20
N MET B 563 3.22 -6.15 -46.30
CA MET B 563 2.44 -7.18 -45.62
C MET B 563 2.92 -7.25 -44.17
N PHE B 564 2.02 -7.12 -43.22
CA PHE B 564 2.44 -7.21 -41.81
C PHE B 564 2.54 -8.66 -41.35
N ASP B 565 3.78 -9.10 -41.18
CA ASP B 565 4.15 -10.45 -40.77
C ASP B 565 4.41 -10.37 -39.27
N VAL B 566 3.53 -10.98 -38.48
CA VAL B 566 3.64 -10.89 -37.03
C VAL B 566 3.72 -12.18 -36.20
N GLN B 567 4.69 -12.20 -35.28
CA GLN B 567 4.85 -13.31 -34.35
C GLN B 567 4.97 -12.64 -32.97
N VAL B 568 3.83 -12.55 -32.27
CA VAL B 568 3.86 -11.96 -30.93
C VAL B 568 3.34 -13.02 -29.96
N LYS B 569 4.18 -13.32 -28.99
CA LYS B 569 3.89 -14.33 -27.98
C LYS B 569 5.17 -14.34 -27.10
N ARG B 570 5.12 -15.06 -25.98
CA ARG B 570 6.28 -15.12 -25.10
C ARG B 570 7.46 -15.76 -25.85
N ILE B 571 8.66 -15.22 -25.61
CA ILE B 571 9.88 -15.74 -26.25
C ILE B 571 10.19 -17.11 -25.65
N HIS B 572 10.24 -18.11 -26.51
CA HIS B 572 10.47 -19.50 -26.12
C HIS B 572 11.25 -20.23 -27.18
N GLU B 573 12.01 -21.26 -26.81
CA GLU B 573 12.70 -22.01 -27.84
C GLU B 573 11.63 -22.81 -28.59
N TYR B 574 10.69 -23.40 -27.86
CA TYR B 574 9.64 -24.21 -28.47
C TYR B 574 8.66 -23.46 -29.38
N LYS B 575 8.52 -22.14 -29.18
CA LYS B 575 7.61 -21.33 -29.99
C LYS B 575 8.36 -20.92 -31.25
N ARG B 576 9.69 -21.02 -31.18
CA ARG B 576 10.60 -20.73 -32.28
C ARG B 576 10.61 -19.38 -32.98
N GLN B 577 10.80 -18.28 -32.25
CA GLN B 577 10.90 -17.05 -33.01
C GLN B 577 12.28 -17.11 -33.68
N LEU B 578 13.10 -18.07 -33.24
CA LEU B 578 14.44 -18.26 -33.81
C LEU B 578 14.24 -18.71 -35.26
N LEU B 579 13.41 -19.73 -35.48
CA LEU B 579 13.13 -20.20 -36.83
C LEU B 579 12.70 -19.04 -37.72
N ASN B 580 11.83 -18.18 -37.18
CA ASN B 580 11.32 -17.01 -37.90
C ASN B 580 12.50 -16.14 -38.28
N CYS B 581 13.44 -16.00 -37.34
CA CYS B 581 14.63 -15.18 -37.53
C CYS B 581 15.51 -15.76 -38.64
N LEU B 582 15.51 -17.07 -38.79
CA LEU B 582 16.30 -17.70 -39.86
C LEU B 582 15.70 -17.32 -41.21
N HIS B 583 14.38 -17.19 -41.25
CA HIS B 583 13.66 -16.80 -42.46
C HIS B 583 13.93 -15.33 -42.80
N VAL B 584 13.96 -14.46 -41.79
CA VAL B 584 14.21 -13.04 -42.02
C VAL B 584 15.58 -12.85 -42.63
N ILE B 585 16.57 -13.57 -42.10
CA ILE B 585 17.93 -13.46 -42.60
C ILE B 585 18.00 -14.04 -44.01
N THR B 586 17.27 -15.14 -44.21
CA THR B 586 17.20 -15.79 -45.50
C THR B 586 16.66 -14.79 -46.51
N MET B 587 15.60 -14.07 -46.12
CA MET B 587 14.99 -13.06 -46.99
C MET B 587 15.98 -11.92 -47.25
N TYR B 588 16.71 -11.51 -46.23
CA TYR B 588 17.70 -10.44 -46.38
C TYR B 588 18.78 -10.85 -47.39
N ASN B 589 19.31 -12.06 -47.24
CA ASN B 589 20.34 -12.54 -48.15
C ASN B 589 19.84 -12.67 -49.59
N ARG B 590 18.51 -12.78 -49.77
CA ARG B 590 17.93 -12.88 -51.10
C ARG B 590 17.83 -11.51 -51.76
N ILE B 591 17.51 -10.51 -50.98
CA ILE B 591 17.39 -9.16 -51.52
C ILE B 591 18.77 -8.68 -51.95
N LYS B 592 19.77 -8.94 -51.11
CA LYS B 592 21.15 -8.55 -51.35
C LYS B 592 21.66 -9.06 -52.70
N LYS B 593 21.33 -10.30 -53.02
CA LYS B 593 21.77 -10.90 -54.27
C LYS B 593 21.02 -10.37 -55.49
N ASP B 594 19.70 -10.40 -55.42
CA ASP B 594 18.90 -9.96 -56.55
C ASP B 594 18.01 -8.76 -56.22
N PRO B 595 18.62 -7.63 -55.85
CA PRO B 595 17.95 -6.38 -55.49
C PRO B 595 16.82 -5.99 -56.41
N LYS B 596 16.91 -6.40 -57.67
CA LYS B 596 15.90 -6.04 -58.66
C LYS B 596 14.72 -6.98 -58.82
N LYS B 597 14.75 -8.14 -58.16
CA LYS B 597 13.62 -9.08 -58.30
C LYS B 597 12.33 -8.55 -57.72
N LEU B 598 11.20 -8.92 -58.34
CA LEU B 598 9.89 -8.50 -57.87
C LEU B 598 9.64 -9.17 -56.52
N PHE B 599 9.44 -8.35 -55.50
CA PHE B 599 9.27 -8.85 -54.14
C PHE B 599 8.08 -8.21 -53.42
N VAL B 600 7.29 -9.03 -52.73
CA VAL B 600 6.19 -8.53 -51.93
C VAL B 600 6.92 -7.96 -50.74
N PRO B 601 6.80 -6.65 -50.49
CA PRO B 601 7.53 -6.12 -49.33
C PRO B 601 6.86 -6.54 -48.02
N ARG B 602 7.62 -6.57 -46.93
CA ARG B 602 7.08 -6.96 -45.62
C ARG B 602 7.62 -6.16 -44.45
N THR B 603 6.78 -6.02 -43.43
CA THR B 603 7.21 -5.39 -42.18
C THR B 603 7.10 -6.59 -41.28
N VAL B 604 8.24 -7.12 -40.84
CA VAL B 604 8.24 -8.28 -39.99
C VAL B 604 8.33 -7.85 -38.52
N ILE B 605 7.29 -8.19 -37.78
CA ILE B 605 7.23 -7.87 -36.36
C ILE B 605 7.29 -9.12 -35.51
N ILE B 606 8.18 -9.09 -34.53
CA ILE B 606 8.33 -10.18 -33.59
C ILE B 606 8.39 -9.47 -32.23
N GLY B 607 7.53 -9.90 -31.31
CA GLY B 607 7.51 -9.26 -30.01
C GLY B 607 7.16 -10.23 -28.91
N GLY B 608 7.76 -10.03 -27.74
CA GLY B 608 7.49 -10.90 -26.62
C GLY B 608 8.44 -10.72 -25.47
N LYS B 609 7.98 -11.11 -24.30
CA LYS B 609 8.84 -11.00 -23.13
C LYS B 609 9.55 -12.32 -22.92
N ALA B 610 10.76 -12.25 -22.39
CA ALA B 610 11.54 -13.44 -22.07
C ALA B 610 11.58 -13.49 -20.55
N ALA B 611 11.44 -14.69 -19.98
CA ALA B 611 11.53 -14.82 -18.54
C ALA B 611 12.92 -14.29 -18.18
N PRO B 612 13.03 -13.46 -17.14
CA PRO B 612 14.33 -12.91 -16.73
C PRO B 612 15.51 -13.90 -16.63
N GLY B 613 15.25 -15.09 -16.10
CA GLY B 613 16.30 -16.09 -15.94
C GLY B 613 16.45 -17.07 -17.11
N TYR B 614 15.77 -16.80 -18.22
CA TYR B 614 15.82 -17.67 -19.40
C TYR B 614 16.90 -17.15 -20.36
N HIS B 615 18.09 -17.68 -20.23
CA HIS B 615 19.22 -17.26 -21.05
C HIS B 615 19.01 -17.38 -22.57
N MET B 616 18.56 -18.54 -23.05
CA MET B 616 18.38 -18.68 -24.50
C MET B 616 17.42 -17.65 -25.06
N ALA B 617 16.28 -17.51 -24.39
CA ALA B 617 15.24 -16.57 -24.79
C ALA B 617 15.84 -15.19 -24.94
N LYS B 618 16.68 -14.81 -23.98
CA LYS B 618 17.32 -13.50 -24.03
C LYS B 618 18.33 -13.38 -25.19
N MET B 619 18.99 -14.48 -25.52
CA MET B 619 19.95 -14.45 -26.64
C MET B 619 19.18 -14.29 -27.94
N ILE B 620 18.05 -14.96 -28.01
CA ILE B 620 17.21 -14.90 -29.20
C ILE B 620 16.71 -13.47 -29.46
N ILE B 621 16.35 -12.74 -28.41
CA ILE B 621 15.91 -11.36 -28.56
C ILE B 621 17.07 -10.50 -29.10
N LYS B 622 18.27 -10.69 -28.53
CA LYS B 622 19.45 -9.94 -28.95
C LYS B 622 19.73 -10.24 -30.42
N LEU B 623 19.53 -11.50 -30.81
CA LEU B 623 19.71 -11.91 -32.19
C LEU B 623 18.73 -11.12 -33.08
N ILE B 624 17.47 -11.04 -32.66
CA ILE B 624 16.46 -10.33 -33.45
C ILE B 624 16.70 -8.83 -33.55
N THR B 625 17.12 -8.19 -32.46
CA THR B 625 17.39 -6.75 -32.55
C THR B 625 18.61 -6.50 -33.45
N SER B 626 19.59 -7.42 -33.42
CA SER B 626 20.80 -7.32 -34.24
C SER B 626 20.45 -7.48 -35.71
N VAL B 627 19.75 -8.55 -36.03
CA VAL B 627 19.34 -8.80 -37.40
C VAL B 627 18.57 -7.60 -37.91
N ALA B 628 17.65 -7.09 -37.10
CA ALA B 628 16.86 -5.94 -37.51
C ALA B 628 17.74 -4.72 -37.80
N ASP B 629 18.82 -4.55 -37.03
CA ASP B 629 19.68 -3.41 -37.24
C ASP B 629 20.39 -3.50 -38.59
N VAL B 630 20.83 -4.70 -38.94
CA VAL B 630 21.49 -4.90 -40.22
C VAL B 630 20.49 -4.73 -41.36
N VAL B 631 19.34 -5.38 -41.26
CA VAL B 631 18.32 -5.30 -42.30
C VAL B 631 17.75 -3.89 -42.50
N ASN B 632 17.33 -3.26 -41.41
CA ASN B 632 16.74 -1.93 -41.45
C ASN B 632 17.65 -0.81 -41.97
N ASN B 633 18.96 -0.99 -41.87
CA ASN B 633 19.89 0.05 -42.31
C ASN B 633 20.59 -0.24 -43.63
N ASP B 634 20.31 -1.38 -44.25
CA ASP B 634 20.94 -1.73 -45.52
C ASP B 634 20.30 -0.96 -46.66
N PRO B 635 21.09 -0.12 -47.35
CA PRO B 635 20.60 0.69 -48.47
C PRO B 635 19.97 -0.14 -49.58
N MET B 636 20.61 -1.26 -49.90
CA MET B 636 20.12 -2.13 -50.96
C MET B 636 18.76 -2.76 -50.69
N VAL B 637 18.36 -2.81 -49.42
CA VAL B 637 17.05 -3.40 -49.07
C VAL B 637 15.98 -2.32 -48.95
N GLY B 638 16.28 -1.26 -48.22
CA GLY B 638 15.32 -0.18 -48.06
C GLY B 638 13.91 -0.59 -47.65
N SER B 639 12.91 -0.07 -48.37
CA SER B 639 11.52 -0.35 -48.07
C SER B 639 11.06 -1.73 -48.46
N LYS B 640 11.96 -2.55 -48.99
CA LYS B 640 11.60 -3.90 -49.37
C LYS B 640 11.29 -4.74 -48.14
N LEU B 641 12.03 -4.48 -47.06
CA LEU B 641 11.86 -5.25 -45.83
C LEU B 641 12.32 -4.46 -44.60
N LYS B 642 11.54 -4.53 -43.53
CA LYS B 642 11.85 -3.86 -42.28
C LYS B 642 11.53 -4.85 -41.16
N VAL B 643 12.29 -4.80 -40.08
CA VAL B 643 12.09 -5.71 -38.96
C VAL B 643 11.90 -4.89 -37.69
N ILE B 644 10.96 -5.34 -36.85
CA ILE B 644 10.68 -4.66 -35.60
C ILE B 644 10.53 -5.64 -34.46
N PHE B 645 11.22 -5.38 -33.36
CA PHE B 645 11.04 -6.22 -32.19
C PHE B 645 10.07 -5.36 -31.39
N LEU B 646 8.82 -5.79 -31.28
CA LEU B 646 7.80 -5.04 -30.55
C LEU B 646 8.03 -5.17 -29.06
N GLU B 647 8.50 -4.10 -28.43
CA GLU B 647 8.78 -4.11 -27.01
C GLU B 647 7.54 -4.15 -26.13
N ASN B 648 7.70 -4.77 -24.97
CA ASN B 648 6.62 -4.84 -23.99
C ASN B 648 5.28 -5.38 -24.48
N TYR B 649 5.30 -6.50 -25.20
CA TYR B 649 4.06 -7.10 -25.67
C TYR B 649 3.26 -7.46 -24.41
N ARG B 650 1.96 -7.17 -24.46
CA ARG B 650 1.09 -7.38 -23.32
C ARG B 650 -0.33 -7.20 -23.84
N VAL B 651 -1.35 -7.43 -23.01
CA VAL B 651 -2.73 -7.35 -23.48
C VAL B 651 -3.12 -6.08 -24.23
N SER B 652 -2.82 -4.91 -23.66
CA SER B 652 -3.21 -3.68 -24.34
C SER B 652 -2.50 -3.52 -25.68
N LEU B 653 -1.24 -3.94 -25.78
CA LEU B 653 -0.52 -3.86 -27.06
C LEU B 653 -1.06 -4.86 -28.10
N ALA B 654 -1.38 -6.06 -27.62
CA ALA B 654 -1.91 -7.11 -28.47
C ALA B 654 -3.18 -6.63 -29.17
N GLU B 655 -4.01 -5.91 -28.41
CA GLU B 655 -5.25 -5.36 -28.93
C GLU B 655 -4.93 -4.41 -30.09
N LYS B 656 -3.71 -3.86 -30.13
CA LYS B 656 -3.35 -2.95 -31.23
C LYS B 656 -2.72 -3.64 -32.44
N VAL B 657 -1.70 -4.46 -32.20
CA VAL B 657 -1.00 -5.11 -33.30
C VAL B 657 -1.76 -6.24 -34.01
N ILE B 658 -2.60 -6.96 -33.28
CA ILE B 658 -3.36 -8.06 -33.87
C ILE B 658 -4.31 -7.62 -35.00
N PRO B 659 -5.17 -6.60 -34.79
CA PRO B 659 -6.07 -6.18 -35.86
C PRO B 659 -5.34 -5.59 -37.10
N ALA B 660 -4.04 -5.31 -36.94
CA ALA B 660 -3.26 -4.71 -38.02
C ALA B 660 -2.40 -5.75 -38.74
N THR B 661 -2.60 -7.01 -38.39
CA THR B 661 -1.81 -8.09 -38.94
C THR B 661 -2.39 -8.80 -40.15
N ASP B 662 -1.51 -9.10 -41.12
CA ASP B 662 -1.90 -9.79 -42.34
C ASP B 662 -1.54 -11.28 -42.24
N LEU B 663 -0.38 -11.55 -41.67
CA LEU B 663 0.12 -12.91 -41.53
C LEU B 663 0.48 -13.20 -40.06
N SER B 664 -0.14 -14.24 -39.51
CA SER B 664 0.07 -14.67 -38.12
C SER B 664 0.99 -15.88 -38.04
N GLU B 665 2.15 -15.69 -37.40
CA GLU B 665 3.13 -16.73 -37.27
C GLU B 665 2.82 -17.57 -36.05
N GLN B 666 2.45 -18.83 -36.27
CA GLN B 666 2.11 -19.77 -35.20
C GLN B 666 2.92 -21.01 -35.53
N ILE B 667 4.21 -20.96 -35.21
CA ILE B 667 5.12 -22.03 -35.61
C ILE B 667 5.83 -22.94 -34.62
N SER B 668 5.17 -23.27 -33.52
CA SER B 668 5.80 -24.16 -32.55
C SER B 668 6.06 -25.55 -33.14
N THR B 669 7.05 -26.26 -32.60
CA THR B 669 7.32 -27.62 -33.07
C THR B 669 6.06 -28.44 -32.78
N ALA B 670 5.62 -29.24 -33.74
CA ALA B 670 4.44 -30.06 -33.53
C ALA B 670 4.55 -30.80 -32.20
N GLY B 671 3.52 -30.63 -31.37
CA GLY B 671 3.46 -31.30 -30.10
C GLY B 671 3.84 -30.46 -28.89
N THR B 672 4.26 -29.21 -29.10
CA THR B 672 4.70 -28.39 -27.99
C THR B 672 3.73 -27.31 -27.48
N GLU B 673 2.88 -26.79 -28.36
CA GLU B 673 1.92 -25.76 -28.00
C GLU B 673 0.61 -26.46 -27.69
N ALA B 674 0.35 -26.69 -26.39
CA ALA B 674 -0.86 -27.39 -25.94
C ALA B 674 -2.10 -26.91 -26.70
N SER B 675 -2.19 -25.61 -26.90
CA SER B 675 -3.33 -25.10 -27.63
C SER B 675 -3.05 -23.81 -28.35
N GLY B 676 -2.63 -22.80 -27.60
CA GLY B 676 -2.40 -21.49 -28.16
C GLY B 676 -3.74 -20.77 -28.21
N THR B 677 -3.71 -19.44 -28.14
CA THR B 677 -4.91 -18.61 -28.21
C THR B 677 -4.62 -17.39 -29.07
N GLY B 678 -3.35 -17.01 -29.19
CA GLY B 678 -3.02 -15.90 -30.05
C GLY B 678 -3.41 -16.31 -31.47
N ASN B 679 -3.20 -17.58 -31.79
CA ASN B 679 -3.59 -18.07 -33.12
C ASN B 679 -5.05 -17.68 -33.35
N MET B 680 -5.90 -18.00 -32.39
CA MET B 680 -7.32 -17.66 -32.50
C MET B 680 -7.60 -16.15 -32.62
N LYS B 681 -6.87 -15.33 -31.88
CA LYS B 681 -7.11 -13.90 -31.97
C LYS B 681 -6.87 -13.42 -33.39
N PHE B 682 -5.71 -13.77 -33.92
CA PHE B 682 -5.37 -13.37 -35.28
C PHE B 682 -6.43 -13.82 -36.30
N MET B 683 -6.91 -15.06 -36.16
CA MET B 683 -7.91 -15.59 -37.09
C MET B 683 -9.19 -14.77 -37.10
N LEU B 684 -9.63 -14.36 -35.92
CA LEU B 684 -10.86 -13.56 -35.78
C LEU B 684 -10.68 -12.17 -36.38
N ASN B 685 -9.44 -11.67 -36.36
CA ASN B 685 -9.16 -10.33 -36.82
C ASN B 685 -8.70 -10.09 -38.27
N GLY B 686 -8.79 -11.11 -39.11
CA GLY B 686 -8.44 -10.90 -40.50
C GLY B 686 -7.03 -11.16 -40.97
N ALA B 687 -6.33 -12.04 -40.26
CA ALA B 687 -4.97 -12.37 -40.62
C ALA B 687 -4.94 -13.82 -41.09
N LEU B 688 -4.04 -14.15 -42.00
CA LEU B 688 -3.90 -15.53 -42.47
C LEU B 688 -2.81 -16.13 -41.60
N THR B 689 -2.95 -17.43 -41.33
CA THR B 689 -2.02 -18.13 -40.46
C THR B 689 -0.96 -18.99 -41.16
N ILE B 690 0.30 -18.84 -40.78
CA ILE B 690 1.32 -19.72 -41.32
C ILE B 690 1.71 -20.48 -40.06
N GLY B 691 1.48 -21.78 -40.04
CA GLY B 691 1.82 -22.52 -38.86
C GLY B 691 1.87 -24.03 -39.00
N THR B 692 2.30 -24.66 -37.92
CA THR B 692 2.40 -26.10 -37.89
C THR B 692 1.07 -26.69 -37.47
N MET B 693 0.97 -28.00 -37.65
CA MET B 693 -0.21 -28.73 -37.25
C MET B 693 0.05 -28.98 -35.74
N ASP B 694 -0.20 -27.94 -34.92
CA ASP B 694 0.05 -28.03 -33.48
C ASP B 694 -1.08 -27.36 -32.72
N GLY B 695 -1.29 -27.80 -31.48
CA GLY B 695 -2.34 -27.22 -30.65
C GLY B 695 -3.64 -27.01 -31.40
N ALA B 696 -4.29 -25.87 -31.15
CA ALA B 696 -5.54 -25.54 -31.82
C ALA B 696 -5.35 -25.15 -33.29
N ASN B 697 -4.10 -25.01 -33.75
CA ASN B 697 -3.86 -24.68 -35.17
C ASN B 697 -4.56 -25.80 -35.98
N VAL B 698 -4.39 -27.04 -35.53
CA VAL B 698 -5.03 -28.17 -36.20
C VAL B 698 -6.53 -27.92 -36.37
N GLU B 699 -7.19 -27.53 -35.29
CA GLU B 699 -8.62 -27.28 -35.33
C GLU B 699 -8.98 -26.03 -36.14
N MET B 700 -8.12 -25.03 -36.17
CA MET B 700 -8.43 -23.85 -36.98
C MET B 700 -8.54 -24.33 -38.43
N ALA B 701 -7.60 -25.21 -38.81
CA ALA B 701 -7.57 -25.78 -40.15
C ALA B 701 -8.81 -26.64 -40.44
N GLU B 702 -9.26 -27.42 -39.45
CA GLU B 702 -10.46 -28.24 -39.65
C GLU B 702 -11.67 -27.36 -39.84
N GLU B 703 -11.70 -26.19 -39.17
CA GLU B 703 -12.86 -25.33 -39.30
C GLU B 703 -12.88 -24.51 -40.59
N ALA B 704 -11.72 -24.01 -41.00
CA ALA B 704 -11.69 -23.18 -42.20
C ALA B 704 -11.26 -23.91 -43.47
N GLY B 705 -10.76 -25.13 -43.35
CA GLY B 705 -10.31 -25.85 -44.52
C GLY B 705 -8.81 -25.75 -44.55
N GLU B 706 -8.16 -26.91 -44.41
CA GLU B 706 -6.71 -26.95 -44.36
C GLU B 706 -6.02 -26.07 -45.42
N GLU B 707 -6.64 -25.94 -46.59
CA GLU B 707 -6.03 -25.15 -47.65
C GLU B 707 -6.21 -23.64 -47.47
N ASN B 708 -6.96 -23.25 -46.43
CA ASN B 708 -7.17 -21.84 -46.19
C ASN B 708 -6.25 -21.31 -45.09
N LEU B 709 -5.26 -22.13 -44.76
CA LEU B 709 -4.23 -21.79 -43.79
C LEU B 709 -2.95 -22.28 -44.43
N PHE B 710 -1.83 -21.65 -44.10
CA PHE B 710 -0.57 -22.08 -44.65
C PHE B 710 0.13 -23.03 -43.68
N ILE B 711 -0.26 -24.30 -43.72
CA ILE B 711 0.31 -25.33 -42.86
C ILE B 711 1.60 -25.89 -43.45
N PHE B 712 2.59 -26.16 -42.61
CA PHE B 712 3.87 -26.68 -43.08
C PHE B 712 4.57 -27.48 -41.98
N GLY B 713 5.72 -28.05 -42.33
CA GLY B 713 6.53 -28.79 -41.38
C GLY B 713 6.10 -30.13 -40.85
N MET B 714 6.90 -30.64 -39.92
CA MET B 714 6.65 -31.93 -39.30
C MET B 714 5.36 -31.94 -38.48
N ARG B 715 4.74 -33.12 -38.39
CA ARG B 715 3.54 -33.30 -37.60
C ARG B 715 3.97 -34.18 -36.42
N ILE B 716 3.12 -34.30 -35.42
CA ILE B 716 3.43 -35.10 -34.22
C ILE B 716 4.16 -36.41 -34.53
N ASP B 717 3.68 -37.16 -35.51
CA ASP B 717 4.32 -38.43 -35.87
C ASP B 717 5.73 -38.25 -36.43
N ASP B 718 5.88 -37.31 -37.36
CA ASP B 718 7.17 -37.04 -37.98
C ASP B 718 8.21 -36.67 -36.93
N VAL B 719 7.82 -35.87 -35.96
CA VAL B 719 8.76 -35.47 -34.91
C VAL B 719 9.11 -36.71 -34.10
N ALA B 720 8.13 -37.59 -33.93
CA ALA B 720 8.30 -38.83 -33.18
C ALA B 720 9.33 -39.73 -33.87
N ALA B 721 9.21 -39.86 -35.18
CA ALA B 721 10.12 -40.68 -35.98
C ALA B 721 11.52 -40.09 -35.98
N LEU B 722 11.60 -38.77 -36.11
CA LEU B 722 12.91 -38.12 -36.14
C LEU B 722 13.62 -38.32 -34.80
N ASP B 723 12.87 -38.30 -33.71
CA ASP B 723 13.45 -38.50 -32.40
C ASP B 723 14.01 -39.91 -32.29
N LYS B 724 13.27 -40.87 -32.85
CA LYS B 724 13.69 -42.27 -32.82
C LYS B 724 15.01 -42.40 -33.57
N LYS B 725 15.02 -41.87 -34.78
CA LYS B 725 16.19 -41.91 -35.63
C LYS B 725 17.35 -41.08 -35.08
N GLY B 726 17.02 -40.05 -34.29
CA GLY B 726 18.05 -39.17 -33.76
C GLY B 726 18.15 -37.96 -34.66
N TYR B 727 18.26 -36.77 -34.06
CA TYR B 727 18.33 -35.52 -34.81
C TYR B 727 19.74 -34.98 -34.93
N GLU B 728 20.18 -34.77 -36.18
CA GLU B 728 21.51 -34.23 -36.44
C GLU B 728 21.34 -32.93 -37.21
N ALA B 729 21.34 -31.81 -36.49
CA ALA B 729 21.18 -30.51 -37.12
C ALA B 729 22.17 -30.23 -38.25
N LYS B 730 23.39 -30.72 -38.11
CA LYS B 730 24.42 -30.50 -39.14
C LYS B 730 23.98 -30.88 -40.55
N GLU B 731 23.22 -31.96 -40.66
CA GLU B 731 22.75 -32.44 -41.96
C GLU B 731 21.99 -31.41 -42.76
N TYR B 732 20.93 -30.85 -42.19
CA TYR B 732 20.15 -29.86 -42.90
C TYR B 732 21.07 -28.68 -43.23
N TYR B 733 22.02 -28.41 -42.34
CA TYR B 733 22.99 -27.34 -42.52
C TYR B 733 23.84 -27.62 -43.76
N GLU B 734 24.28 -28.87 -43.90
CA GLU B 734 25.11 -29.27 -45.05
C GLU B 734 24.28 -29.26 -46.31
N ALA B 735 23.10 -29.87 -46.23
CA ALA B 735 22.18 -29.99 -47.35
C ALA B 735 21.47 -28.72 -47.82
N LEU B 736 21.37 -27.72 -46.97
CA LEU B 736 20.65 -26.50 -47.36
C LEU B 736 21.51 -25.26 -47.46
N PRO B 737 21.97 -24.93 -48.67
CA PRO B 737 22.81 -23.75 -48.90
C PRO B 737 22.29 -22.41 -48.35
N GLU B 738 20.99 -22.14 -48.45
CA GLU B 738 20.46 -20.89 -47.93
C GLU B 738 20.57 -20.88 -46.39
N LEU B 739 20.36 -22.05 -45.80
CA LEU B 739 20.46 -22.20 -44.37
C LEU B 739 21.91 -22.01 -43.93
N LYS B 740 22.84 -22.61 -44.66
CA LYS B 740 24.26 -22.53 -44.32
C LYS B 740 24.77 -21.10 -44.20
N LEU B 741 24.39 -20.27 -45.17
CA LEU B 741 24.80 -18.88 -45.16
C LEU B 741 24.23 -18.20 -43.93
N VAL B 742 22.92 -18.34 -43.74
CA VAL B 742 22.22 -17.77 -42.59
C VAL B 742 23.03 -18.04 -41.33
N ILE B 743 23.31 -19.31 -41.08
CA ILE B 743 24.06 -19.74 -39.91
C ILE B 743 25.48 -19.16 -39.87
N ASP B 744 26.27 -19.37 -40.92
CA ASP B 744 27.64 -18.85 -40.96
C ASP B 744 27.65 -17.35 -40.69
N GLN B 745 26.60 -16.66 -41.10
CA GLN B 745 26.51 -15.22 -40.88
C GLN B 745 26.34 -14.92 -39.40
N ILE B 746 25.47 -15.71 -38.76
CA ILE B 746 25.21 -15.54 -37.34
C ILE B 746 26.46 -15.86 -36.54
N ASP B 747 27.01 -17.04 -36.82
CA ASP B 747 28.20 -17.57 -36.16
C ASP B 747 29.53 -16.85 -36.39
N ASN B 748 29.63 -16.09 -37.47
CA ASN B 748 30.87 -15.40 -37.76
C ASN B 748 30.90 -13.92 -37.46
N GLY B 749 29.78 -13.41 -36.93
CA GLY B 749 29.73 -12.00 -36.56
C GLY B 749 29.12 -11.07 -37.58
N PHE B 750 28.53 -11.61 -38.65
CA PHE B 750 27.92 -10.74 -39.65
C PHE B 750 26.92 -9.80 -38.98
N PHE B 751 26.16 -10.34 -38.03
CA PHE B 751 25.17 -9.53 -37.33
C PHE B 751 25.67 -8.95 -36.00
N SER B 752 26.94 -9.16 -35.70
CA SER B 752 27.55 -8.65 -34.47
C SER B 752 29.06 -8.42 -34.66
N PRO B 753 29.42 -7.55 -35.61
CA PRO B 753 30.82 -7.22 -35.92
C PRO B 753 31.65 -6.84 -34.70
N LYS B 754 31.08 -6.05 -33.81
CA LYS B 754 31.78 -5.63 -32.59
C LYS B 754 32.14 -6.83 -31.74
N GLN B 755 31.31 -7.86 -31.73
CA GLN B 755 31.60 -9.05 -30.93
C GLN B 755 31.22 -10.33 -31.68
N PRO B 756 32.04 -10.69 -32.68
CA PRO B 756 31.96 -11.85 -33.58
C PRO B 756 31.41 -13.18 -33.09
N ASP B 757 31.65 -13.53 -31.83
CA ASP B 757 31.13 -14.81 -31.35
C ASP B 757 30.00 -14.64 -30.33
N LEU B 758 29.34 -13.48 -30.38
CA LEU B 758 28.25 -13.17 -29.49
C LEU B 758 27.17 -14.26 -29.47
N PHE B 759 26.79 -14.76 -30.64
CA PHE B 759 25.75 -15.79 -30.74
C PHE B 759 26.20 -17.22 -30.67
N LYS B 760 27.40 -17.42 -30.13
CA LYS B 760 27.96 -18.75 -30.00
C LYS B 760 27.00 -19.71 -29.28
N ASP B 761 26.44 -19.29 -28.16
CA ASP B 761 25.53 -20.13 -27.40
C ASP B 761 24.34 -20.58 -28.24
N ILE B 762 23.90 -19.73 -29.17
CA ILE B 762 22.78 -20.06 -30.03
C ILE B 762 23.21 -21.10 -31.06
N ILE B 763 24.39 -20.88 -31.65
CA ILE B 763 24.88 -21.85 -32.64
C ILE B 763 25.03 -23.21 -31.98
N ASN B 764 25.63 -23.23 -30.79
CA ASN B 764 25.83 -24.48 -30.07
C ASN B 764 24.53 -25.23 -29.79
N MET B 765 23.46 -24.48 -29.51
CA MET B 765 22.17 -25.10 -29.23
C MET B 765 21.51 -25.66 -30.49
N LEU B 766 21.53 -24.89 -31.57
CA LEU B 766 20.95 -25.34 -32.82
C LEU B 766 21.59 -26.63 -33.32
N PHE B 767 22.91 -26.72 -33.17
CA PHE B 767 23.64 -27.89 -33.64
C PHE B 767 23.65 -29.13 -32.76
N TYR B 768 23.85 -28.94 -31.47
CA TYR B 768 23.93 -30.11 -30.61
C TYR B 768 22.91 -30.25 -29.47
N HIS B 769 21.99 -29.31 -29.33
CA HIS B 769 21.01 -29.42 -28.25
C HIS B 769 19.66 -28.81 -28.55
N ASP B 770 19.26 -28.81 -29.82
CA ASP B 770 17.98 -28.24 -30.21
C ASP B 770 16.84 -29.25 -30.20
N ARG B 771 16.21 -29.44 -29.05
CA ARG B 771 15.11 -30.40 -28.98
C ARG B 771 13.84 -29.94 -29.66
N PHE B 772 13.87 -28.76 -30.29
CA PHE B 772 12.68 -28.27 -30.97
C PHE B 772 12.86 -28.27 -32.48
N LYS B 773 13.94 -28.92 -32.92
CA LYS B 773 14.24 -29.11 -34.33
C LYS B 773 14.08 -27.93 -35.24
N VAL B 774 14.73 -26.82 -34.95
CA VAL B 774 14.60 -25.65 -35.80
C VAL B 774 14.96 -25.92 -37.27
N PHE B 775 16.11 -26.55 -37.50
CA PHE B 775 16.56 -26.84 -38.87
C PHE B 775 15.67 -27.82 -39.61
N ALA B 776 15.10 -28.78 -38.89
CA ALA B 776 14.24 -29.79 -39.50
C ALA B 776 12.96 -29.22 -40.14
N ASP B 777 12.56 -28.02 -39.75
CA ASP B 777 11.37 -27.40 -40.35
C ASP B 777 11.76 -26.17 -41.15
N TYR B 778 13.06 -25.88 -41.21
CA TYR B 778 13.51 -24.70 -41.95
C TYR B 778 13.10 -24.70 -43.43
N GLU B 779 13.35 -25.81 -44.13
CA GLU B 779 13.02 -25.90 -45.55
C GLU B 779 11.54 -25.75 -45.85
N ALA B 780 10.70 -26.59 -45.24
CA ALA B 780 9.27 -26.49 -45.48
C ALA B 780 8.73 -25.10 -45.11
N TYR B 781 9.28 -24.51 -44.07
CA TYR B 781 8.84 -23.18 -43.62
C TYR B 781 9.13 -22.11 -44.68
N VAL B 782 10.37 -22.10 -45.19
CA VAL B 782 10.74 -21.11 -46.20
C VAL B 782 9.90 -21.25 -47.46
N LYS B 783 9.67 -22.50 -47.90
CA LYS B 783 8.86 -22.72 -49.10
C LYS B 783 7.47 -22.16 -48.84
N CYS B 784 6.91 -22.53 -47.69
CA CYS B 784 5.58 -22.09 -47.28
C CYS B 784 5.50 -20.57 -47.31
N GLN B 785 6.54 -19.93 -46.79
CA GLN B 785 6.58 -18.47 -46.77
C GLN B 785 6.50 -17.90 -48.18
N ASP B 786 7.17 -18.56 -49.14
CA ASP B 786 7.13 -18.08 -50.52
C ASP B 786 5.68 -18.15 -51.03
N LYS B 787 4.98 -19.22 -50.70
CA LYS B 787 3.58 -19.37 -51.11
C LYS B 787 2.71 -18.25 -50.50
N VAL B 788 3.04 -17.81 -49.28
CA VAL B 788 2.26 -16.74 -48.65
C VAL B 788 2.41 -15.47 -49.51
N SER B 789 3.65 -15.13 -49.84
CA SER B 789 3.93 -13.96 -50.67
C SER B 789 3.18 -14.03 -52.00
N GLN B 790 3.09 -15.24 -52.56
CA GLN B 790 2.39 -15.44 -53.83
C GLN B 790 0.97 -14.95 -53.69
N LEU B 791 0.23 -15.57 -52.77
CA LEU B 791 -1.17 -15.20 -52.54
C LEU B 791 -1.31 -13.73 -52.26
N TYR B 792 -0.36 -13.15 -51.53
CA TYR B 792 -0.44 -11.74 -51.17
C TYR B 792 -0.44 -10.83 -52.40
N MET B 793 0.25 -11.26 -53.43
CA MET B 793 0.30 -10.49 -54.67
C MET B 793 -1.10 -10.41 -55.27
N ASN B 794 -1.95 -11.38 -54.93
CA ASN B 794 -3.32 -11.41 -55.45
C ASN B 794 -4.28 -10.98 -54.37
N PRO B 795 -4.55 -9.67 -54.29
CA PRO B 795 -5.48 -9.16 -53.27
C PRO B 795 -6.84 -9.85 -53.16
N LYS B 796 -7.53 -10.09 -54.27
CA LYS B 796 -8.84 -10.72 -54.19
C LYS B 796 -8.78 -12.14 -53.62
N ALA B 797 -7.74 -12.88 -53.98
CA ALA B 797 -7.57 -14.24 -53.49
C ALA B 797 -7.14 -14.24 -52.00
N TRP B 798 -6.33 -13.26 -51.61
CA TRP B 798 -5.86 -13.16 -50.23
C TRP B 798 -7.04 -12.88 -49.31
N ASN B 799 -7.81 -11.85 -49.66
CA ASN B 799 -8.96 -11.50 -48.85
C ASN B 799 -10.08 -12.51 -48.96
N THR B 800 -10.08 -13.30 -50.04
CA THR B 800 -11.11 -14.33 -50.13
C THR B 800 -10.75 -15.34 -49.07
N MET B 801 -9.45 -15.59 -48.87
CA MET B 801 -9.04 -16.57 -47.88
C MET B 801 -9.26 -16.03 -46.44
N VAL B 802 -9.09 -14.71 -46.26
CA VAL B 802 -9.31 -14.14 -44.94
C VAL B 802 -10.78 -14.35 -44.59
N LEU B 803 -11.66 -13.91 -45.49
CA LEU B 803 -13.10 -14.10 -45.29
C LEU B 803 -13.42 -15.52 -44.81
N LYS B 804 -12.82 -16.51 -45.46
CA LYS B 804 -13.03 -17.92 -45.09
C LYS B 804 -12.50 -18.24 -43.70
N ASN B 805 -11.48 -17.50 -43.27
CA ASN B 805 -10.93 -17.72 -41.95
C ASN B 805 -11.85 -17.05 -40.93
N ILE B 806 -12.19 -15.78 -41.15
CA ILE B 806 -13.09 -15.06 -40.23
C ILE B 806 -14.44 -15.75 -40.13
N ALA B 807 -14.95 -16.23 -41.27
CA ALA B 807 -16.23 -16.90 -41.30
C ALA B 807 -16.23 -18.26 -40.58
N ALA B 808 -15.04 -18.84 -40.41
CA ALA B 808 -14.94 -20.15 -39.74
C ALA B 808 -14.41 -20.10 -38.30
N SER B 809 -14.15 -18.91 -37.78
CA SER B 809 -13.58 -18.85 -36.43
C SER B 809 -14.59 -18.91 -35.27
N GLY B 810 -15.86 -19.15 -35.60
CA GLY B 810 -16.90 -19.23 -34.59
C GLY B 810 -16.63 -20.19 -33.45
N LYS B 811 -15.99 -21.31 -33.76
CA LYS B 811 -15.71 -22.32 -32.74
C LYS B 811 -14.83 -21.82 -31.60
N PHE B 812 -13.94 -20.89 -31.92
CA PHE B 812 -12.98 -20.37 -30.96
C PHE B 812 -13.41 -19.27 -29.99
N SER B 813 -14.71 -19.09 -29.85
CA SER B 813 -15.22 -18.13 -28.89
C SER B 813 -15.15 -18.84 -27.54
N SER B 814 -14.67 -18.16 -26.52
CA SER B 814 -14.59 -18.74 -25.17
C SER B 814 -15.99 -19.07 -24.66
N ASP B 815 -17.03 -18.49 -25.28
CA ASP B 815 -18.40 -18.76 -24.85
C ASP B 815 -18.75 -20.23 -25.13
N ARG B 816 -18.17 -20.75 -26.21
CA ARG B 816 -18.39 -22.15 -26.59
C ARG B 816 -17.59 -23.02 -25.64
N THR B 817 -16.35 -22.61 -25.36
CA THR B 817 -15.51 -23.34 -24.42
C THR B 817 -16.22 -23.47 -23.07
N ILE B 818 -16.65 -22.34 -22.50
CA ILE B 818 -17.31 -22.34 -21.20
C ILE B 818 -18.55 -23.25 -21.14
N LYS B 819 -19.41 -23.20 -22.17
CA LYS B 819 -20.59 -24.06 -22.19
C LYS B 819 -20.21 -25.53 -22.03
N GLU B 820 -19.16 -25.95 -22.74
CA GLU B 820 -18.70 -27.33 -22.65
C GLU B 820 -18.23 -27.64 -21.23
N TYR B 821 -17.46 -26.74 -20.63
CA TYR B 821 -17.00 -26.92 -19.25
C TYR B 821 -18.23 -27.01 -18.35
N ALA B 822 -19.16 -26.09 -18.55
CA ALA B 822 -20.38 -26.05 -17.74
C ALA B 822 -21.22 -27.34 -17.81
N GLN B 823 -21.41 -27.85 -19.02
CA GLN B 823 -22.21 -29.05 -19.24
C GLN B 823 -21.51 -30.38 -18.91
N ASN B 824 -20.21 -30.46 -19.16
CA ASN B 824 -19.49 -31.71 -18.98
C ASN B 824 -18.56 -31.87 -17.81
N ILE B 825 -18.36 -30.80 -17.05
CA ILE B 825 -17.45 -30.88 -15.92
C ILE B 825 -18.01 -30.32 -14.63
N TRP B 826 -18.54 -29.09 -14.69
CA TRP B 826 -19.08 -28.42 -13.50
C TRP B 826 -20.54 -28.74 -13.23
N ASN B 827 -21.24 -29.21 -14.26
CA ASN B 827 -22.65 -29.55 -14.17
C ASN B 827 -23.49 -28.34 -13.73
N VAL B 828 -23.35 -27.21 -14.42
CA VAL B 828 -24.12 -26.01 -14.09
C VAL B 828 -24.82 -25.43 -15.31
N GLU B 829 -25.73 -24.51 -15.06
CA GLU B 829 -26.51 -23.88 -16.11
C GLU B 829 -26.53 -22.36 -16.03
N PRO B 830 -26.75 -21.72 -17.19
CA PRO B 830 -26.82 -20.27 -17.35
C PRO B 830 -28.04 -19.63 -16.70
N SER B 831 -28.39 -18.44 -17.17
CA SER B 831 -29.52 -17.69 -16.62
C SER B 831 -29.66 -16.39 -17.43
C1 NBG C . 8.44 18.37 24.21
C2 NBG C . 8.51 18.77 25.71
C3 NBG C . 7.16 19.36 26.26
C4 NBG C . 6.59 20.45 25.31
C5 NBG C . 6.48 19.88 23.86
C6 NBG C . 5.98 20.92 22.85
C7 NBG C . 10.13 17.13 22.93
C8 NBG C . 11.57 17.00 22.52
N1 NBG C . 9.80 18.20 23.71
O3 NBG C . 7.34 19.92 27.57
O2 NBG C . 8.93 17.66 26.50
O4 NBG C . 5.32 20.94 25.80
O5 NBG C . 7.80 19.42 23.43
O6 NBG C . 6.80 22.10 22.90
O7 NBG C . 9.31 16.28 22.57
N1 PLP D . 0.11 12.62 24.32
C2 PLP D . -1.20 12.85 23.90
C2A PLP D . -2.02 11.70 23.26
C3 PLP D . -1.75 14.13 24.05
O3 PLP D . -3.05 14.39 23.55
C4 PLP D . -0.95 15.18 24.66
C4A PLP D . -1.49 16.50 24.74
C5 PLP D . 0.37 14.89 25.08
C6 PLP D . 0.87 13.62 24.89
C5A PLP D . 1.30 15.95 25.77
O4P PLP D . 0.94 15.88 27.17
P PLP D . 1.99 16.36 28.39
O1P PLP D . 3.24 15.62 28.22
O2P PLP D . 1.23 15.95 29.63
O3P PLP D . 2.14 17.79 28.16
C10 700 E . -10.12 8.63 -6.02
C11 700 E . -9.61 7.35 -6.74
C12 700 E . -8.73 7.42 -7.87
C13 700 E . -8.27 6.24 -8.50
C14 700 E . -8.66 4.97 -8.01
C15 700 E . -9.53 4.88 -6.89
C16 700 E . -10.01 6.07 -6.26
C17 700 E . -9.29 8.92 -4.70
C18 700 E . -7.84 9.10 -5.17
O2 700 E . -7.54 10.16 -5.65
N3 700 E . -7.01 8.02 -5.12
C19 700 E . -7.07 6.70 -4.49
C20 700 E . -5.64 6.43 -4.94
C21 700 E . -4.60 5.90 -3.96
O3 700 E . -4.96 4.90 -3.33
O4 700 E . -3.51 6.49 -3.97
C22 700 E . -5.60 7.93 -5.47
N1 700 E . -9.81 10.11 -3.95
C9 700 E . -9.25 10.51 -2.78
C8 700 E . -9.73 11.70 -2.03
C7 700 E . -10.73 12.56 -2.31
C6 700 E . -10.73 13.59 -1.22
C1 700 E . -9.68 13.17 -0.41
C2 700 E . -9.30 13.88 0.75
C3 700 E . -10.03 15.05 1.08
C4 700 E . -11.11 15.47 0.24
CL1 700 E . -11.97 16.88 0.66
C5 700 E . -11.47 14.74 -0.93
N2 700 E . -9.14 12.07 -0.93
O1 700 E . -8.30 9.91 -2.29
N1 URC F . 13.98 5.43 24.07
C2 URC F . 14.98 4.55 24.31
C6 URC F . 13.73 6.47 24.89
N3 URC F . 15.76 4.67 25.38
O11 URC F . 15.16 3.64 23.52
C4 URC F . 15.60 5.67 26.25
C5 URC F . 14.62 6.59 26.08
N9 URC F . 16.21 6.01 27.34
O13 URC F . 12.84 7.28 24.71
N7 URC F . 14.71 7.42 27.07
C8 URC F . 15.68 7.08 27.86
O24 URC F . 16.05 7.64 28.89
C1 MRD G . -7.27 21.66 -2.73
C2 MRD G . -6.27 20.81 -3.48
O2 MRD G . -4.96 21.38 -3.29
CM MRD G . -6.21 19.45 -2.83
C3 MRD G . -6.76 20.71 -4.93
C4 MRD G . -6.31 21.71 -6.04
O4 MRD G . -5.88 22.94 -5.45
C5 MRD G . -7.45 22.05 -7.01
C1 MRD H . -2.59 -5.83 33.96
C2 MRD H . -3.15 -6.66 32.84
O2 MRD H . -2.05 -7.39 32.26
CM MRD H . -4.02 -7.71 33.42
C3 MRD H . -3.92 -5.68 31.88
C4 MRD H . -5.30 -5.97 31.17
O4 MRD H . -5.22 -5.89 29.74
C5 MRD H . -6.35 -4.92 31.57
C1 MRD I . -11.63 -3.49 13.69
C2 MRD I . -12.13 -2.73 14.89
O2 MRD I . -13.43 -2.24 14.63
CM MRD I . -12.31 -3.70 16.01
C3 MRD I . -11.03 -1.67 15.22
C4 MRD I . -11.18 -0.56 16.32
O4 MRD I . -10.78 0.71 15.83
C5 MRD I . -10.28 -0.84 17.53
C1 NBG J . -0.11 -22.55 -21.83
C2 NBG J . 0.22 -23.20 -23.20
C3 NBG J . -0.71 -22.71 -24.38
C4 NBG J . -2.22 -22.65 -23.98
C5 NBG J . -2.40 -21.92 -22.60
C6 NBG J . -3.86 -21.96 -22.05
C7 NBG J . 1.12 -22.87 -19.70
C8 NBG J . 1.63 -23.85 -18.65
N1 NBG J . 0.47 -23.38 -20.77
O3 NBG J . -0.58 -23.55 -25.51
O2 NBG J . 1.61 -23.03 -23.52
O4 NBG J . -2.99 -21.98 -25.02
O5 NBG J . -1.54 -22.56 -21.61
O6 NBG J . -4.47 -23.27 -22.15
O7 NBG J . 1.31 -21.67 -19.54
N1 PLP K . 0.38 -12.86 -24.37
C2 PLP K . -0.65 -12.01 -24.49
C2A PLP K . -0.49 -10.58 -23.97
C3 PLP K . -1.83 -12.43 -25.10
O3 PLP K . -2.85 -11.51 -25.30
C4 PLP K . -1.94 -13.70 -25.58
C4A PLP K . -3.14 -14.12 -26.16
C5 PLP K . -0.88 -14.56 -25.45
C6 PLP K . 0.28 -14.11 -24.85
C5A PLP K . -0.93 -16.04 -25.86
O4P PLP K . -0.34 -16.13 -27.12
P PLP K . 0.11 -17.55 -27.79
O1P PLP K . 1.24 -17.90 -26.86
O2P PLP K . 0.49 -17.13 -29.17
O3P PLP K . -1.09 -18.38 -27.76
C10 700 L . -14.04 3.71 -0.63
C11 700 L . -13.07 4.30 0.41
C12 700 L . -13.07 3.84 1.77
C13 700 L . -12.15 4.39 2.70
C14 700 L . -11.22 5.37 2.28
C15 700 L . -11.22 5.84 0.93
C16 700 L . -12.14 5.30 0.00
C17 700 L . -13.31 2.64 -1.53
C18 700 L . -12.87 1.52 -0.56
O2 700 L . -13.69 0.71 -0.20
N3 700 L . -11.61 1.57 -0.08
C19 700 L . -10.40 2.33 -0.44
C20 700 L . -9.62 1.51 0.58
C21 700 L . -8.33 0.82 0.16
O3 700 L . -7.64 1.48 -0.63
O4 700 L . -8.14 -0.29 0.68
C22 700 L . -10.94 0.65 0.82
N1 700 L . -14.20 2.17 -2.59
C9 700 L . -13.74 1.34 -3.56
C8 700 L . -14.58 0.82 -4.64
C7 700 L . -15.91 1.03 -4.91
C6 700 L . -16.24 0.19 -6.12
C1 700 L . -15.02 -0.42 -6.41
C2 700 L . -14.86 -1.31 -7.47
C3 700 L . -16.00 -1.61 -8.27
C4 700 L . -17.25 -0.98 -7.98
CL1 700 L . -18.58 -1.36 -8.95
C5 700 L . -17.38 -0.06 -6.88
N2 700 L . -14.09 -0.01 -5.52
O1 700 L . -12.56 0.98 -3.57
N1 URC M . 12.54 -19.02 -16.99
C2 URC M . 13.78 -19.24 -16.56
C6 URC M . 11.99 -19.70 -17.99
N3 URC M . 14.55 -20.18 -17.14
O11 URC M . 14.23 -18.57 -15.64
C4 URC M . 14.10 -20.92 -18.14
C5 URC M . 12.85 -20.75 -18.62
N9 URC M . 14.62 -21.87 -18.85
O13 URC M . 10.85 -19.51 -18.38
N7 URC M . 12.69 -21.61 -19.59
C8 URC M . 13.78 -22.33 -19.76
O24 URC M . 13.96 -23.21 -20.58
C1 MRD N . -21.28 -7.09 -5.12
C2 MRD N . -20.45 -7.19 -3.85
O2 MRD N . -20.16 -8.59 -3.65
CM MRD N . -19.14 -6.53 -4.09
C3 MRD N . -21.23 -6.53 -2.69
C4 MRD N . -22.69 -6.98 -2.30
O4 MRD N . -23.08 -6.54 -1.00
C5 MRD N . -22.81 -8.48 -2.29
C1 MRD O . -20.39 -12.13 1.23
C2 MRD O . -20.66 -10.97 0.36
O2 MRD O . -20.51 -9.81 1.11
CM MRD O . -19.60 -10.88 -0.63
C3 MRD O . -22.04 -11.23 -0.28
C4 MRD O . -23.43 -10.94 0.41
O4 MRD O . -23.73 -11.90 1.39
C5 MRD O . -24.58 -11.03 -0.59
#